data_9OQP
#
_entry.id   9OQP
#
_cell.length_a   1.00
_cell.length_b   1.00
_cell.length_c   1.00
_cell.angle_alpha   90.00
_cell.angle_beta   90.00
_cell.angle_gamma   90.00
#
_symmetry.space_group_name_H-M   'P 1'
#
loop_
_entity.id
_entity.type
_entity.pdbx_description
1 polymer 'Pannexin-1,RNA-directed RNA polymerase L'
2 non-polymer (11S,12R)-Mefloquine
#
_entity_poly.entity_id   1
_entity_poly.type   'polypeptide(L)'
_entity_poly.pdbx_seq_one_letter_code
;MAIAQLATEYVFSDFLLKEPTEPKFKGLRLELAVDKMVTCIAVGLPLLLISLAFAQEISIGTQISCFSPSSFSWRQAAFV
DSYCWAAVQQKNSLQSESGNLPLWLHKFFPYILLLFAILLYLPPLFWRFAAAPHICSDLKFIMEELDKVYNRAIKAAKSA
RDLDMRDGACSVPGVTENLGQSLWEVSESHFKYPIVEQYLKTKKNSNNLIIKYISCRLLTLIIILLACIYLGYYFSLSSL
SDEFVCSIKSGILRNDSTVPDQFQCKLIAVGIFQLLSVINLVVYVLLAPVVVYTLFVPFRQKTDVLKVYEILPTFDVLHF
KSEGYNDLSLYNLFLEENISEVKSYKCLKVLENIKSSGQGIDPMLLLTNLGMIKMDVVDGKTPMSAEMREEQGNQTAELQ
GMNIDSETKANNGEKNARQRLLDSSCFESRLVPRGSAAAAVSKGEELFTGVVPILVELDGDVNGHKFSVSGEGEGDATYG
KLTLKFICTTGKLPVPWPTLVTTLTYGVQCFSRYPDHMKQHDFFKSAMPEGYVQERTIFFKDDGNYKTRAEVKFEGDTLV
NRIELKGIDFKEDGNILGHKLEYNYNSHNVYIMADKQKNGIKVNFKIRHNIEDGSVQLADHYQQNTPIGDGPVLLPDNHY
LSTQSKLSKDPNEKRDHMVLLEFVTAAGITLGMDELYKSGLRSHHHHHHHH
;
_entity_poly.pdbx_strand_id   A,B,C,D,E,F,G
#
# COMPACT_ATOMS: atom_id res chain seq x y z
N ALA A 2 1.57 14.64 7.51
CA ALA A 2 2.41 15.61 8.19
C ALA A 2 3.14 16.48 7.18
N ILE A 3 3.68 17.61 7.67
CA ILE A 3 4.44 18.50 6.79
C ILE A 3 5.71 17.83 6.30
N ALA A 4 6.33 16.99 7.14
CA ALA A 4 7.54 16.30 6.73
C ALA A 4 7.23 15.19 5.73
N GLN A 5 6.11 14.50 5.92
CA GLN A 5 5.66 13.53 4.93
C GLN A 5 5.34 14.21 3.60
N LEU A 6 4.74 15.40 3.67
CA LEU A 6 4.50 16.21 2.48
C LEU A 6 5.82 16.59 1.79
N ALA A 7 6.82 16.97 2.59
CA ALA A 7 8.11 17.35 2.03
C ALA A 7 8.79 16.16 1.35
N THR A 8 8.72 14.98 1.97
CA THR A 8 9.25 13.79 1.32
C THR A 8 8.44 13.43 0.08
N GLU A 9 7.14 13.74 0.08
CA GLU A 9 6.29 13.42 -1.07
C GLU A 9 6.64 14.29 -2.28
N TYR A 10 6.97 15.57 -2.05
CA TYR A 10 7.19 16.52 -3.14
C TYR A 10 8.66 16.88 -3.39
N VAL A 11 9.38 17.38 -2.38
CA VAL A 11 10.70 17.93 -2.63
C VAL A 11 11.72 16.81 -2.82
N PHE A 12 11.71 15.83 -1.92
CA PHE A 12 12.77 14.80 -1.87
C PHE A 12 12.44 13.56 -2.68
N SER A 13 11.18 13.31 -2.99
CA SER A 13 10.83 12.21 -3.90
C SER A 13 11.13 12.59 -5.34
N ASP A 14 10.81 11.67 -6.25
CA ASP A 14 11.06 11.93 -7.67
C ASP A 14 10.13 13.01 -8.21
N PHE A 15 8.84 12.89 -7.92
CA PHE A 15 7.77 13.77 -8.45
C PHE A 15 7.81 13.65 -9.98
N LEU A 16 7.92 14.74 -10.74
CA LEU A 16 7.93 14.70 -12.20
C LEU A 16 9.36 14.63 -12.75
N LEU A 17 10.16 13.71 -12.19
CA LEU A 17 11.57 13.52 -12.55
C LEU A 17 11.82 12.16 -13.16
N LYS A 18 11.31 11.09 -12.55
CA LYS A 18 11.40 9.77 -13.15
C LYS A 18 10.59 9.71 -14.45
N GLU A 19 9.42 10.35 -14.46
CA GLU A 19 8.57 10.37 -15.65
C GLU A 19 7.55 11.49 -15.55
N LYS A 26 14.46 6.03 -19.44
CA LYS A 26 15.58 5.40 -18.75
C LYS A 26 16.83 5.44 -19.63
N GLY A 27 16.78 4.70 -20.73
CA GLY A 27 17.88 4.74 -21.69
C GLY A 27 17.98 6.10 -22.36
N LEU A 28 16.83 6.69 -22.71
CA LEU A 28 16.72 7.94 -23.44
C LEU A 28 16.03 8.98 -22.56
N ARG A 29 16.47 10.23 -22.68
CA ARG A 29 15.94 11.37 -21.92
C ARG A 29 15.39 12.40 -22.90
N LEU A 30 14.07 12.36 -23.12
CA LEU A 30 13.38 13.29 -24.02
C LEU A 30 12.97 14.60 -23.34
N GLU A 31 13.52 14.94 -22.18
CA GLU A 31 13.33 16.24 -21.52
C GLU A 31 14.69 16.61 -20.93
N LEU A 32 15.40 17.48 -21.64
CA LEU A 32 16.77 17.82 -21.27
C LEU A 32 16.83 18.56 -19.95
N ALA A 33 18.06 18.81 -19.48
CA ALA A 33 18.26 19.49 -18.18
C ALA A 33 17.57 20.85 -18.16
N VAL A 34 17.36 21.43 -16.96
CA VAL A 34 16.66 22.74 -16.81
C VAL A 34 15.17 22.53 -17.06
N ASP A 35 14.79 22.04 -18.24
CA ASP A 35 13.35 21.75 -18.52
C ASP A 35 12.74 20.98 -17.35
N LYS A 36 13.24 19.78 -17.07
CA LYS A 36 12.72 18.99 -15.95
C LYS A 36 12.81 19.76 -14.64
N MET A 37 13.93 20.45 -14.42
CA MET A 37 14.14 21.26 -13.22
C MET A 37 13.10 22.37 -13.12
N VAL A 38 12.93 23.13 -14.20
CA VAL A 38 11.99 24.25 -14.22
C VAL A 38 10.56 23.73 -14.08
N THR A 39 10.20 22.66 -14.79
CA THR A 39 8.86 22.09 -14.72
C THR A 39 8.55 21.57 -13.31
N CYS A 40 9.50 20.86 -12.69
CA CYS A 40 9.27 20.32 -11.37
C CYS A 40 9.10 21.41 -10.33
N ILE A 41 9.98 22.43 -10.35
CA ILE A 41 9.87 23.51 -9.37
C ILE A 41 8.58 24.30 -9.60
N ALA A 42 8.31 24.68 -10.85
CA ALA A 42 7.17 25.55 -11.14
C ALA A 42 5.84 24.85 -10.89
N VAL A 43 5.76 23.56 -11.18
CA VAL A 43 4.52 22.82 -10.97
C VAL A 43 4.34 22.48 -9.50
N GLY A 44 5.40 21.97 -8.84
CA GLY A 44 5.23 21.43 -7.51
C GLY A 44 5.25 22.47 -6.40
N LEU A 45 5.81 23.66 -6.67
CA LEU A 45 5.89 24.66 -5.60
C LEU A 45 4.53 25.26 -5.24
N PRO A 46 3.61 25.53 -6.18
CA PRO A 46 2.24 25.81 -5.73
C PRO A 46 1.61 24.66 -4.98
N LEU A 47 1.86 23.41 -5.42
CA LEU A 47 1.33 22.25 -4.71
C LEU A 47 1.93 22.15 -3.31
N LEU A 48 3.25 22.31 -3.21
CA LEU A 48 3.94 22.22 -1.93
C LEU A 48 3.49 23.32 -0.98
N LEU A 49 3.36 24.55 -1.48
CA LEU A 49 2.96 25.66 -0.63
C LEU A 49 1.47 25.64 -0.28
N ILE A 50 0.61 25.08 -1.14
CA ILE A 50 -0.78 24.87 -0.74
C ILE A 50 -0.83 23.84 0.38
N SER A 51 -0.10 22.73 0.23
CA SER A 51 -0.14 21.67 1.23
C SER A 51 0.50 22.14 2.54
N LEU A 52 1.51 23.02 2.44
CA LEU A 52 2.05 23.66 3.63
C LEU A 52 1.07 24.66 4.24
N ALA A 53 0.21 25.26 3.42
CA ALA A 53 -0.75 26.23 3.93
C ALA A 53 -1.73 25.60 4.90
N PHE A 54 -2.17 24.37 4.62
CA PHE A 54 -3.14 23.64 5.42
C PHE A 54 -2.55 22.40 6.06
N ALA A 55 -1.30 22.51 6.54
CA ALA A 55 -0.72 21.42 7.31
C ALA A 55 -1.44 21.28 8.64
N GLN A 56 -1.20 20.15 9.31
CA GLN A 56 -1.87 19.85 10.58
C GLN A 56 -1.44 20.85 11.66
N GLU A 57 -0.16 21.21 11.67
CA GLU A 57 0.35 22.08 12.73
C GLU A 57 -0.12 23.52 12.55
N ILE A 58 -0.20 23.98 11.29
CA ILE A 58 -0.35 25.41 11.02
C ILE A 58 -1.82 25.81 11.04
N SER A 59 -2.73 24.89 10.70
CA SER A 59 -4.16 25.17 10.71
C SER A 59 -4.68 25.05 12.14
N ILE A 60 -5.10 26.18 12.69
CA ILE A 60 -5.67 26.17 14.04
C ILE A 60 -7.01 25.44 14.06
N GLY A 61 -7.77 25.52 12.97
CA GLY A 61 -9.10 24.93 12.95
C GLY A 61 -9.92 25.46 11.79
N THR A 62 -11.13 25.90 12.10
CA THR A 62 -11.99 26.51 11.08
C THR A 62 -11.34 27.77 10.52
N GLN A 63 -11.48 27.95 9.21
CA GLN A 63 -10.73 29.00 8.52
C GLN A 63 -11.33 30.38 8.77
N ILE A 64 -12.65 30.45 8.94
CA ILE A 64 -13.37 31.69 9.26
C ILE A 64 -14.06 31.51 10.60
N SER A 65 -13.90 32.50 11.45
CA SER A 65 -14.65 32.66 12.69
C SER A 65 -15.16 34.08 12.69
N CYS A 66 -16.31 34.31 13.33
CA CYS A 66 -17.12 35.50 13.09
C CYS A 66 -17.66 36.19 14.34
N PHE A 67 -17.40 35.66 15.54
CA PHE A 67 -17.73 36.34 16.80
C PHE A 67 -19.24 36.56 16.94
N SER A 68 -19.97 35.46 17.05
CA SER A 68 -21.37 35.55 17.37
C SER A 68 -21.55 36.09 18.79
N PRO A 69 -22.71 36.65 19.13
CA PRO A 69 -22.93 37.02 20.54
C PRO A 69 -22.97 35.81 21.45
N SER A 70 -22.82 36.08 22.75
CA SER A 70 -22.88 35.01 23.74
C SER A 70 -24.26 34.37 23.80
N SER A 71 -25.31 35.14 23.47
CA SER A 71 -26.66 34.60 23.47
C SER A 71 -26.84 33.53 22.39
N PHE A 72 -26.09 33.62 21.28
CA PHE A 72 -26.20 32.63 20.22
C PHE A 72 -25.67 31.28 20.70
N SER A 73 -26.33 30.22 20.24
CA SER A 73 -25.93 28.86 20.58
C SER A 73 -24.73 28.42 19.74
N TRP A 74 -24.36 27.15 19.90
CA TRP A 74 -23.21 26.61 19.17
C TRP A 74 -23.51 26.53 17.67
N ARG A 75 -24.63 25.91 17.32
CA ARG A 75 -24.96 25.76 15.90
C ARG A 75 -25.40 27.07 15.27
N GLN A 76 -25.87 28.04 16.05
CA GLN A 76 -26.15 29.36 15.51
C GLN A 76 -24.86 30.05 15.08
N ALA A 77 -23.80 29.94 15.89
CA ALA A 77 -22.50 30.45 15.48
C ALA A 77 -21.94 29.65 14.31
N ALA A 78 -22.22 28.35 14.26
CA ALA A 78 -21.83 27.55 13.11
C ALA A 78 -22.51 28.03 11.83
N PHE A 79 -23.80 28.38 11.94
CA PHE A 79 -24.51 28.99 10.81
C PHE A 79 -23.86 30.28 10.40
N VAL A 80 -23.49 31.12 11.37
CA VAL A 80 -22.90 32.42 11.06
C VAL A 80 -21.58 32.25 10.30
N ASP A 81 -20.74 31.33 10.79
CA ASP A 81 -19.45 31.05 10.14
C ASP A 81 -19.66 30.50 8.73
N SER A 82 -20.53 29.51 8.60
CA SER A 82 -20.72 28.84 7.32
C SER A 82 -21.38 29.78 6.31
N TYR A 83 -22.35 30.59 6.76
CA TYR A 83 -23.01 31.54 5.89
C TYR A 83 -22.03 32.59 5.39
N CYS A 84 -21.18 33.13 6.27
CA CYS A 84 -20.28 34.19 5.82
C CYS A 84 -19.16 33.64 4.95
N TRP A 85 -18.76 32.37 5.18
CA TRP A 85 -17.90 31.67 4.24
C TRP A 85 -18.53 31.59 2.86
N ALA A 86 -19.80 31.19 2.79
CA ALA A 86 -20.48 31.17 1.50
C ALA A 86 -20.72 32.57 0.96
N ALA A 87 -20.85 33.57 1.85
CA ALA A 87 -21.29 34.92 1.46
C ALA A 87 -20.14 35.88 1.24
N VAL A 88 -18.89 35.42 1.25
CA VAL A 88 -17.86 36.18 0.54
C VAL A 88 -18.13 36.22 -0.97
N GLN A 89 -18.85 35.24 -1.52
CA GLN A 89 -19.15 35.20 -2.95
C GLN A 89 -20.03 36.38 -3.38
N GLN A 90 -21.26 36.45 -2.87
CA GLN A 90 -22.20 37.47 -3.36
C GLN A 90 -21.81 38.85 -2.84
N LYS A 91 -22.11 39.87 -3.64
CA LYS A 91 -21.66 41.22 -3.34
C LYS A 91 -22.45 41.83 -2.19
N ASN A 92 -23.77 41.67 -2.21
CA ASN A 92 -24.64 42.46 -1.33
C ASN A 92 -24.56 42.01 0.13
N SER A 93 -24.20 40.74 0.37
CA SER A 93 -24.34 40.17 1.71
C SER A 93 -23.33 40.76 2.69
N LEU A 94 -22.18 41.25 2.21
CA LEU A 94 -21.06 41.71 3.03
C LEU A 94 -20.61 43.09 2.59
N GLN A 95 -19.93 43.79 3.50
CA GLN A 95 -19.22 45.03 3.20
C GLN A 95 -17.82 44.92 3.79
N SER A 96 -16.83 45.46 3.07
CA SER A 96 -15.44 45.42 3.51
C SER A 96 -14.71 46.63 2.98
N GLU A 97 -13.67 47.04 3.71
CA GLU A 97 -12.87 48.19 3.30
C GLU A 97 -12.09 47.88 2.04
N SER A 98 -11.49 46.70 1.97
CA SER A 98 -10.70 46.33 0.79
C SER A 98 -11.58 46.14 -0.44
N GLY A 99 -12.65 45.35 -0.29
CA GLY A 99 -13.61 45.03 -1.34
C GLY A 99 -13.91 43.56 -1.35
N ASN A 100 -14.71 43.15 -2.34
CA ASN A 100 -15.11 41.76 -2.49
C ASN A 100 -14.06 40.92 -3.21
N LEU A 101 -13.32 41.52 -4.14
CA LEU A 101 -12.29 40.80 -4.87
C LEU A 101 -11.18 40.23 -4.00
N PRO A 102 -10.55 40.96 -3.06
CA PRO A 102 -9.52 40.30 -2.24
C PRO A 102 -10.08 39.20 -1.34
N LEU A 103 -11.32 39.31 -0.89
CA LEU A 103 -11.93 38.21 -0.14
C LEU A 103 -12.16 37.00 -1.05
N TRP A 104 -12.52 37.25 -2.31
CA TRP A 104 -12.60 36.17 -3.30
C TRP A 104 -11.25 35.48 -3.47
N LEU A 105 -10.17 36.27 -3.51
CA LEU A 105 -8.84 35.68 -3.62
C LEU A 105 -8.47 34.90 -2.37
N HIS A 106 -8.87 35.41 -1.20
CA HIS A 106 -8.57 34.72 0.06
C HIS A 106 -9.28 33.38 0.14
N LYS A 107 -10.54 33.33 -0.30
CA LYS A 107 -11.25 32.04 -0.29
C LYS A 107 -10.66 31.06 -1.28
N PHE A 108 -10.32 31.53 -2.49
CA PHE A 108 -9.85 30.70 -3.59
C PHE A 108 -8.35 30.91 -3.88
N PHE A 109 -7.57 31.25 -2.86
CA PHE A 109 -6.12 31.20 -3.02
C PHE A 109 -5.58 29.81 -3.41
N PRO A 110 -5.96 28.70 -2.75
CA PRO A 110 -5.39 27.41 -3.17
C PRO A 110 -5.88 26.97 -4.54
N TYR A 111 -7.12 27.31 -4.88
CA TYR A 111 -7.64 27.05 -6.22
C TYR A 111 -6.81 27.79 -7.27
N ILE A 112 -6.47 29.04 -7.00
CA ILE A 112 -5.75 29.85 -7.98
C ILE A 112 -4.32 29.35 -8.14
N LEU A 113 -3.67 29.02 -7.02
CA LEU A 113 -2.30 28.50 -7.12
C LEU A 113 -2.26 27.12 -7.76
N LEU A 114 -3.26 26.25 -7.51
CA LEU A 114 -3.33 24.99 -8.22
C LEU A 114 -3.61 25.19 -9.70
N LEU A 115 -4.41 26.21 -10.04
CA LEU A 115 -4.64 26.54 -11.44
C LEU A 115 -3.35 26.96 -12.12
N PHE A 116 -2.53 27.75 -11.42
CA PHE A 116 -1.22 28.10 -11.96
C PHE A 116 -0.32 26.88 -12.07
N ALA A 117 -0.40 25.95 -11.13
CA ALA A 117 0.41 24.73 -11.23
C ALA A 117 0.03 23.89 -12.44
N ILE A 118 -1.28 23.74 -12.68
CA ILE A 118 -1.73 22.97 -13.85
C ILE A 118 -1.38 23.73 -15.14
N LEU A 119 -1.50 25.06 -15.12
CA LEU A 119 -1.16 25.85 -16.29
C LEU A 119 0.33 25.78 -16.60
N LEU A 120 1.16 25.63 -15.55
CA LEU A 120 2.59 25.43 -15.75
C LEU A 120 2.89 24.00 -16.21
N TYR A 121 2.02 23.05 -15.85
CA TYR A 121 2.16 21.67 -16.32
C TYR A 121 1.72 21.50 -17.77
N LEU A 122 0.87 22.38 -18.31
CA LEU A 122 0.41 22.26 -19.70
C LEU A 122 1.49 22.27 -20.78
N PRO A 123 2.45 23.21 -20.80
CA PRO A 123 3.46 23.20 -21.90
C PRO A 123 4.40 22.00 -21.83
N PRO A 124 4.88 21.58 -20.65
CA PRO A 124 5.60 20.28 -20.62
C PRO A 124 4.76 19.09 -21.06
N LEU A 125 3.46 19.10 -20.80
CA LEU A 125 2.61 18.00 -21.27
C LEU A 125 2.45 18.03 -22.78
N PHE A 126 2.25 19.23 -23.34
CA PHE A 126 2.13 19.37 -24.79
C PHE A 126 3.45 19.04 -25.46
N TRP A 127 4.58 19.26 -24.77
CA TRP A 127 5.85 18.73 -25.24
C TRP A 127 5.88 17.20 -25.15
N ARG A 128 5.34 16.63 -24.07
CA ARG A 128 5.48 15.20 -23.84
C ARG A 128 4.59 14.39 -24.79
N PHE A 129 3.61 15.02 -25.44
CA PHE A 129 2.84 14.41 -26.54
C PHE A 129 3.23 14.89 -27.94
N ALA A 130 3.17 16.20 -28.20
CA ALA A 130 3.18 16.66 -29.59
C ALA A 130 4.57 16.50 -30.22
N ALA A 131 5.63 16.76 -29.45
CA ALA A 131 7.00 16.80 -29.96
C ALA A 131 7.90 15.71 -29.38
N ALA A 132 7.53 15.09 -28.25
CA ALA A 132 8.35 14.05 -27.62
C ALA A 132 8.58 12.80 -28.47
N PRO A 133 7.56 12.21 -29.16
CA PRO A 133 7.86 11.04 -30.01
C PRO A 133 8.84 11.31 -31.15
N HIS A 134 8.75 12.51 -31.73
CA HIS A 134 9.62 12.84 -32.87
C HIS A 134 11.08 12.96 -32.44
N ILE A 135 11.34 13.75 -31.40
CA ILE A 135 12.68 13.87 -30.83
C ILE A 135 13.18 12.54 -30.29
N CYS A 136 12.32 11.76 -29.62
CA CYS A 136 12.65 10.41 -29.16
C CYS A 136 13.14 9.50 -30.27
N SER A 137 12.33 9.33 -31.32
CA SER A 137 12.68 8.39 -32.39
C SER A 137 13.90 8.87 -33.16
N ASP A 138 13.96 10.17 -33.47
CA ASP A 138 15.10 10.73 -34.21
C ASP A 138 16.40 10.61 -33.43
N LEU A 139 16.37 10.91 -32.12
CA LEU A 139 17.60 10.85 -31.34
C LEU A 139 18.07 9.42 -31.15
N LYS A 140 17.16 8.47 -30.90
CA LYS A 140 17.62 7.08 -30.72
C LYS A 140 18.14 6.51 -32.04
N PHE A 141 17.55 6.93 -33.17
CA PHE A 141 18.09 6.52 -34.47
C PHE A 141 19.49 7.10 -34.69
N ILE A 142 19.71 8.36 -34.28
CA ILE A 142 21.02 8.97 -34.46
C ILE A 142 22.07 8.28 -33.59
N MET A 143 21.69 7.94 -32.34
CA MET A 143 22.57 7.18 -31.46
C MET A 143 22.93 5.82 -32.04
N GLU A 144 21.93 5.10 -32.58
CA GLU A 144 22.19 3.80 -33.19
C GLU A 144 23.10 3.91 -34.42
N GLU A 145 22.86 4.94 -35.25
CA GLU A 145 23.68 5.12 -36.44
C GLU A 145 25.11 5.49 -36.09
N LEU A 146 25.31 6.32 -35.06
CA LEU A 146 26.66 6.67 -34.65
C LEU A 146 27.39 5.47 -34.06
N ASP A 147 26.67 4.61 -33.32
CA ASP A 147 27.28 3.38 -32.83
C ASP A 147 27.68 2.47 -33.98
N LYS A 148 26.84 2.38 -35.02
CA LYS A 148 27.20 1.58 -36.20
C LYS A 148 28.42 2.16 -36.91
N VAL A 149 28.51 3.49 -36.96
CA VAL A 149 29.66 4.14 -37.61
C VAL A 149 30.94 3.84 -36.85
N TYR A 150 30.91 3.92 -35.52
CA TYR A 150 32.11 3.60 -34.74
C TYR A 150 32.45 2.11 -34.83
N ASN A 151 31.43 1.24 -34.92
CA ASN A 151 31.71 -0.19 -35.10
C ASN A 151 32.40 -0.45 -36.44
N ARG A 152 31.95 0.22 -37.49
CA ARG A 152 32.59 0.09 -38.79
C ARG A 152 34.01 0.64 -38.76
N ALA A 153 34.21 1.76 -38.06
CA ALA A 153 35.56 2.33 -37.94
C ALA A 153 36.50 1.41 -37.16
N ILE A 154 35.98 0.77 -36.11
CA ILE A 154 36.80 -0.15 -35.33
C ILE A 154 37.12 -1.39 -36.14
N LYS A 155 36.17 -1.87 -36.95
CA LYS A 155 36.43 -3.00 -37.83
C LYS A 155 37.48 -2.65 -38.88
N ALA A 156 37.42 -1.43 -39.40
CA ALA A 156 38.43 -0.99 -40.37
C ALA A 156 39.81 -0.87 -39.72
N ALA A 157 39.85 -0.36 -38.48
CA ALA A 157 41.13 -0.18 -37.80
C ALA A 157 41.78 -1.52 -37.45
N LYS A 158 40.97 -2.48 -37.02
CA LYS A 158 41.49 -3.79 -36.63
C LYS A 158 42.01 -4.56 -37.85
N LYS A 192 29.44 3.65 -47.66
CA LYS A 192 29.94 4.59 -48.66
C LYS A 192 29.44 6.00 -48.37
N TYR A 193 28.11 6.17 -48.43
CA TYR A 193 27.45 7.45 -48.21
C TYR A 193 27.07 7.58 -46.74
N PRO A 194 27.58 8.57 -45.99
CA PRO A 194 27.15 8.66 -44.58
C PRO A 194 25.72 9.20 -44.49
N ILE A 195 24.81 8.34 -44.03
CA ILE A 195 23.41 8.73 -43.88
C ILE A 195 23.24 9.80 -42.80
N VAL A 196 24.10 9.76 -41.76
CA VAL A 196 23.92 10.62 -40.59
C VAL A 196 24.14 12.09 -40.97
N GLU A 197 25.11 12.37 -41.84
CA GLU A 197 25.42 13.75 -42.20
C GLU A 197 24.29 14.41 -42.97
N GLN A 198 23.77 13.73 -44.00
CA GLN A 198 22.67 14.28 -44.77
C GLN A 198 21.36 14.29 -43.98
N TYR A 199 21.13 13.28 -43.14
CA TYR A 199 19.95 13.27 -42.28
C TYR A 199 20.03 14.37 -41.22
N LEU A 200 21.25 14.77 -40.85
CA LEU A 200 21.44 15.92 -39.98
C LEU A 200 21.19 17.23 -40.74
N LYS A 201 21.63 17.30 -41.99
CA LYS A 201 21.44 18.51 -42.79
C LYS A 201 19.97 18.79 -43.11
N THR A 202 19.20 17.73 -43.43
CA THR A 202 17.80 17.96 -43.76
C THR A 202 16.99 18.42 -42.56
N LYS A 203 17.40 18.08 -41.34
CA LYS A 203 16.82 18.65 -40.13
C LYS A 203 17.41 20.02 -39.81
N LYS A 204 18.60 20.34 -40.32
CA LYS A 204 19.07 21.72 -40.30
C LYS A 204 18.12 22.61 -41.08
N ASN A 205 17.62 22.10 -42.21
CA ASN A 205 16.67 22.88 -43.00
C ASN A 205 15.35 23.09 -42.25
N SER A 206 14.87 22.05 -41.55
CA SER A 206 13.56 22.12 -40.91
C SER A 206 13.63 22.87 -39.58
N ASN A 207 12.49 23.49 -39.20
CA ASN A 207 12.37 24.22 -37.94
C ASN A 207 11.01 24.05 -37.27
N ASN A 208 10.28 22.96 -37.54
CA ASN A 208 8.97 22.77 -36.91
C ASN A 208 9.14 22.43 -35.43
N LEU A 209 10.07 21.54 -35.12
CA LEU A 209 10.24 21.06 -33.75
C LEU A 209 10.75 22.15 -32.82
N ILE A 210 11.66 23.00 -33.30
CA ILE A 210 12.12 24.12 -32.48
C ILE A 210 10.98 25.12 -32.28
N ILE A 211 10.10 25.28 -33.27
CA ILE A 211 8.94 26.17 -33.10
C ILE A 211 8.04 25.64 -31.99
N LYS A 212 7.86 24.31 -31.94
CA LYS A 212 7.10 23.70 -30.85
C LYS A 212 7.79 23.92 -29.51
N TYR A 213 9.12 23.76 -29.47
CA TYR A 213 9.88 23.90 -28.23
C TYR A 213 9.82 25.33 -27.70
N ILE A 214 10.05 26.31 -28.58
CA ILE A 214 10.02 27.71 -28.17
C ILE A 214 8.59 28.13 -27.82
N SER A 215 7.57 27.54 -28.47
CA SER A 215 6.19 27.80 -28.06
C SER A 215 5.93 27.29 -26.65
N CYS A 216 6.43 26.09 -26.33
CA CYS A 216 6.29 25.55 -24.98
C CYS A 216 6.96 26.43 -23.94
N ARG A 217 8.22 26.82 -24.20
CA ARG A 217 8.94 27.62 -23.23
C ARG A 217 8.39 29.04 -23.14
N LEU A 218 7.86 29.59 -24.23
CA LEU A 218 7.27 30.91 -24.20
C LEU A 218 5.96 30.90 -23.41
N LEU A 219 5.16 29.84 -23.57
CA LEU A 219 3.95 29.70 -22.76
C LEU A 219 4.30 29.55 -21.29
N THR A 220 5.37 28.81 -20.99
CA THR A 220 5.82 28.66 -19.61
C THR A 220 6.28 30.00 -19.03
N LEU A 221 7.02 30.78 -19.80
CA LEU A 221 7.47 32.09 -19.33
C LEU A 221 6.30 33.05 -19.12
N ILE A 222 5.33 33.03 -20.03
CA ILE A 222 4.17 33.91 -19.91
C ILE A 222 3.36 33.54 -18.68
N ILE A 223 3.19 32.24 -18.43
CA ILE A 223 2.42 31.81 -17.26
C ILE A 223 3.19 32.14 -15.98
N ILE A 224 4.53 32.03 -16.00
CA ILE A 224 5.33 32.41 -14.85
C ILE A 224 5.18 33.90 -14.56
N LEU A 225 5.19 34.72 -15.61
CA LEU A 225 5.03 36.15 -15.40
C LEU A 225 3.63 36.50 -14.89
N LEU A 226 2.60 35.81 -15.39
CA LEU A 226 1.25 36.04 -14.89
C LEU A 226 1.11 35.61 -13.43
N ALA A 227 1.74 34.49 -13.07
CA ALA A 227 1.74 34.06 -11.67
C ALA A 227 2.51 35.04 -10.80
N CYS A 228 3.59 35.61 -11.31
CA CYS A 228 4.33 36.63 -10.57
C CYS A 228 3.48 37.87 -10.35
N ILE A 229 2.73 38.28 -11.37
CA ILE A 229 1.82 39.43 -11.25
C ILE A 229 0.76 39.16 -10.18
N TYR A 230 0.15 37.96 -10.21
CA TYR A 230 -0.86 37.61 -9.22
C TYR A 230 -0.28 37.56 -7.81
N LEU A 231 0.90 36.95 -7.65
CA LEU A 231 1.46 36.78 -6.32
C LEU A 231 1.93 38.11 -5.76
N GLY A 232 2.45 39.00 -6.62
CA GLY A 232 2.80 40.33 -6.17
C GLY A 232 1.59 41.14 -5.77
N TYR A 233 0.50 41.01 -6.52
CA TYR A 233 -0.73 41.71 -6.15
C TYR A 233 -1.30 41.15 -4.85
N TYR A 234 -1.23 39.83 -4.66
CA TYR A 234 -1.83 39.19 -3.50
C TYR A 234 -1.03 39.52 -2.23
N PHE A 235 0.30 39.47 -2.32
CA PHE A 235 1.12 39.79 -1.16
C PHE A 235 1.03 41.28 -0.81
N SER A 236 0.83 42.14 -1.81
CA SER A 236 0.70 43.57 -1.57
C SER A 236 -0.64 43.98 -0.93
N LEU A 237 -1.58 43.05 -0.76
CA LEU A 237 -2.81 43.35 -0.03
C LEU A 237 -2.48 43.73 1.41
N SER A 238 -3.33 44.58 2.00
CA SER A 238 -3.01 45.23 3.27
C SER A 238 -2.92 44.28 4.45
N SER A 239 -3.47 43.07 4.36
CA SER A 239 -3.59 42.02 5.39
C SER A 239 -4.70 42.32 6.39
N LEU A 240 -5.36 43.47 6.32
CA LEU A 240 -6.71 43.67 6.85
C LEU A 240 -7.79 43.36 5.82
N SER A 241 -7.44 42.90 4.62
CA SER A 241 -8.45 42.48 3.66
C SER A 241 -9.21 41.26 4.17
N ASP A 242 -8.53 40.38 4.92
CA ASP A 242 -9.19 39.26 5.57
C ASP A 242 -10.29 39.69 6.54
N GLU A 243 -10.15 40.86 7.17
CA GLU A 243 -11.18 41.38 8.05
C GLU A 243 -12.35 41.82 7.18
N PHE A 244 -13.55 41.40 7.54
CA PHE A 244 -14.74 41.90 6.87
C PHE A 244 -15.95 41.70 7.78
N VAL A 245 -17.04 42.36 7.43
CA VAL A 245 -18.31 42.31 8.14
C VAL A 245 -19.37 41.77 7.19
N CYS A 246 -20.13 40.78 7.66
CA CYS A 246 -21.22 40.13 6.92
C CYS A 246 -22.47 40.20 7.77
N SER A 247 -23.62 40.29 7.11
CA SER A 247 -24.93 40.30 7.75
C SER A 247 -25.68 39.03 7.38
N ILE A 248 -26.07 38.25 8.38
CA ILE A 248 -26.95 37.10 8.17
C ILE A 248 -28.40 37.58 8.25
N LYS A 249 -28.86 38.23 7.18
CA LYS A 249 -30.14 38.94 7.14
C LYS A 249 -30.90 38.75 5.83
N SER A 250 -30.40 37.88 4.95
CA SER A 250 -31.15 37.62 3.70
C SER A 250 -32.36 36.74 4.01
N GLY A 251 -33.43 36.88 3.22
CA GLY A 251 -34.64 36.09 3.41
C GLY A 251 -35.43 36.56 4.61
N ILE A 252 -35.95 35.60 5.39
CA ILE A 252 -36.82 35.92 6.52
C ILE A 252 -36.10 36.68 7.63
N LEU A 253 -34.76 36.54 7.73
CA LEU A 253 -34.01 37.23 8.78
C LEU A 253 -33.79 38.71 8.50
N ARG A 254 -34.28 39.24 7.37
CA ARG A 254 -34.23 40.68 7.14
C ARG A 254 -35.04 41.44 8.19
N ASN A 255 -36.18 40.89 8.61
CA ASN A 255 -37.14 41.55 9.50
C ASN A 255 -37.33 40.75 10.79
N ASP A 256 -36.24 40.21 11.33
CA ASP A 256 -36.23 39.51 12.62
C ASP A 256 -35.71 40.47 13.69
N SER A 257 -36.31 40.42 14.87
CA SER A 257 -36.06 41.43 15.89
C SER A 257 -34.63 41.35 16.42
N THR A 258 -34.20 40.14 16.82
CA THR A 258 -32.97 39.93 17.59
C THR A 258 -31.95 39.12 16.78
N VAL A 259 -31.20 39.81 15.93
CA VAL A 259 -29.96 39.31 15.33
C VAL A 259 -29.04 40.53 15.26
N PRO A 260 -27.72 40.42 15.46
CA PRO A 260 -26.86 41.57 15.14
C PRO A 260 -26.90 41.94 13.67
N ASP A 261 -26.75 43.24 13.40
CA ASP A 261 -26.81 43.74 12.03
C ASP A 261 -25.65 43.22 11.20
N GLN A 262 -24.48 43.05 11.83
CA GLN A 262 -23.27 42.63 11.14
C GLN A 262 -22.30 41.99 12.12
N PHE A 263 -21.44 41.12 11.60
CA PHE A 263 -20.61 40.20 12.37
C PHE A 263 -19.16 40.33 11.93
N GLN A 264 -18.27 40.65 12.87
CA GLN A 264 -16.87 40.81 12.53
C GLN A 264 -16.24 39.44 12.25
N CYS A 265 -15.77 39.25 11.02
CA CYS A 265 -15.16 38.00 10.58
C CYS A 265 -13.76 38.26 10.07
N LYS A 266 -12.85 37.35 10.38
CA LYS A 266 -11.50 37.30 9.86
C LYS A 266 -11.33 35.97 9.13
N LEU A 267 -10.73 36.02 7.95
CA LEU A 267 -10.35 34.80 7.23
C LEU A 267 -8.97 34.39 7.73
N ILE A 268 -8.94 33.33 8.55
CA ILE A 268 -7.68 32.88 9.14
C ILE A 268 -6.89 32.16 8.05
N ALA A 269 -5.56 32.24 8.15
CA ALA A 269 -4.53 31.74 7.24
C ALA A 269 -4.32 32.64 6.03
N VAL A 270 -4.95 33.83 5.98
CA VAL A 270 -4.64 34.76 4.89
C VAL A 270 -3.22 35.27 5.01
N GLY A 271 -2.75 35.50 6.24
CA GLY A 271 -1.35 35.88 6.42
C GLY A 271 -0.40 34.76 6.04
N ILE A 272 -0.80 33.51 6.31
CA ILE A 272 -0.02 32.36 5.86
C ILE A 272 0.00 32.30 4.33
N PHE A 273 -1.14 32.61 3.70
CA PHE A 273 -1.19 32.68 2.25
C PHE A 273 -0.28 33.78 1.72
N GLN A 274 -0.20 34.92 2.41
CA GLN A 274 0.66 36.01 1.94
C GLN A 274 2.14 35.66 2.10
N LEU A 275 2.49 34.98 3.20
CA LEU A 275 3.87 34.54 3.39
C LEU A 275 4.29 33.53 2.31
N LEU A 276 3.42 32.54 2.08
CA LEU A 276 3.68 31.58 1.01
C LEU A 276 3.65 32.24 -0.36
N SER A 277 2.87 33.31 -0.52
CA SER A 277 2.84 34.04 -1.79
C SER A 277 4.16 34.72 -2.07
N VAL A 278 4.73 35.41 -1.08
CA VAL A 278 6.02 36.06 -1.30
C VAL A 278 7.12 35.03 -1.51
N ILE A 279 7.02 33.87 -0.85
CA ILE A 279 7.98 32.79 -1.09
C ILE A 279 7.87 32.29 -2.54
N ASN A 280 6.64 32.07 -3.01
CA ASN A 280 6.41 31.60 -4.38
C ASN A 280 6.85 32.65 -5.39
N LEU A 281 6.59 33.92 -5.10
CA LEU A 281 6.98 35.01 -5.98
C LEU A 281 8.50 35.12 -6.07
N VAL A 282 9.20 34.96 -4.94
CA VAL A 282 10.66 35.04 -4.95
C VAL A 282 11.24 33.89 -5.77
N VAL A 283 10.70 32.68 -5.59
CA VAL A 283 11.24 31.53 -6.33
C VAL A 283 10.93 31.65 -7.82
N TYR A 284 9.74 32.14 -8.18
CA TYR A 284 9.41 32.30 -9.59
C TYR A 284 10.19 33.44 -10.22
N VAL A 285 10.48 34.49 -9.46
CA VAL A 285 11.31 35.58 -9.97
C VAL A 285 12.74 35.08 -10.22
N LEU A 286 13.22 34.18 -9.38
CA LEU A 286 14.49 33.51 -9.66
C LEU A 286 14.38 32.59 -10.87
N LEU A 287 13.23 31.94 -11.05
CA LEU A 287 13.09 30.93 -12.10
C LEU A 287 12.97 31.56 -13.48
N ALA A 288 12.35 32.74 -13.57
CA ALA A 288 12.08 33.35 -14.88
C ALA A 288 13.32 33.68 -15.71
N PRO A 289 14.43 34.20 -15.15
CA PRO A 289 15.66 34.32 -15.96
C PRO A 289 16.18 33.00 -16.50
N VAL A 290 15.97 31.90 -15.78
CA VAL A 290 16.40 30.60 -16.30
C VAL A 290 15.56 30.22 -17.53
N VAL A 291 14.27 30.56 -17.51
CA VAL A 291 13.42 30.26 -18.66
C VAL A 291 13.81 31.16 -19.83
N VAL A 292 14.13 32.42 -19.55
CA VAL A 292 14.54 33.34 -20.61
C VAL A 292 15.87 32.88 -21.22
N TYR A 293 16.77 32.35 -20.40
CA TYR A 293 17.98 31.71 -20.91
C TYR A 293 17.63 30.48 -21.75
N THR A 294 16.61 29.73 -21.34
CA THR A 294 16.21 28.52 -22.06
C THR A 294 15.62 28.86 -23.43
N LEU A 295 15.05 30.07 -23.59
CA LEU A 295 14.50 30.46 -24.88
C LEU A 295 15.58 30.53 -25.96
N PHE A 296 16.74 31.11 -25.64
CA PHE A 296 17.80 31.29 -26.63
C PHE A 296 18.45 29.94 -26.88
N VAL A 297 17.89 29.21 -27.85
CA VAL A 297 18.44 27.89 -28.20
C VAL A 297 19.86 27.94 -28.75
N PRO A 298 20.24 28.82 -29.70
CA PRO A 298 21.59 28.67 -30.27
C PRO A 298 22.70 29.14 -29.34
N PHE A 299 22.39 30.01 -28.39
CA PHE A 299 23.37 30.54 -27.44
C PHE A 299 23.82 29.49 -26.42
N ARG A 300 23.11 28.35 -26.27
CA ARG A 300 23.38 27.34 -25.26
C ARG A 300 24.77 26.71 -25.38
N GLN A 301 25.37 26.72 -26.57
CA GLN A 301 26.79 26.42 -26.76
C GLN A 301 27.19 25.00 -26.34
N LYS A 302 26.69 23.99 -27.05
CA LYS A 302 27.23 22.66 -26.90
C LYS A 302 28.72 22.66 -27.28
N THR A 303 29.54 22.05 -26.41
CA THR A 303 31.00 22.22 -26.49
C THR A 303 31.63 21.18 -27.42
N ASP A 304 31.19 21.20 -28.68
CA ASP A 304 31.74 20.36 -29.74
C ASP A 304 31.55 18.88 -29.43
N VAL A 305 30.37 18.55 -28.88
CA VAL A 305 30.08 17.16 -28.55
C VAL A 305 29.95 16.32 -29.82
N LEU A 306 29.38 16.90 -30.88
CA LEU A 306 29.28 16.21 -32.16
C LEU A 306 30.63 16.22 -32.90
N LYS A 307 31.49 17.20 -32.61
CA LYS A 307 32.79 17.29 -33.26
C LYS A 307 33.73 16.14 -32.90
N VAL A 308 33.47 15.42 -31.80
CA VAL A 308 34.33 14.30 -31.40
C VAL A 308 34.29 13.19 -32.44
N TYR A 309 33.15 12.99 -33.10
CA TYR A 309 33.07 11.96 -34.13
C TYR A 309 33.82 12.36 -35.40
N GLU A 310 34.06 13.66 -35.61
CA GLU A 310 34.82 14.08 -36.77
C GLU A 310 36.29 13.62 -36.69
N ILE A 311 36.81 13.41 -35.47
CA ILE A 311 38.21 13.01 -35.31
C ILE A 311 38.44 11.61 -35.86
N LEU A 312 37.42 10.75 -35.83
CA LEU A 312 37.59 9.38 -36.31
C LEU A 312 37.77 9.39 -37.84
N PRO A 313 38.55 8.47 -38.42
CA PRO A 313 38.72 8.53 -39.88
C PRO A 313 37.48 8.15 -40.67
N THR A 314 36.81 7.06 -40.27
CA THR A 314 35.66 6.58 -41.03
C THR A 314 34.48 7.54 -40.91
N PHE A 315 34.26 8.10 -39.72
CA PHE A 315 33.13 8.98 -39.46
C PHE A 315 33.42 10.37 -40.02
N ASP A 316 33.15 10.56 -41.31
CA ASP A 316 33.29 11.86 -41.96
C ASP A 316 32.04 12.73 -41.86
N VAL A 317 31.04 12.34 -41.06
CA VAL A 317 29.74 13.00 -41.02
C VAL A 317 29.67 13.94 -39.82
N LEU A 318 28.72 14.88 -39.85
CA LEU A 318 28.40 15.74 -38.71
C LEU A 318 29.55 16.67 -38.36
N HIS A 319 30.14 17.31 -39.36
CA HIS A 319 31.23 18.25 -39.12
C HIS A 319 30.71 19.57 -38.55
N PHE A 320 29.61 20.08 -39.09
CA PHE A 320 29.14 21.42 -38.80
C PHE A 320 28.22 21.44 -37.58
N LYS A 321 27.71 22.63 -37.26
CA LYS A 321 26.79 22.84 -36.15
C LYS A 321 25.89 24.03 -36.45
N SER A 322 24.78 24.14 -35.73
CA SER A 322 23.81 25.20 -36.02
C SER A 322 24.34 26.56 -35.58
N GLU A 323 23.86 27.61 -36.27
CA GLU A 323 24.13 29.00 -35.92
C GLU A 323 22.84 29.80 -36.08
N GLY A 324 21.72 29.23 -35.65
CA GLY A 324 20.45 29.90 -35.79
C GLY A 324 19.32 29.05 -35.24
N TYR A 325 18.10 29.56 -35.43
CA TYR A 325 16.89 28.91 -34.95
C TYR A 325 16.49 27.85 -35.97
N ASN A 326 16.90 26.60 -35.72
CA ASN A 326 16.59 25.46 -36.55
C ASN A 326 16.30 24.27 -35.65
N ASP A 327 15.81 23.19 -36.27
CA ASP A 327 15.65 21.94 -35.54
C ASP A 327 16.99 21.40 -35.07
N LEU A 328 18.04 21.61 -35.87
CA LEU A 328 19.36 21.05 -35.54
C LEU A 328 19.94 21.64 -34.27
N SER A 329 19.61 22.91 -33.97
CA SER A 329 20.09 23.51 -32.73
C SER A 329 19.50 22.82 -31.51
N LEU A 330 18.24 22.39 -31.61
CA LEU A 330 17.62 21.64 -30.52
C LEU A 330 18.12 20.20 -30.49
N TYR A 331 18.38 19.62 -31.67
CA TYR A 331 18.94 18.28 -31.72
C TYR A 331 20.34 18.24 -31.10
N ASN A 332 21.11 19.32 -31.25
CA ASN A 332 22.42 19.39 -30.60
C ASN A 332 22.29 19.38 -29.09
N LEU A 333 21.27 20.06 -28.55
CA LEU A 333 21.09 20.08 -27.10
C LEU A 333 20.63 18.73 -26.58
N PHE A 334 19.68 18.10 -27.27
CA PHE A 334 19.24 16.77 -26.84
C PHE A 334 20.35 15.74 -27.03
N LEU A 335 21.19 15.92 -28.05
CA LEU A 335 22.39 15.10 -28.20
C LEU A 335 23.32 15.30 -27.02
N GLU A 336 23.63 16.55 -26.66
CA GLU A 336 24.54 16.82 -25.55
C GLU A 336 23.97 16.34 -24.22
N GLU A 337 22.65 16.23 -24.11
CA GLU A 337 22.05 15.52 -22.98
C GLU A 337 22.36 14.02 -23.04
N ASN A 338 22.09 13.37 -24.18
CA ASN A 338 22.02 11.90 -24.25
C ASN A 338 23.27 11.20 -24.79
N ILE A 339 24.32 11.93 -25.16
CA ILE A 339 25.46 11.34 -25.88
C ILE A 339 26.43 10.68 -24.91
N SER A 340 26.44 11.11 -23.64
CA SER A 340 27.26 10.42 -22.64
C SER A 340 26.78 8.98 -22.42
N GLU A 341 25.48 8.72 -22.62
CA GLU A 341 24.97 7.36 -22.54
C GLU A 341 25.49 6.49 -23.69
N VAL A 342 25.90 7.09 -24.81
CA VAL A 342 26.35 6.30 -25.95
C VAL A 342 27.65 5.59 -25.61
N LYS A 343 27.78 4.35 -26.07
CA LYS A 343 28.95 3.51 -25.85
C LYS A 343 30.19 4.18 -26.46
N SER A 344 30.13 4.49 -27.75
CA SER A 344 31.35 4.96 -28.46
C SER A 344 31.77 6.38 -28.10
N TYR A 345 30.84 7.29 -27.82
CA TYR A 345 31.22 8.69 -27.64
C TYR A 345 32.15 8.85 -26.45
N LYS A 346 31.94 8.05 -25.40
CA LYS A 346 32.77 8.19 -24.21
C LYS A 346 34.21 7.77 -24.50
N CYS A 347 34.39 6.66 -25.22
CA CYS A 347 35.73 6.23 -25.60
C CYS A 347 36.39 7.24 -26.52
N LEU A 348 35.67 7.73 -27.54
CA LEU A 348 36.28 8.67 -28.47
C LEU A 348 36.53 10.03 -27.81
N LYS A 349 35.71 10.41 -26.82
CA LYS A 349 35.96 11.62 -26.06
C LYS A 349 37.17 11.46 -25.16
N VAL A 350 37.42 10.25 -24.65
CA VAL A 350 38.65 9.99 -23.91
C VAL A 350 39.86 10.14 -24.85
N LEU A 351 39.73 9.62 -26.07
CA LEU A 351 40.77 9.81 -27.09
C LEU A 351 40.99 11.29 -27.39
N GLU A 352 39.92 12.08 -27.41
CA GLU A 352 40.07 13.53 -27.63
C GLU A 352 40.70 14.21 -26.42
N ASN A 353 40.37 13.74 -25.21
CA ASN A 353 40.89 14.39 -24.00
C ASN A 353 42.38 14.17 -23.84
N ILE A 354 42.87 12.97 -24.19
CA ILE A 354 44.31 12.73 -24.11
C ILE A 354 45.06 13.58 -25.14
N LYS A 355 44.44 13.82 -26.30
CA LYS A 355 45.00 14.78 -27.26
C LYS A 355 45.00 16.18 -26.67
N SER A 356 43.95 16.52 -25.91
CA SER A 356 43.88 17.82 -25.26
C SER A 356 45.00 17.97 -24.22
N SER A 357 45.41 16.87 -23.60
CA SER A 357 46.57 16.92 -22.71
C SER A 357 47.84 17.32 -23.45
N ASP A 362 48.84 10.75 -33.48
CA ASP A 362 48.59 9.59 -34.37
C ASP A 362 47.43 8.79 -33.79
N PRO A 363 46.52 8.22 -34.62
CA PRO A 363 45.35 7.51 -34.12
C PRO A 363 45.59 6.02 -33.80
N MET A 364 46.83 5.66 -33.46
CA MET A 364 47.19 4.29 -33.10
C MET A 364 46.47 3.85 -31.83
N LEU A 365 46.33 4.78 -30.89
CA LEU A 365 45.67 4.53 -29.61
C LEU A 365 44.21 4.09 -29.79
N LEU A 366 43.52 4.67 -30.76
CA LEU A 366 42.12 4.32 -31.00
C LEU A 366 41.99 2.83 -31.37
N LEU A 367 42.91 2.33 -32.19
CA LEU A 367 42.89 0.93 -32.56
C LEU A 367 43.15 0.10 -31.30
N THR A 368 44.05 0.60 -30.47
CA THR A 368 44.39 -0.04 -29.20
C THR A 368 43.24 0.04 -28.21
N ASN A 369 42.50 1.14 -28.21
CA ASN A 369 41.39 1.30 -27.27
C ASN A 369 40.27 0.32 -27.58
N LEU A 370 39.94 0.15 -28.86
CA LEU A 370 38.89 -0.77 -29.32
C LEU A 370 37.52 -0.37 -28.75
N ALA B 2 -5.58 15.50 0.62
CA ALA B 2 -5.34 16.92 0.39
C ALA B 2 -5.63 17.29 -1.06
N ILE B 3 -5.77 18.58 -1.32
CA ILE B 3 -6.01 19.06 -2.69
C ILE B 3 -4.80 18.77 -3.57
N ALA B 4 -3.59 18.85 -3.01
CA ALA B 4 -2.40 18.58 -3.80
C ALA B 4 -2.24 17.09 -4.07
N GLN B 5 -2.61 16.25 -3.09
CA GLN B 5 -2.64 14.81 -3.32
C GLN B 5 -3.68 14.46 -4.38
N LEU B 6 -4.82 15.15 -4.36
CA LEU B 6 -5.83 14.98 -5.39
C LEU B 6 -5.31 15.38 -6.76
N ALA B 7 -4.57 16.49 -6.82
CA ALA B 7 -4.00 16.95 -8.08
C ALA B 7 -2.99 15.96 -8.63
N THR B 8 -2.14 15.41 -7.77
CA THR B 8 -1.22 14.37 -8.21
C THR B 8 -1.96 13.10 -8.61
N GLU B 9 -3.11 12.84 -7.97
CA GLU B 9 -3.87 11.64 -8.31
C GLU B 9 -4.50 11.74 -9.69
N TYR B 10 -4.96 12.93 -10.09
CA TYR B 10 -5.71 13.12 -11.33
C TYR B 10 -4.91 13.79 -12.45
N VAL B 11 -4.40 15.00 -12.21
CA VAL B 11 -3.81 15.77 -13.31
C VAL B 11 -2.44 15.24 -13.69
N PHE B 12 -1.58 15.02 -12.69
CA PHE B 12 -0.17 14.69 -12.93
C PHE B 12 0.11 13.20 -13.02
N SER B 13 -0.76 12.35 -12.47
CA SER B 13 -0.63 10.91 -12.65
C SER B 13 -1.06 10.51 -14.06
N ASP B 14 -1.00 9.19 -14.32
CA ASP B 14 -1.39 8.69 -15.63
C ASP B 14 -2.89 8.83 -15.85
N PHE B 15 -3.70 8.41 -14.88
CA PHE B 15 -5.17 8.36 -14.96
C PHE B 15 -5.52 7.43 -16.12
N LEU B 16 -6.33 7.84 -17.10
CA LEU B 16 -6.72 7.00 -18.24
C LEU B 16 -5.79 7.20 -19.43
N LEU B 17 -4.48 7.14 -19.18
CA LEU B 17 -3.43 7.34 -20.17
C LEU B 17 -2.59 6.09 -20.39
N LYS B 18 -2.14 5.45 -19.30
CA LYS B 18 -1.45 4.17 -19.43
C LYS B 18 -2.39 3.10 -19.96
N GLU B 19 -3.65 3.11 -19.52
CA GLU B 19 -4.63 2.15 -19.98
C GLU B 19 -6.03 2.63 -19.66
N LYS B 26 1.22 -0.91 -24.89
CA LYS B 26 2.64 -0.57 -24.79
C LYS B 26 3.27 -0.55 -26.17
N GLY B 27 3.37 -1.73 -26.79
CA GLY B 27 3.87 -1.80 -28.15
C GLY B 27 2.92 -1.15 -29.14
N LEU B 28 1.62 -1.34 -28.95
CA LEU B 28 0.55 -0.87 -29.83
C LEU B 28 -0.33 0.12 -29.07
N ARG B 29 -0.79 1.15 -29.77
CA ARG B 29 -1.65 2.21 -29.24
C ARG B 29 -2.97 2.22 -30.00
N LEU B 30 -3.99 1.56 -29.43
CA LEU B 30 -5.32 1.47 -30.01
C LEU B 30 -6.23 2.66 -29.65
N GLU B 31 -5.67 3.77 -29.16
CA GLU B 31 -6.42 5.02 -28.93
C GLU B 31 -5.47 6.14 -29.33
N LEU B 32 -5.67 6.66 -30.54
CA LEU B 32 -4.76 7.64 -31.12
C LEU B 32 -4.78 8.95 -30.34
N ALA B 33 -3.88 9.86 -30.75
CA ALA B 33 -3.76 11.17 -30.05
C ALA B 33 -5.10 11.91 -30.05
N VAL B 34 -5.24 12.92 -29.19
CA VAL B 34 -6.51 13.71 -29.06
C VAL B 34 -7.56 12.84 -28.36
N ASP B 35 -7.90 11.67 -28.92
CA ASP B 35 -8.86 10.76 -28.26
C ASP B 35 -8.50 10.62 -26.77
N LYS B 36 -7.32 10.07 -26.47
CA LYS B 36 -6.90 9.92 -25.08
C LYS B 36 -6.90 11.25 -24.35
N MET B 37 -6.43 12.31 -25.01
CA MET B 37 -6.42 13.66 -24.43
C MET B 37 -7.83 14.12 -24.10
N VAL B 38 -8.73 14.02 -25.08
CA VAL B 38 -10.11 14.47 -24.90
C VAL B 38 -10.82 13.63 -23.85
N THR B 39 -10.63 12.30 -23.89
CA THR B 39 -11.26 11.42 -22.91
C THR B 39 -10.77 11.70 -21.50
N CYS B 40 -9.45 11.87 -21.33
CA CYS B 40 -8.90 12.12 -20.00
C CYS B 40 -9.37 13.44 -19.44
N ILE B 41 -9.35 14.51 -20.24
CA ILE B 41 -9.81 15.81 -19.74
C ILE B 41 -11.30 15.77 -19.44
N ALA B 42 -12.11 15.26 -20.38
CA ALA B 42 -13.56 15.31 -20.23
C ALA B 42 -14.03 14.42 -19.09
N VAL B 43 -13.40 13.27 -18.88
CA VAL B 43 -13.81 12.36 -17.81
C VAL B 43 -13.29 12.87 -16.47
N GLY B 44 -12.02 13.28 -16.39
CA GLY B 44 -11.42 13.54 -15.10
C GLY B 44 -11.70 14.94 -14.56
N LEU B 45 -12.10 15.88 -15.44
CA LEU B 45 -12.33 17.24 -14.96
C LEU B 45 -13.58 17.36 -14.10
N PRO B 46 -14.71 16.69 -14.40
CA PRO B 46 -15.76 16.61 -13.37
C PRO B 46 -15.30 15.94 -12.10
N LEU B 47 -14.50 14.88 -12.19
CA LEU B 47 -13.96 14.22 -11.01
C LEU B 47 -13.04 15.14 -10.22
N LEU B 48 -12.14 15.83 -10.93
CA LEU B 48 -11.21 16.74 -10.29
C LEU B 48 -11.93 17.90 -9.63
N LEU B 49 -12.92 18.49 -10.32
CA LEU B 49 -13.63 19.62 -9.76
C LEU B 49 -14.60 19.23 -8.66
N ILE B 50 -15.16 18.01 -8.68
CA ILE B 50 -15.94 17.54 -7.53
C ILE B 50 -15.02 17.38 -6.33
N SER B 51 -13.86 16.77 -6.53
CA SER B 51 -12.95 16.54 -5.41
C SER B 51 -12.38 17.85 -4.89
N LEU B 52 -12.20 18.83 -5.78
CA LEU B 52 -11.83 20.18 -5.36
C LEU B 52 -12.98 20.87 -4.64
N ALA B 53 -14.23 20.53 -4.97
CA ALA B 53 -15.37 21.17 -4.33
C ALA B 53 -15.43 20.87 -2.84
N PHE B 54 -15.09 19.63 -2.46
CA PHE B 54 -15.13 19.16 -1.08
C PHE B 54 -13.75 18.85 -0.53
N ALA B 55 -12.75 19.66 -0.88
CA ALA B 55 -11.44 19.52 -0.29
C ALA B 55 -11.48 19.88 1.19
N GLN B 56 -10.43 19.50 1.92
CA GLN B 56 -10.36 19.73 3.35
C GLN B 56 -10.34 21.23 3.66
N GLU B 57 -9.61 22.01 2.85
CA GLU B 57 -9.45 23.43 3.13
C GLU B 57 -10.72 24.21 2.82
N ILE B 58 -11.43 23.82 1.76
CA ILE B 58 -12.49 24.66 1.20
C ILE B 58 -13.82 24.41 1.91
N SER B 59 -14.03 23.19 2.41
CA SER B 59 -15.24 22.84 3.14
C SER B 59 -15.13 23.36 4.57
N ILE B 60 -15.97 24.34 4.91
CA ILE B 60 -15.99 24.87 6.27
C ILE B 60 -16.52 23.82 7.25
N GLY B 61 -17.46 22.99 6.81
CA GLY B 61 -18.09 22.03 7.69
C GLY B 61 -19.35 21.46 7.10
N THR B 62 -20.43 21.49 7.87
CA THR B 62 -21.73 21.05 7.37
C THR B 62 -22.18 21.91 6.20
N GLN B 63 -22.78 21.27 5.21
CA GLN B 63 -23.07 21.93 3.94
C GLN B 63 -24.27 22.87 4.06
N ILE B 64 -25.25 22.51 4.90
CA ILE B 64 -26.42 23.32 5.17
C ILE B 64 -26.43 23.67 6.66
N SER B 65 -26.67 24.94 6.94
CA SER B 65 -26.96 25.46 8.26
C SER B 65 -28.20 26.31 8.13
N CYS B 66 -28.99 26.40 9.20
CA CYS B 66 -30.38 26.82 9.10
C CYS B 66 -30.83 27.83 10.17
N PHE B 67 -29.97 28.21 11.10
CA PHE B 67 -30.25 29.27 12.07
C PHE B 67 -31.45 28.94 12.95
N SER B 68 -31.29 27.91 13.77
CA SER B 68 -32.29 27.61 14.77
C SER B 68 -32.32 28.74 15.81
N PRO B 69 -33.42 28.89 16.56
CA PRO B 69 -33.40 29.87 17.65
C PRO B 69 -32.42 29.48 18.74
N SER B 70 -32.09 30.46 19.59
CA SER B 70 -31.19 30.19 20.72
C SER B 70 -31.82 29.22 21.72
N SER B 71 -33.15 29.20 21.81
CA SER B 71 -33.81 28.28 22.72
C SER B 71 -33.62 26.83 22.30
N PHE B 72 -33.46 26.56 21.01
CA PHE B 72 -33.24 25.20 20.54
C PHE B 72 -31.89 24.68 21.01
N SER B 73 -31.87 23.38 21.34
CA SER B 73 -30.64 22.73 21.79
C SER B 73 -29.75 22.39 20.60
N TRP B 74 -28.65 21.70 20.89
CA TRP B 74 -27.70 21.33 19.86
C TRP B 74 -28.31 20.33 18.89
N ARG B 75 -28.86 19.24 19.41
CA ARG B 75 -29.43 18.21 18.54
C ARG B 75 -30.74 18.65 17.90
N GLN B 76 -31.44 19.63 18.49
CA GLN B 76 -32.61 20.18 17.82
C GLN B 76 -32.20 20.95 16.56
N ALA B 77 -31.11 21.72 16.64
CA ALA B 77 -30.59 22.38 15.45
C ALA B 77 -30.03 21.35 14.47
N ALA B 78 -29.47 20.25 14.98
CA ALA B 78 -29.03 19.17 14.10
C ALA B 78 -30.20 18.55 13.36
N PHE B 79 -31.33 18.37 14.04
CA PHE B 79 -32.56 17.93 13.38
C PHE B 79 -32.99 18.90 12.31
N VAL B 80 -32.93 20.20 12.61
CA VAL B 80 -33.38 21.20 11.64
C VAL B 80 -32.52 21.17 10.38
N ASP B 81 -31.20 21.09 10.56
CA ASP B 81 -30.28 21.02 9.43
C ASP B 81 -30.50 19.74 8.61
N SER B 82 -30.58 18.60 9.29
CA SER B 82 -30.70 17.31 8.60
C SER B 82 -32.06 17.19 7.90
N TYR B 83 -33.12 17.68 8.55
CA TYR B 83 -34.45 17.64 7.96
C TYR B 83 -34.51 18.51 6.71
N CYS B 84 -33.94 19.72 6.76
CA CYS B 84 -34.06 20.59 5.61
C CYS B 84 -33.15 20.14 4.47
N TRP B 85 -32.03 19.49 4.81
CA TRP B 85 -31.23 18.77 3.81
C TRP B 85 -32.06 17.70 3.10
N ALA B 86 -32.78 16.89 3.87
CA ALA B 86 -33.65 15.89 3.26
C ALA B 86 -34.84 16.53 2.55
N ALA B 87 -35.28 17.72 3.01
CA ALA B 87 -36.53 18.32 2.56
C ALA B 87 -36.34 19.35 1.45
N VAL B 88 -35.13 19.49 0.91
CA VAL B 88 -35.04 20.06 -0.44
C VAL B 88 -35.71 19.14 -1.48
N GLN B 89 -35.80 17.83 -1.21
CA GLN B 89 -36.43 16.90 -2.14
C GLN B 89 -37.91 17.19 -2.33
N GLN B 90 -38.73 17.05 -1.28
CA GLN B 90 -40.17 17.16 -1.43
C GLN B 90 -40.57 18.62 -1.66
N LYS B 91 -41.65 18.81 -2.43
CA LYS B 91 -42.04 20.16 -2.85
C LYS B 91 -42.66 20.94 -1.69
N ASN B 92 -43.55 20.29 -0.92
CA ASN B 92 -44.40 21.03 0.00
C ASN B 92 -43.64 21.55 1.22
N SER B 93 -42.54 20.88 1.60
CA SER B 93 -41.90 21.17 2.88
C SER B 93 -41.22 22.54 2.90
N LEU B 94 -40.81 23.06 1.75
CA LEU B 94 -40.02 24.29 1.63
C LEU B 94 -40.67 25.23 0.63
N GLN B 95 -40.32 26.52 0.74
CA GLN B 95 -40.62 27.54 -0.25
C GLN B 95 -39.35 28.31 -0.54
N SER B 96 -39.16 28.69 -1.81
CA SER B 96 -37.98 29.44 -2.22
C SER B 96 -38.33 30.31 -3.41
N GLU B 97 -37.60 31.43 -3.53
CA GLU B 97 -37.82 32.35 -4.64
C GLU B 97 -37.44 31.72 -5.97
N SER B 98 -36.30 31.03 -6.01
CA SER B 98 -35.85 30.42 -7.25
C SER B 98 -36.74 29.25 -7.65
N GLY B 99 -37.01 28.34 -6.71
CA GLY B 99 -37.82 27.16 -6.90
C GLY B 99 -37.16 25.95 -6.29
N ASN B 100 -37.79 24.79 -6.50
CA ASN B 100 -37.29 23.53 -5.98
C ASN B 100 -36.21 22.91 -6.87
N LEU B 101 -36.31 23.12 -8.19
CA LEU B 101 -35.32 22.57 -9.10
C LEU B 101 -33.90 23.06 -8.88
N PRO B 102 -33.62 24.37 -8.72
CA PRO B 102 -32.21 24.74 -8.45
C PRO B 102 -31.68 24.21 -7.12
N LEU B 103 -32.53 24.07 -6.11
CA LEU B 103 -32.09 23.44 -4.86
C LEU B 103 -31.80 21.96 -5.07
N TRP B 104 -32.58 21.29 -5.93
CA TRP B 104 -32.27 19.92 -6.33
C TRP B 104 -30.92 19.84 -7.01
N LEU B 105 -30.61 20.81 -7.87
CA LEU B 105 -29.30 20.82 -8.53
C LEU B 105 -28.18 21.09 -7.53
N HIS B 106 -28.44 21.97 -6.55
CA HIS B 106 -27.44 22.27 -5.53
C HIS B 106 -27.12 21.05 -4.68
N LYS B 107 -28.15 20.28 -4.30
CA LYS B 107 -27.90 19.08 -3.52
C LYS B 107 -27.15 18.02 -4.32
N PHE B 108 -27.55 17.82 -5.58
CA PHE B 108 -27.01 16.79 -6.46
C PHE B 108 -26.13 17.34 -7.57
N PHE B 109 -25.45 18.46 -7.32
CA PHE B 109 -24.39 18.89 -8.23
C PHE B 109 -23.28 17.87 -8.41
N PRO B 110 -22.68 17.27 -7.36
CA PRO B 110 -21.61 16.31 -7.63
C PRO B 110 -22.10 15.03 -8.28
N TYR B 111 -23.33 14.61 -7.96
CA TYR B 111 -23.94 13.47 -8.64
C TYR B 111 -24.09 13.75 -10.13
N ILE B 112 -24.52 14.96 -10.48
CA ILE B 112 -24.77 15.28 -11.88
C ILE B 112 -23.46 15.38 -12.65
N LEU B 113 -22.45 16.00 -12.04
CA LEU B 113 -21.15 16.08 -12.72
C LEU B 113 -20.47 14.72 -12.83
N LEU B 114 -20.61 13.85 -11.83
CA LEU B 114 -20.10 12.49 -11.97
C LEU B 114 -20.88 11.71 -13.02
N LEU B 115 -22.18 11.97 -13.14
CA LEU B 115 -22.97 11.33 -14.20
C LEU B 115 -22.46 11.77 -15.57
N PHE B 116 -22.13 13.05 -15.72
CA PHE B 116 -21.54 13.51 -16.97
C PHE B 116 -20.17 12.89 -17.20
N ALA B 117 -19.38 12.70 -16.14
CA ALA B 117 -18.07 12.05 -16.30
C ALA B 117 -18.21 10.62 -16.78
N ILE B 118 -19.14 9.86 -16.19
CA ILE B 118 -19.36 8.48 -16.63
C ILE B 118 -19.94 8.46 -18.03
N LEU B 119 -20.83 9.39 -18.36
CA LEU B 119 -21.40 9.47 -19.70
C LEU B 119 -20.34 9.81 -20.73
N LEU B 120 -19.34 10.60 -20.34
CA LEU B 120 -18.22 10.89 -21.23
C LEU B 120 -17.27 9.69 -21.32
N TYR B 121 -17.23 8.86 -20.28
CA TYR B 121 -16.42 7.64 -20.32
C TYR B 121 -17.07 6.54 -21.16
N LEU B 122 -18.40 6.57 -21.35
CA LEU B 122 -19.07 5.51 -22.14
C LEU B 122 -18.59 5.34 -23.58
N PRO B 123 -18.46 6.39 -24.41
CA PRO B 123 -18.04 6.16 -25.81
C PRO B 123 -16.60 5.67 -25.94
N PRO B 124 -15.63 6.20 -25.16
CA PRO B 124 -14.31 5.54 -25.13
C PRO B 124 -14.34 4.09 -24.67
N LEU B 125 -15.23 3.74 -23.74
CA LEU B 125 -15.32 2.35 -23.30
C LEU B 125 -15.91 1.47 -24.40
N PHE B 126 -16.94 1.97 -25.09
CA PHE B 126 -17.54 1.22 -26.18
C PHE B 126 -16.57 1.10 -27.35
N TRP B 127 -15.67 2.08 -27.49
CA TRP B 127 -14.54 1.91 -28.41
C TRP B 127 -13.57 0.85 -27.90
N ARG B 128 -13.31 0.83 -26.59
CA ARG B 128 -12.26 -0.05 -26.07
C ARG B 128 -12.71 -1.51 -26.06
N PHE B 129 -14.02 -1.78 -26.22
CA PHE B 129 -14.53 -3.14 -26.45
C PHE B 129 -14.95 -3.42 -27.90
N ALA B 130 -15.87 -2.62 -28.46
CA ALA B 130 -16.54 -3.06 -29.69
C ALA B 130 -15.61 -3.00 -30.89
N ALA B 131 -14.75 -1.97 -30.97
CA ALA B 131 -13.91 -1.69 -32.14
C ALA B 131 -12.42 -1.84 -31.86
N ALA B 132 -11.99 -1.79 -30.60
CA ALA B 132 -10.56 -1.90 -30.25
C ALA B 132 -9.88 -3.20 -30.66
N PRO B 133 -10.47 -4.43 -30.45
CA PRO B 133 -9.80 -5.64 -30.94
C PRO B 133 -9.59 -5.69 -32.45
N HIS B 134 -10.55 -5.17 -33.22
CA HIS B 134 -10.44 -5.24 -34.67
C HIS B 134 -9.31 -4.35 -35.18
N ILE B 135 -9.30 -3.08 -34.75
CA ILE B 135 -8.21 -2.17 -35.10
C ILE B 135 -6.87 -2.64 -34.54
N CYS B 136 -6.83 -3.17 -33.32
CA CYS B 136 -5.64 -3.79 -32.74
C CYS B 136 -5.05 -4.89 -33.61
N SER B 137 -5.86 -5.91 -33.92
CA SER B 137 -5.35 -7.06 -34.67
C SER B 137 -4.96 -6.67 -36.09
N ASP B 138 -5.80 -5.85 -36.75
CA ASP B 138 -5.51 -5.44 -38.12
C ASP B 138 -4.24 -4.59 -38.19
N LEU B 139 -4.06 -3.65 -37.26
CA LEU B 139 -2.89 -2.78 -37.32
C LEU B 139 -1.61 -3.55 -37.01
N LYS B 140 -1.63 -4.46 -36.02
CA LYS B 140 -0.41 -5.20 -35.73
C LYS B 140 -0.07 -6.17 -36.87
N PHE B 141 -1.09 -6.72 -37.54
CA PHE B 141 -0.82 -7.53 -38.73
C PHE B 141 -0.20 -6.69 -39.84
N ILE B 142 -0.69 -5.46 -40.03
CA ILE B 142 -0.14 -4.59 -41.08
C ILE B 142 1.31 -4.22 -40.77
N MET B 143 1.60 -3.92 -39.49
CA MET B 143 2.98 -3.65 -39.06
C MET B 143 3.89 -4.84 -39.32
N GLU B 144 3.43 -6.05 -38.97
CA GLU B 144 4.24 -7.25 -39.20
C GLU B 144 4.46 -7.51 -40.69
N GLU B 145 3.43 -7.30 -41.51
CA GLU B 145 3.57 -7.52 -42.94
C GLU B 145 4.51 -6.50 -43.57
N LEU B 146 4.45 -5.25 -43.12
CA LEU B 146 5.35 -4.24 -43.67
C LEU B 146 6.80 -4.51 -43.25
N ASP B 147 7.01 -5.01 -42.03
CA ASP B 147 8.35 -5.42 -41.62
C ASP B 147 8.86 -6.57 -42.46
N LYS B 148 7.99 -7.54 -42.78
CA LYS B 148 8.39 -8.64 -43.66
C LYS B 148 8.73 -8.14 -45.05
N VAL B 149 7.98 -7.15 -45.54
CA VAL B 149 8.24 -6.60 -46.88
C VAL B 149 9.59 -5.91 -46.91
N TYR B 150 9.91 -5.12 -45.87
CA TYR B 150 11.22 -4.47 -45.83
C TYR B 150 12.34 -5.48 -45.66
N ASN B 151 12.11 -6.56 -44.92
CA ASN B 151 13.11 -7.61 -44.77
C ASN B 151 13.39 -8.28 -46.11
N ARG B 152 12.33 -8.55 -46.89
CA ARG B 152 12.51 -9.12 -48.22
C ARG B 152 13.23 -8.15 -49.14
N ALA B 153 12.91 -6.86 -49.05
CA ALA B 153 13.59 -5.86 -49.87
C ALA B 153 15.07 -5.75 -49.51
N ILE B 154 15.38 -5.82 -48.21
CA ILE B 154 16.79 -5.76 -47.79
C ILE B 154 17.54 -7.00 -48.23
N LYS B 155 16.88 -8.16 -48.18
CA LYS B 155 17.50 -9.39 -48.67
C LYS B 155 17.76 -9.32 -50.17
N ALA B 156 16.82 -8.73 -50.93
CA ALA B 156 17.02 -8.56 -52.36
C ALA B 156 18.15 -7.58 -52.65
N ALA B 157 18.24 -6.50 -51.86
CA ALA B 157 19.27 -5.49 -52.10
C ALA B 157 20.66 -6.04 -51.79
N LYS B 158 20.79 -6.82 -50.72
CA LYS B 158 22.08 -7.37 -50.32
C LYS B 158 22.56 -8.41 -51.32
N LYS B 192 5.41 -12.65 -54.42
CA LYS B 192 4.91 -12.32 -55.74
C LYS B 192 3.77 -11.31 -55.66
N TYR B 193 2.67 -11.72 -55.02
CA TYR B 193 1.48 -10.92 -54.88
C TYR B 193 1.54 -10.14 -53.55
N PRO B 194 1.54 -8.81 -53.55
CA PRO B 194 1.58 -8.12 -52.25
C PRO B 194 0.23 -8.22 -51.55
N ILE B 195 0.21 -8.94 -50.42
CA ILE B 195 -1.01 -9.10 -49.66
C ILE B 195 -1.46 -7.78 -49.03
N VAL B 196 -0.50 -6.90 -48.69
CA VAL B 196 -0.82 -5.69 -47.95
C VAL B 196 -1.65 -4.73 -48.79
N GLU B 197 -1.36 -4.65 -50.09
CA GLU B 197 -2.07 -3.70 -50.95
C GLU B 197 -3.54 -4.08 -51.12
N GLN B 198 -3.81 -5.35 -51.42
CA GLN B 198 -5.20 -5.79 -51.58
C GLN B 198 -5.93 -5.86 -50.25
N TYR B 199 -5.24 -6.22 -49.16
CA TYR B 199 -5.86 -6.20 -47.84
C TYR B 199 -6.15 -4.77 -47.39
N LEU B 200 -5.39 -3.80 -47.90
CA LEU B 200 -5.69 -2.39 -47.66
C LEU B 200 -6.88 -1.94 -48.51
N LYS B 201 -6.96 -2.42 -49.74
CA LYS B 201 -8.07 -2.05 -50.63
C LYS B 201 -9.42 -2.58 -50.13
N THR B 202 -9.45 -3.83 -49.65
CA THR B 202 -10.72 -4.40 -49.19
C THR B 202 -11.25 -3.69 -47.94
N LYS B 203 -10.36 -3.10 -47.13
CA LYS B 203 -10.79 -2.23 -46.04
C LYS B 203 -11.09 -0.82 -46.52
N LYS B 204 -10.55 -0.41 -47.68
CA LYS B 204 -11.04 0.79 -48.33
C LYS B 204 -12.52 0.65 -48.68
N ASN B 205 -12.91 -0.55 -49.12
CA ASN B 205 -14.32 -0.78 -49.44
C ASN B 205 -15.19 -0.72 -48.19
N SER B 206 -14.71 -1.26 -47.07
CA SER B 206 -15.53 -1.36 -45.86
C SER B 206 -15.55 -0.04 -45.09
N ASN B 207 -16.64 0.19 -44.36
CA ASN B 207 -16.81 1.38 -43.53
C ASN B 207 -17.51 1.11 -42.20
N ASN B 208 -17.47 -0.12 -41.68
CA ASN B 208 -18.13 -0.41 -40.40
C ASN B 208 -17.37 0.22 -39.24
N LEU B 209 -16.04 0.09 -39.25
CA LEU B 209 -15.23 0.57 -38.14
C LEU B 209 -15.24 2.09 -38.03
N ILE B 210 -15.22 2.80 -39.17
CA ILE B 210 -15.33 4.26 -39.11
C ILE B 210 -16.71 4.67 -38.64
N ILE B 211 -17.75 3.90 -38.96
CA ILE B 211 -19.09 4.20 -38.45
C ILE B 211 -19.10 4.09 -36.93
N LYS B 212 -18.42 3.06 -36.40
CA LYS B 212 -18.29 2.94 -34.95
C LYS B 212 -17.51 4.10 -34.35
N TYR B 213 -16.43 4.52 -35.02
CA TYR B 213 -15.59 5.61 -34.51
C TYR B 213 -16.36 6.94 -34.49
N ILE B 214 -17.03 7.25 -35.60
CA ILE B 214 -17.78 8.50 -35.67
C ILE B 214 -18.99 8.46 -34.74
N SER B 215 -19.56 7.27 -34.50
CA SER B 215 -20.63 7.16 -33.50
C SER B 215 -20.10 7.47 -32.10
N CYS B 216 -18.91 6.96 -31.77
CA CYS B 216 -18.28 7.25 -30.49
C CYS B 216 -18.02 8.75 -30.32
N ARG B 217 -17.41 9.37 -31.33
CA ARG B 217 -17.06 10.78 -31.22
C ARG B 217 -18.31 11.67 -31.26
N LEU B 218 -19.35 11.25 -31.99
CA LEU B 218 -20.58 12.02 -32.02
C LEU B 218 -21.31 11.94 -30.68
N LEU B 219 -21.31 10.76 -30.04
CA LEU B 219 -21.88 10.65 -28.70
C LEU B 219 -21.09 11.50 -27.71
N THR B 220 -19.75 11.52 -27.85
CA THR B 220 -18.93 12.36 -26.98
C THR B 220 -19.24 13.84 -27.18
N LEU B 221 -19.39 14.28 -28.43
CA LEU B 221 -19.71 15.68 -28.71
C LEU B 221 -21.09 16.05 -28.18
N ILE B 222 -22.07 15.15 -28.35
CA ILE B 222 -23.42 15.43 -27.87
C ILE B 222 -23.44 15.53 -26.35
N ILE B 223 -22.69 14.65 -25.67
CA ILE B 223 -22.65 14.69 -24.22
C ILE B 223 -21.92 15.94 -23.74
N ILE B 224 -20.87 16.36 -24.47
CA ILE B 224 -20.16 17.58 -24.12
C ILE B 224 -21.09 18.79 -24.27
N LEU B 225 -21.90 18.81 -25.33
CA LEU B 225 -22.83 19.93 -25.52
C LEU B 225 -23.91 19.93 -24.44
N LEU B 226 -24.40 18.74 -24.05
CA LEU B 226 -25.39 18.67 -22.99
C LEU B 226 -24.80 19.12 -21.65
N ALA B 227 -23.55 18.74 -21.37
CA ALA B 227 -22.88 19.20 -20.17
C ALA B 227 -22.66 20.70 -20.20
N CYS B 228 -22.35 21.25 -21.38
CA CYS B 228 -22.20 22.70 -21.52
C CYS B 228 -23.52 23.41 -21.24
N ILE B 229 -24.63 22.85 -21.74
CA ILE B 229 -25.95 23.41 -21.49
C ILE B 229 -26.26 23.40 -20.00
N TYR B 230 -25.99 22.28 -19.31
CA TYR B 230 -26.23 22.19 -17.88
C TYR B 230 -25.36 23.16 -17.09
N LEU B 231 -24.07 23.24 -17.44
CA LEU B 231 -23.17 24.08 -16.67
C LEU B 231 -23.46 25.56 -16.89
N GLY B 232 -23.85 25.92 -18.12
CA GLY B 232 -24.28 27.28 -18.36
C GLY B 232 -25.54 27.64 -17.62
N TYR B 233 -26.51 26.71 -17.55
CA TYR B 233 -27.71 26.97 -16.79
C TYR B 233 -27.41 27.05 -15.29
N TYR B 234 -26.51 26.21 -14.80
CA TYR B 234 -26.22 26.17 -13.37
C TYR B 234 -25.46 27.41 -12.92
N PHE B 235 -24.47 27.84 -13.71
CA PHE B 235 -23.72 29.04 -13.37
C PHE B 235 -24.58 30.28 -13.48
N SER B 236 -25.55 30.29 -14.41
CA SER B 236 -26.45 31.43 -14.58
C SER B 236 -27.49 31.57 -13.47
N LEU B 237 -27.57 30.63 -12.53
CA LEU B 237 -28.44 30.80 -11.37
C LEU B 237 -28.00 32.00 -10.54
N SER B 238 -28.98 32.62 -9.88
CA SER B 238 -28.76 33.92 -9.27
C SER B 238 -27.77 33.93 -8.11
N SER B 239 -27.46 32.76 -7.51
CA SER B 239 -26.62 32.53 -6.33
C SER B 239 -27.32 32.87 -5.03
N LEU B 240 -28.54 33.44 -5.05
CA LEU B 240 -29.49 33.36 -3.96
C LEU B 240 -30.41 32.15 -4.06
N SER B 241 -30.22 31.27 -5.07
CA SER B 241 -30.99 30.04 -5.12
C SER B 241 -30.66 29.13 -3.94
N ASP B 242 -29.41 29.17 -3.47
CA ASP B 242 -29.02 28.43 -2.27
C ASP B 242 -29.81 28.88 -1.03
N GLU B 243 -30.22 30.15 -0.97
CA GLU B 243 -31.04 30.63 0.14
C GLU B 243 -32.43 30.02 -0.02
N PHE B 244 -32.97 29.45 1.05
CA PHE B 244 -34.34 28.99 1.05
C PHE B 244 -34.84 28.88 2.48
N VAL B 245 -36.16 28.75 2.61
CA VAL B 245 -36.86 28.63 3.90
C VAL B 245 -37.59 27.29 3.90
N CYS B 246 -37.41 26.53 4.98
CA CYS B 246 -38.04 25.24 5.20
C CYS B 246 -38.75 25.27 6.54
N SER B 247 -39.85 24.53 6.64
CA SER B 247 -40.64 24.39 7.86
C SER B 247 -40.53 22.96 8.36
N ILE B 248 -40.05 22.80 9.59
CA ILE B 248 -40.06 21.49 10.26
C ILE B 248 -41.39 21.34 10.99
N LYS B 249 -42.44 21.05 10.21
CA LYS B 249 -43.83 21.05 10.69
C LYS B 249 -44.66 19.90 10.15
N SER B 250 -44.03 18.95 9.44
CA SER B 250 -44.80 17.78 8.97
C SER B 250 -45.07 16.84 10.15
N GLY B 251 -46.18 16.10 10.08
CA GLY B 251 -46.52 15.16 11.13
C GLY B 251 -47.04 15.87 12.36
N ILE B 252 -46.62 15.39 13.54
CA ILE B 252 -47.12 15.93 14.81
C ILE B 252 -46.72 17.38 15.04
N LEU B 253 -45.61 17.85 14.42
CA LEU B 253 -45.17 19.22 14.62
C LEU B 253 -45.99 20.25 13.83
N ARG B 254 -47.01 19.82 13.07
CA ARG B 254 -47.91 20.77 12.44
C ARG B 254 -48.66 21.60 13.47
N ASN B 255 -49.04 20.99 14.60
CA ASN B 255 -49.89 21.61 15.62
C ASN B 255 -49.17 21.66 16.97
N ASP B 256 -47.88 21.99 16.95
CA ASP B 256 -47.06 22.20 18.15
C ASP B 256 -46.94 23.70 18.40
N SER B 257 -47.01 24.08 19.67
CA SER B 257 -47.13 25.50 20.02
C SER B 257 -45.87 26.29 19.67
N THR B 258 -44.70 25.78 20.09
CA THR B 258 -43.44 26.53 20.07
C THR B 258 -42.44 25.86 19.12
N VAL B 259 -42.55 26.19 17.84
CA VAL B 259 -41.51 25.96 16.84
C VAL B 259 -41.60 27.17 15.90
N PRO B 260 -40.49 27.70 15.35
CA PRO B 260 -40.64 28.71 14.29
C PRO B 260 -41.34 28.15 13.05
N ASP B 261 -42.10 29.01 12.38
CA ASP B 261 -42.85 28.60 11.19
C ASP B 261 -41.91 28.19 10.07
N GLN B 262 -40.77 28.87 9.95
CA GLN B 262 -39.82 28.63 8.87
C GLN B 262 -38.43 29.09 9.29
N PHE B 263 -37.42 28.47 8.66
CA PHE B 263 -36.02 28.55 9.09
C PHE B 263 -35.16 28.95 7.90
N GLN B 264 -34.42 30.05 8.03
CA GLN B 264 -33.58 30.52 6.94
C GLN B 264 -32.38 29.60 6.79
N CYS B 265 -32.27 28.96 5.63
CA CYS B 265 -31.19 28.02 5.32
C CYS B 265 -30.46 28.47 4.06
N LYS B 266 -29.14 28.31 4.08
CA LYS B 266 -28.27 28.50 2.93
C LYS B 266 -27.57 27.19 2.68
N LEU B 267 -27.48 26.79 1.41
CA LEU B 267 -26.68 25.64 0.99
C LEU B 267 -25.27 26.14 0.74
N ILE B 268 -24.36 25.84 1.68
CA ILE B 268 -23.00 26.31 1.56
C ILE B 268 -22.29 25.47 0.50
N ALA B 269 -21.31 26.10 -0.17
CA ALA B 269 -20.52 25.63 -1.31
C ALA B 269 -21.28 25.69 -2.63
N VAL B 270 -22.47 26.29 -2.68
CA VAL B 270 -23.14 26.49 -3.97
C VAL B 270 -22.36 27.49 -4.82
N GLY B 271 -21.79 28.52 -4.20
CA GLY B 271 -20.94 29.42 -4.95
C GLY B 271 -19.67 28.75 -5.43
N ILE B 272 -19.13 27.83 -4.64
CA ILE B 272 -17.98 27.04 -5.06
C ILE B 272 -18.38 26.16 -6.25
N PHE B 273 -19.60 25.59 -6.20
CA PHE B 273 -20.10 24.81 -7.32
C PHE B 273 -20.25 25.67 -8.57
N GLN B 274 -20.68 26.93 -8.41
CA GLN B 274 -20.85 27.79 -9.58
C GLN B 274 -19.50 28.20 -10.17
N LEU B 275 -18.50 28.44 -9.31
CA LEU B 275 -17.16 28.76 -9.81
C LEU B 275 -16.56 27.57 -10.56
N LEU B 276 -16.67 26.38 -9.97
CA LEU B 276 -16.20 25.18 -10.65
C LEU B 276 -17.04 24.89 -11.90
N SER B 277 -18.31 25.30 -11.91
CA SER B 277 -19.14 25.10 -13.09
C SER B 277 -18.67 25.96 -14.25
N VAL B 278 -18.36 27.24 -14.00
CA VAL B 278 -17.88 28.08 -15.09
C VAL B 278 -16.51 27.63 -15.55
N ILE B 279 -15.68 27.11 -14.63
CA ILE B 279 -14.39 26.53 -15.04
C ILE B 279 -14.60 25.33 -15.95
N ASN B 280 -15.50 24.43 -15.57
CA ASN B 280 -15.79 23.24 -16.37
C ASN B 280 -16.40 23.63 -17.71
N LEU B 281 -17.28 24.62 -17.71
CA LEU B 281 -17.91 25.08 -18.93
C LEU B 281 -16.89 25.69 -19.88
N VAL B 282 -15.94 26.46 -19.35
CA VAL B 282 -14.91 27.07 -20.19
C VAL B 282 -14.03 25.99 -20.81
N VAL B 283 -13.64 24.99 -20.01
CA VAL B 283 -12.76 23.95 -20.53
C VAL B 283 -13.50 23.09 -21.56
N TYR B 284 -14.78 22.79 -21.31
CA TYR B 284 -15.54 21.99 -22.27
C TYR B 284 -15.84 22.78 -23.55
N VAL B 285 -16.03 24.10 -23.43
CA VAL B 285 -16.24 24.93 -24.61
C VAL B 285 -14.96 24.97 -25.45
N LEU B 286 -13.80 24.95 -24.79
CA LEU B 286 -12.54 24.80 -25.52
C LEU B 286 -12.42 23.40 -26.12
N LEU B 287 -12.93 22.38 -25.43
CA LEU B 287 -12.73 21.01 -25.87
C LEU B 287 -13.61 20.65 -27.06
N ALA B 288 -14.81 21.23 -27.14
CA ALA B 288 -15.76 20.85 -28.18
C ALA B 288 -15.29 21.10 -29.61
N PRO B 289 -14.62 22.22 -29.95
CA PRO B 289 -14.02 22.34 -31.30
C PRO B 289 -13.00 21.26 -31.62
N VAL B 290 -12.27 20.76 -30.61
CA VAL B 290 -11.32 19.68 -30.87
C VAL B 290 -12.07 18.40 -31.23
N VAL B 291 -13.23 18.16 -30.60
CA VAL B 291 -14.01 16.97 -30.94
C VAL B 291 -14.62 17.13 -32.34
N VAL B 292 -15.06 18.35 -32.67
CA VAL B 292 -15.63 18.59 -34.00
C VAL B 292 -14.55 18.42 -35.07
N TYR B 293 -13.32 18.83 -34.77
CA TYR B 293 -12.19 18.54 -35.65
C TYR B 293 -11.95 17.03 -35.74
N THR B 294 -12.13 16.32 -34.63
CA THR B 294 -11.89 14.88 -34.62
C THR B 294 -12.95 14.14 -35.44
N LEU B 295 -14.14 14.71 -35.61
CA LEU B 295 -15.17 14.07 -36.43
C LEU B 295 -14.73 13.93 -37.89
N PHE B 296 -14.14 14.98 -38.45
CA PHE B 296 -13.75 14.98 -39.86
C PHE B 296 -12.53 14.09 -40.01
N VAL B 297 -12.78 12.79 -40.24
CA VAL B 297 -11.69 11.84 -40.43
C VAL B 297 -10.83 12.11 -41.66
N PRO B 298 -11.36 12.39 -42.87
CA PRO B 298 -10.43 12.47 -44.01
C PRO B 298 -9.63 13.76 -44.05
N PHE B 299 -10.11 14.82 -43.40
CA PHE B 299 -9.43 16.10 -43.37
C PHE B 299 -8.14 16.07 -42.51
N ARG B 300 -7.95 15.04 -41.66
CA ARG B 300 -6.83 14.96 -40.72
C ARG B 300 -5.46 14.96 -41.40
N GLN B 301 -5.38 14.54 -42.66
CA GLN B 301 -4.20 14.76 -43.50
C GLN B 301 -2.93 14.10 -42.97
N LYS B 302 -2.89 12.78 -42.96
CA LYS B 302 -1.62 12.08 -42.74
C LYS B 302 -0.64 12.44 -43.85
N THR B 303 0.59 12.78 -43.46
CA THR B 303 1.54 13.42 -44.37
C THR B 303 2.36 12.39 -45.14
N ASP B 304 1.64 11.54 -45.89
CA ASP B 304 2.25 10.52 -46.75
C ASP B 304 3.10 9.54 -45.96
N VAL B 305 2.59 9.15 -44.79
CA VAL B 305 3.32 8.20 -43.96
C VAL B 305 3.36 6.83 -44.63
N LEU B 306 2.27 6.44 -45.31
CA LEU B 306 2.25 5.18 -46.04
C LEU B 306 3.01 5.29 -47.37
N LYS B 307 3.14 6.50 -47.90
CA LYS B 307 3.85 6.71 -49.16
C LYS B 307 5.36 6.42 -49.06
N VAL B 308 5.92 6.40 -47.85
CA VAL B 308 7.35 6.13 -47.67
C VAL B 308 7.69 4.72 -48.14
N TYR B 309 6.77 3.77 -47.94
CA TYR B 309 7.03 2.41 -48.39
C TYR B 309 6.97 2.27 -49.92
N GLU B 310 6.30 3.21 -50.61
CA GLU B 310 6.27 3.17 -52.06
C GLU B 310 7.65 3.43 -52.67
N ILE B 311 8.52 4.16 -51.95
CA ILE B 311 9.84 4.49 -52.48
C ILE B 311 10.70 3.24 -52.62
N LEU B 312 10.48 2.23 -51.77
CA LEU B 312 11.29 1.02 -51.84
C LEU B 312 10.97 0.25 -53.12
N PRO B 313 11.94 -0.46 -53.73
CA PRO B 313 11.59 -1.16 -54.98
C PRO B 313 10.68 -2.36 -54.78
N THR B 314 10.96 -3.20 -53.79
CA THR B 314 10.18 -4.41 -53.59
C THR B 314 8.76 -4.08 -53.13
N PHE B 315 8.61 -3.09 -52.25
CA PHE B 315 7.31 -2.74 -51.68
C PHE B 315 6.53 -1.92 -52.69
N ASP B 316 5.83 -2.60 -53.60
CA ASP B 316 4.95 -1.95 -54.57
C ASP B 316 3.53 -1.72 -54.07
N VAL B 317 3.25 -1.95 -52.77
CA VAL B 317 1.91 -1.94 -52.21
C VAL B 317 1.64 -0.60 -51.52
N LEU B 318 0.37 -0.29 -51.31
CA LEU B 318 -0.05 0.85 -50.50
C LEU B 318 0.33 2.18 -51.13
N HIS B 319 0.09 2.31 -52.43
CA HIS B 319 0.39 3.55 -53.13
C HIS B 319 -0.62 4.65 -52.80
N PHE B 320 -1.91 4.30 -52.76
CA PHE B 320 -2.98 5.27 -52.68
C PHE B 320 -3.31 5.61 -51.22
N LYS B 321 -4.33 6.46 -51.04
CA LYS B 321 -4.79 6.89 -49.72
C LYS B 321 -6.27 7.25 -49.82
N SER B 322 -6.95 7.31 -48.68
CA SER B 322 -8.39 7.57 -48.68
C SER B 322 -8.70 9.01 -49.04
N GLU B 323 -9.89 9.22 -49.61
CA GLU B 323 -10.42 10.54 -49.90
C GLU B 323 -11.91 10.54 -49.56
N GLY B 324 -12.26 9.94 -48.43
CA GLY B 324 -13.66 9.86 -48.03
C GLY B 324 -13.82 9.12 -46.73
N TYR B 325 -15.07 8.92 -46.35
CA TYR B 325 -15.43 8.23 -45.11
C TYR B 325 -15.38 6.73 -45.37
N ASN B 326 -14.25 6.12 -45.03
CA ASN B 326 -14.04 4.69 -45.16
C ASN B 326 -13.27 4.20 -43.94
N ASP B 327 -13.15 2.87 -43.83
CA ASP B 327 -12.30 2.30 -42.80
C ASP B 327 -10.84 2.67 -43.02
N LEU B 328 -10.42 2.79 -44.29
CA LEU B 328 -9.02 3.06 -44.60
C LEU B 328 -8.58 4.43 -44.11
N SER B 329 -9.49 5.41 -44.07
CA SER B 329 -9.15 6.73 -43.56
C SER B 329 -8.79 6.67 -42.07
N LEU B 330 -9.50 5.81 -41.32
CA LEU B 330 -9.18 5.62 -39.91
C LEU B 330 -7.93 4.77 -39.73
N TYR B 331 -7.72 3.79 -40.62
CA TYR B 331 -6.51 2.99 -40.57
C TYR B 331 -5.28 3.84 -40.85
N ASN B 332 -5.41 4.85 -41.72
CA ASN B 332 -4.30 5.76 -41.97
C ASN B 332 -3.94 6.54 -40.71
N LEU B 333 -4.94 6.97 -39.94
CA LEU B 333 -4.66 7.72 -38.72
C LEU B 333 -4.03 6.83 -37.65
N PHE B 334 -4.55 5.62 -37.47
CA PHE B 334 -3.94 4.71 -36.49
C PHE B 334 -2.55 4.28 -36.96
N LEU B 335 -2.34 4.16 -38.26
CA LEU B 335 -1.01 3.93 -38.80
C LEU B 335 -0.09 5.09 -38.46
N GLU B 336 -0.52 6.33 -38.73
CA GLU B 336 0.32 7.49 -38.45
C GLU B 336 0.60 7.66 -36.96
N GLU B 337 -0.29 7.13 -36.11
CA GLU B 337 0.03 7.01 -34.69
C GLU B 337 1.15 6.00 -34.45
N ASN B 338 1.01 4.78 -35.00
CA ASN B 338 1.83 3.63 -34.58
C ASN B 338 3.02 3.29 -35.49
N ILE B 339 3.25 4.03 -36.57
CA ILE B 339 4.23 3.63 -37.58
C ILE B 339 5.64 4.05 -37.17
N SER B 340 5.76 5.08 -36.31
CA SER B 340 7.07 5.44 -35.79
C SER B 340 7.65 4.32 -34.93
N GLU B 341 6.79 3.53 -34.28
CA GLU B 341 7.26 2.36 -33.54
C GLU B 341 7.83 1.28 -34.45
N VAL B 342 7.45 1.26 -35.73
CA VAL B 342 7.92 0.21 -36.64
C VAL B 342 9.41 0.39 -36.87
N LYS B 343 10.13 -0.74 -36.93
CA LYS B 343 11.57 -0.79 -37.16
C LYS B 343 11.89 -0.16 -38.52
N SER B 344 11.28 -0.68 -39.59
CA SER B 344 11.68 -0.26 -40.96
C SER B 344 11.24 1.16 -41.34
N TYR B 345 10.08 1.62 -40.87
CA TYR B 345 9.57 2.90 -41.36
C TYR B 345 10.51 4.03 -41.00
N LYS B 346 11.15 3.96 -39.83
CA LYS B 346 12.03 5.04 -39.40
C LYS B 346 13.26 5.13 -40.31
N CYS B 347 13.85 3.97 -40.64
CA CYS B 347 14.99 3.94 -41.55
C CYS B 347 14.60 4.44 -42.93
N LEU B 348 13.47 3.96 -43.47
CA LEU B 348 13.07 4.37 -44.81
C LEU B 348 12.62 5.83 -44.83
N LYS B 349 12.09 6.34 -43.73
CA LYS B 349 11.76 7.76 -43.64
C LYS B 349 13.02 8.61 -43.57
N VAL B 350 14.08 8.09 -42.95
CA VAL B 350 15.36 8.79 -42.99
C VAL B 350 15.89 8.83 -44.41
N LEU B 351 15.75 7.72 -45.14
CA LEU B 351 16.10 7.69 -46.56
C LEU B 351 15.28 8.71 -47.37
N GLU B 352 13.99 8.87 -47.02
CA GLU B 352 13.17 9.87 -47.70
C GLU B 352 13.57 11.29 -47.32
N ASN B 353 13.97 11.49 -46.06
CA ASN B 353 14.32 12.83 -45.60
C ASN B 353 15.60 13.33 -46.24
N ILE B 354 16.59 12.44 -46.42
CA ILE B 354 17.83 12.86 -47.09
C ILE B 354 17.56 13.20 -48.56
N LYS B 355 16.61 12.49 -49.19
CA LYS B 355 16.16 12.88 -50.52
C LYS B 355 15.48 14.24 -50.48
N SER B 356 14.72 14.51 -49.42
CA SER B 356 14.08 15.82 -49.26
C SER B 356 15.11 16.93 -49.12
N SER B 357 16.28 16.62 -48.55
CA SER B 357 17.36 17.60 -48.50
C SER B 357 17.84 17.96 -49.90
N ASP B 362 19.60 7.92 -56.30
CA ASP B 362 19.86 6.47 -56.50
C ASP B 362 19.66 5.76 -55.16
N PRO B 363 19.09 4.53 -55.13
CA PRO B 363 18.81 3.83 -53.87
C PRO B 363 19.98 3.01 -53.32
N MET B 364 21.22 3.41 -53.64
CA MET B 364 22.42 2.74 -53.16
C MET B 364 22.53 2.85 -51.63
N LEU B 365 22.13 3.99 -51.10
CA LEU B 365 22.18 4.28 -49.67
C LEU B 365 21.32 3.29 -48.87
N LEU B 366 20.17 2.92 -49.41
CA LEU B 366 19.28 1.99 -48.72
C LEU B 366 19.97 0.65 -48.49
N LEU B 367 20.71 0.16 -49.48
CA LEU B 367 21.45 -1.09 -49.35
C LEU B 367 22.50 -0.90 -48.26
N THR B 368 23.11 0.29 -48.26
CA THR B 368 24.13 0.64 -47.28
C THR B 368 23.52 0.82 -45.89
N ASN B 369 22.31 1.35 -45.81
CA ASN B 369 21.67 1.56 -44.51
C ASN B 369 21.34 0.23 -43.84
N LEU B 370 20.83 -0.73 -44.60
CA LEU B 370 20.47 -2.06 -44.10
C LEU B 370 19.39 -1.98 -43.02
N ALA C 2 -13.37 9.61 -1.04
CA ALA C 2 -14.13 10.61 -1.77
C ALA C 2 -14.99 9.96 -2.85
N ILE C 3 -15.96 10.71 -3.35
CA ILE C 3 -16.83 10.22 -4.42
C ILE C 3 -16.03 9.96 -5.70
N ALA C 4 -15.03 10.81 -5.97
CA ALA C 4 -14.22 10.63 -7.16
C ALA C 4 -13.28 9.44 -7.01
N GLN C 5 -12.74 9.24 -5.80
CA GLN C 5 -11.96 8.03 -5.54
C GLN C 5 -12.82 6.78 -5.67
N LEU C 6 -14.07 6.86 -5.22
CA LEU C 6 -15.02 5.77 -5.40
C LEU C 6 -15.28 5.50 -6.88
N ALA C 7 -15.42 6.57 -7.66
CA ALA C 7 -15.67 6.42 -9.10
C ALA C 7 -14.48 5.78 -9.79
N THR C 8 -13.26 6.18 -9.44
CA THR C 8 -12.07 5.54 -9.98
C THR C 8 -11.97 4.08 -9.50
N GLU C 9 -12.47 3.80 -8.29
CA GLU C 9 -12.39 2.44 -7.76
C GLU C 9 -13.33 1.50 -8.52
N TYR C 10 -14.51 1.98 -8.91
CA TYR C 10 -15.55 1.13 -9.53
C TYR C 10 -15.69 1.31 -11.04
N VAL C 11 -15.98 2.53 -11.50
CA VAL C 11 -16.35 2.71 -12.91
C VAL C 11 -15.12 2.63 -13.80
N PHE C 12 -14.06 3.36 -13.45
CA PHE C 12 -12.90 3.52 -14.32
C PHE C 12 -11.80 2.49 -14.10
N SER C 13 -11.78 1.83 -12.94
CA SER C 13 -10.84 0.73 -12.72
C SER C 13 -11.33 -0.52 -13.45
N ASP C 14 -10.56 -1.61 -13.29
CA ASP C 14 -10.93 -2.86 -13.95
C ASP C 14 -12.18 -3.46 -13.32
N PHE C 15 -12.23 -3.54 -11.99
CA PHE C 15 -13.31 -4.18 -11.22
C PHE C 15 -13.35 -5.65 -11.66
N LEU C 16 -14.48 -6.21 -12.10
CA LEU C 16 -14.59 -7.61 -12.50
C LEU C 16 -14.38 -7.77 -14.00
N LEU C 17 -13.30 -7.17 -14.52
CA LEU C 17 -12.94 -7.17 -15.94
C LEU C 17 -11.63 -7.89 -16.19
N LYS C 18 -10.59 -7.57 -15.41
CA LYS C 18 -9.33 -8.32 -15.51
C LYS C 18 -9.53 -9.77 -15.09
N GLU C 19 -10.33 -10.00 -14.05
CA GLU C 19 -10.60 -11.34 -13.56
C GLU C 19 -11.84 -11.36 -12.68
N LYS C 26 -5.88 -14.09 -19.73
CA LYS C 26 -5.02 -13.23 -20.54
C LYS C 26 -4.97 -13.75 -21.97
N GLY C 27 -4.36 -14.91 -22.15
CA GLY C 27 -4.35 -15.54 -23.47
C GLY C 27 -5.74 -15.97 -23.90
N LEU C 28 -6.52 -16.51 -22.96
CA LEU C 28 -7.85 -17.06 -23.20
C LEU C 28 -8.89 -16.26 -22.41
N ARG C 29 -10.06 -16.08 -23.00
CA ARG C 29 -11.18 -15.32 -22.42
C ARG C 29 -12.39 -16.26 -22.28
N LEU C 30 -12.55 -16.81 -21.07
CA LEU C 30 -13.67 -17.71 -20.76
C LEU C 30 -14.95 -16.99 -20.33
N GLU C 31 -15.08 -15.69 -20.58
CA GLU C 31 -16.31 -14.93 -20.36
C GLU C 31 -16.42 -13.96 -21.54
N LEU C 32 -17.23 -14.33 -22.52
CA LEU C 32 -17.34 -13.59 -23.76
C LEU C 32 -17.92 -12.19 -23.55
N ALA C 33 -17.93 -11.40 -24.63
CA ALA C 33 -18.43 -10.01 -24.53
C ALA C 33 -19.87 -9.98 -24.02
N VAL C 34 -20.34 -8.81 -23.56
CA VAL C 34 -21.72 -8.65 -23.00
C VAL C 34 -21.76 -9.30 -21.61
N ASP C 35 -21.45 -10.60 -21.52
CA ASP C 35 -21.41 -11.28 -20.19
C ASP C 35 -20.62 -10.40 -19.20
N LYS C 36 -19.33 -10.19 -19.45
CA LYS C 36 -18.51 -9.37 -18.57
C LYS C 36 -19.12 -7.98 -18.40
N MET C 37 -19.60 -7.37 -19.49
CA MET C 37 -20.25 -6.07 -19.44
C MET C 37 -21.48 -6.09 -18.55
N VAL C 38 -22.37 -7.06 -18.76
CA VAL C 38 -23.61 -7.16 -17.99
C VAL C 38 -23.29 -7.46 -16.53
N THR C 39 -22.36 -8.38 -16.27
CA THR C 39 -22.00 -8.73 -14.90
C THR C 39 -21.39 -7.54 -14.17
N CYS C 40 -20.47 -6.81 -14.82
CA CYS C 40 -19.83 -5.68 -14.18
C CYS C 40 -20.82 -4.57 -13.87
N ILE C 41 -21.69 -4.22 -14.82
CA ILE C 41 -22.68 -3.17 -14.57
C ILE C 41 -23.66 -3.60 -13.49
N ALA C 42 -24.22 -4.81 -13.61
CA ALA C 42 -25.27 -5.26 -12.71
C ALA C 42 -24.75 -5.45 -11.29
N VAL C 43 -23.51 -5.94 -11.15
CA VAL C 43 -22.95 -6.16 -9.81
C VAL C 43 -22.48 -4.84 -9.21
N GLY C 44 -21.77 -4.01 -9.98
CA GLY C 44 -21.11 -2.86 -9.39
C GLY C 44 -22.01 -1.65 -9.22
N LEU C 45 -23.13 -1.59 -9.97
CA LEU C 45 -23.99 -0.41 -9.88
C LEU C 45 -24.74 -0.34 -8.54
N PRO C 46 -25.24 -1.43 -7.95
CA PRO C 46 -25.67 -1.31 -6.54
C PRO C 46 -24.55 -0.92 -5.61
N LEU C 47 -23.33 -1.44 -5.83
CA LEU C 47 -22.18 -1.06 -5.00
C LEU C 47 -21.85 0.41 -5.18
N LEU C 48 -21.81 0.87 -6.44
CA LEU C 48 -21.48 2.26 -6.74
C LEU C 48 -22.54 3.20 -6.17
N LEU C 49 -23.82 2.87 -6.32
CA LEU C 49 -24.87 3.73 -5.83
C LEU C 49 -25.03 3.68 -4.32
N ILE C 50 -24.70 2.57 -3.66
CA ILE C 50 -24.65 2.56 -2.20
C ILE C 50 -23.52 3.47 -1.72
N SER C 51 -22.34 3.36 -2.35
CA SER C 51 -21.21 4.16 -1.91
C SER C 51 -21.44 5.64 -2.23
N LEU C 52 -22.16 5.93 -3.31
CA LEU C 52 -22.59 7.30 -3.59
C LEU C 52 -23.65 7.77 -2.59
N ALA C 53 -24.45 6.85 -2.05
CA ALA C 53 -25.50 7.23 -1.11
C ALA C 53 -24.92 7.83 0.17
N PHE C 54 -23.80 7.27 0.64
CA PHE C 54 -23.13 7.67 1.87
C PHE C 54 -21.77 8.27 1.62
N ALA C 55 -21.63 9.06 0.56
CA ALA C 55 -20.40 9.80 0.32
C ALA C 55 -20.22 10.86 1.39
N GLN C 56 -19.01 11.40 1.48
CA GLN C 56 -18.68 12.41 2.48
C GLN C 56 -19.48 13.68 2.26
N GLU C 57 -19.66 14.08 1.00
CA GLU C 57 -20.32 15.35 0.70
C GLU C 57 -21.83 15.25 0.93
N ILE C 58 -22.42 14.10 0.62
CA ILE C 58 -23.87 14.00 0.53
C ILE C 58 -24.49 13.70 1.90
N SER C 59 -23.74 13.01 2.76
CA SER C 59 -24.22 12.69 4.11
C SER C 59 -24.04 13.91 5.00
N ILE C 60 -25.15 14.49 5.44
CA ILE C 60 -25.07 15.64 6.35
C ILE C 60 -24.55 15.21 7.71
N GLY C 61 -24.86 13.99 8.14
CA GLY C 61 -24.47 13.54 9.47
C GLY C 61 -25.23 12.30 9.88
N THR C 62 -25.83 12.34 11.07
CA THR C 62 -26.65 11.24 11.54
C THR C 62 -27.86 11.04 10.63
N GLN C 63 -28.19 9.78 10.39
CA GLN C 63 -29.19 9.45 9.37
C GLN C 63 -30.60 9.74 9.84
N ILE C 64 -30.86 9.57 11.15
CA ILE C 64 -32.13 9.87 11.78
C ILE C 64 -31.92 10.95 12.83
N SER C 65 -32.78 11.95 12.80
CA SER C 65 -32.91 12.96 13.83
C SER C 65 -34.39 13.03 14.16
N CYS C 66 -34.72 13.39 15.41
CA CYS C 66 -36.03 13.11 15.99
C CYS C 66 -36.65 14.27 16.76
N PHE C 67 -35.98 15.41 16.89
CA PHE C 67 -36.55 16.62 17.48
C PHE C 67 -36.97 16.41 18.94
N SER C 68 -35.98 16.18 19.79
CA SER C 68 -36.25 16.12 21.21
C SER C 68 -36.65 17.52 21.70
N PRO C 69 -37.33 17.63 22.84
CA PRO C 69 -37.59 18.96 23.39
C PRO C 69 -36.30 19.67 23.81
N SER C 70 -36.40 20.98 23.99
CA SER C 70 -35.26 21.76 24.44
C SER C 70 -34.83 21.37 25.85
N SER C 71 -35.77 20.89 26.67
CA SER C 71 -35.43 20.47 28.02
C SER C 71 -34.52 19.24 28.02
N PHE C 72 -34.63 18.39 27.00
CA PHE C 72 -33.77 17.22 26.92
C PHE C 72 -32.32 17.61 26.70
N SER C 73 -31.42 16.86 27.32
CA SER C 73 -29.99 17.09 27.18
C SER C 73 -29.47 16.52 25.87
N TRP C 74 -28.15 16.61 25.69
CA TRP C 74 -27.53 16.12 24.46
C TRP C 74 -27.65 14.61 24.34
N ARG C 75 -27.24 13.88 25.39
CA ARG C 75 -27.29 12.42 25.34
C ARG C 75 -28.71 11.89 25.45
N GLN C 76 -29.65 12.67 26.00
CA GLN C 76 -31.05 12.25 25.96
C GLN C 76 -31.58 12.27 24.53
N ALA C 77 -31.23 13.30 23.76
CA ALA C 77 -31.59 13.31 22.34
C ALA C 77 -30.85 12.22 21.58
N ALA C 78 -29.61 11.92 21.99
CA ALA C 78 -28.88 10.81 21.39
C ALA C 78 -29.60 9.48 21.65
N PHE C 79 -30.12 9.29 22.86
CA PHE C 79 -30.94 8.13 23.17
C PHE C 79 -32.17 8.08 22.28
N VAL C 80 -32.83 9.22 22.09
CA VAL C 80 -34.06 9.25 21.30
C VAL C 80 -33.77 8.85 19.86
N ASP C 81 -32.70 9.40 19.28
CA ASP C 81 -32.32 9.07 17.91
C ASP C 81 -31.94 7.60 17.78
N SER C 82 -31.10 7.10 18.69
CA SER C 82 -30.61 5.73 18.61
C SER C 82 -31.74 4.73 18.86
N TYR C 83 -32.63 5.03 19.81
CA TYR C 83 -33.76 4.16 20.10
C TYR C 83 -34.69 4.08 18.91
N CYS C 84 -35.01 5.22 18.27
CA CYS C 84 -35.97 5.17 17.18
C CYS C 84 -35.35 4.54 15.93
N TRP C 85 -34.02 4.69 15.76
CA TRP C 85 -33.30 3.91 14.75
C TRP C 85 -33.47 2.42 14.98
N ALA C 86 -33.27 1.97 16.23
CA ALA C 86 -33.49 0.56 16.53
C ALA C 86 -34.96 0.17 16.45
N ALA C 87 -35.87 1.13 16.70
CA ALA C 87 -37.29 0.85 16.87
C ALA C 87 -38.10 1.06 15.60
N VAL C 88 -37.45 1.32 14.46
CA VAL C 88 -38.13 1.02 13.19
C VAL C 88 -38.37 -0.49 13.04
N GLN C 89 -37.56 -1.34 13.69
CA GLN C 89 -37.72 -2.78 13.59
C GLN C 89 -39.06 -3.25 14.18
N GLN C 90 -39.27 -3.08 15.49
CA GLN C 90 -40.44 -3.64 16.15
C GLN C 90 -41.69 -2.86 15.76
N LYS C 91 -42.83 -3.56 15.71
CA LYS C 91 -44.06 -2.95 15.22
C LYS C 91 -44.66 -1.97 16.22
N ASN C 92 -44.69 -2.34 17.49
CA ASN C 92 -45.50 -1.61 18.47
C ASN C 92 -44.88 -0.27 18.84
N SER C 93 -43.56 -0.13 18.70
CA SER C 93 -42.88 1.04 19.26
C SER C 93 -43.21 2.33 18.50
N LEU C 94 -43.58 2.22 17.21
CA LEU C 94 -43.77 3.36 16.32
C LEU C 94 -45.12 3.25 15.62
N GLN C 95 -45.62 4.38 15.13
CA GLN C 95 -46.76 4.46 14.23
C GLN C 95 -46.38 5.36 13.07
N SER C 96 -46.85 5.01 11.86
CA SER C 96 -46.55 5.78 10.66
C SER C 96 -47.70 5.62 9.68
N GLU C 97 -47.88 6.66 8.84
CA GLU C 97 -48.93 6.62 7.84
C GLU C 97 -48.65 5.57 6.78
N SER C 98 -47.40 5.48 6.32
CA SER C 98 -47.06 4.51 5.28
C SER C 98 -47.11 3.09 5.81
N GLY C 99 -46.49 2.84 6.97
CA GLY C 99 -46.42 1.55 7.63
C GLY C 99 -45.02 1.25 8.09
N ASN C 100 -44.83 0.05 8.63
CA ASN C 100 -43.54 -0.40 9.12
C ASN C 100 -42.64 -0.94 8.02
N LEU C 101 -43.22 -1.55 6.99
CA LEU C 101 -42.44 -2.09 5.89
C LEU C 101 -41.62 -1.05 5.12
N PRO C 102 -42.15 0.11 4.70
CA PRO C 102 -41.27 1.08 4.02
C PRO C 102 -40.18 1.63 4.91
N LEU C 103 -40.41 1.76 6.22
CA LEU C 103 -39.34 2.16 7.11
C LEU C 103 -38.28 1.07 7.23
N TRP C 104 -38.71 -0.19 7.20
CA TRP C 104 -37.76 -1.31 7.14
C TRP C 104 -36.91 -1.22 5.88
N LEU C 105 -37.52 -0.89 4.74
CA LEU C 105 -36.77 -0.74 3.50
C LEU C 105 -35.82 0.46 3.58
N HIS C 106 -36.25 1.55 4.23
CA HIS C 106 -35.40 2.72 4.36
C HIS C 106 -34.17 2.43 5.21
N LYS C 107 -34.34 1.68 6.29
CA LYS C 107 -33.20 1.33 7.13
C LYS C 107 -32.24 0.39 6.40
N PHE C 108 -32.78 -0.61 5.69
CA PHE C 108 -32.01 -1.66 5.03
C PHE C 108 -32.03 -1.53 3.51
N PHE C 109 -32.14 -0.31 2.99
CA PHE C 109 -31.90 -0.09 1.57
C PHE C 109 -30.50 -0.51 1.11
N PRO C 110 -29.39 -0.14 1.78
CA PRO C 110 -28.09 -0.59 1.25
C PRO C 110 -27.87 -2.07 1.41
N TYR C 111 -28.41 -2.68 2.46
CA TYR C 111 -28.37 -4.12 2.62
C TYR C 111 -29.09 -4.81 1.46
N ILE C 112 -30.25 -4.28 1.06
CA ILE C 112 -31.04 -4.94 0.02
C ILE C 112 -30.36 -4.78 -1.33
N LEU C 113 -29.83 -3.59 -1.61
CA LEU C 113 -29.12 -3.41 -2.88
C LEU C 113 -27.82 -4.21 -2.95
N LEU C 114 -27.09 -4.35 -1.83
CA LEU C 114 -25.93 -5.23 -1.81
C LEU C 114 -26.33 -6.69 -1.97
N LEU C 115 -27.49 -7.07 -1.41
CA LEU C 115 -27.99 -8.42 -1.60
C LEU C 115 -28.29 -8.67 -3.07
N PHE C 116 -28.87 -7.69 -3.75
CA PHE C 116 -29.08 -7.83 -5.19
C PHE C 116 -27.77 -7.87 -5.95
N ALA C 117 -26.75 -7.13 -5.50
CA ALA C 117 -25.45 -7.19 -6.17
C ALA C 117 -24.81 -8.56 -6.04
N ILE C 118 -24.88 -9.15 -4.84
CA ILE C 118 -24.32 -10.48 -4.65
C ILE C 118 -25.14 -11.52 -5.41
N LEU C 119 -26.47 -11.35 -5.44
CA LEU C 119 -27.32 -12.27 -6.18
C LEU C 119 -27.06 -12.19 -7.68
N LEU C 120 -26.70 -11.00 -8.17
CA LEU C 120 -26.29 -10.86 -9.57
C LEU C 120 -24.90 -11.42 -9.81
N TYR C 121 -24.06 -11.43 -8.77
CA TYR C 121 -22.74 -12.04 -8.89
C TYR C 121 -22.77 -13.56 -8.84
N LEU C 122 -23.83 -14.17 -8.27
CA LEU C 122 -23.92 -15.64 -8.19
C LEU C 122 -23.89 -16.39 -9.53
N PRO C 123 -24.67 -16.03 -10.56
CA PRO C 123 -24.63 -16.83 -11.81
C PRO C 123 -23.32 -16.69 -12.57
N PRO C 124 -22.70 -15.49 -12.65
CA PRO C 124 -21.31 -15.46 -13.19
C PRO C 124 -20.32 -16.27 -12.37
N LEU C 125 -20.48 -16.36 -11.05
CA LEU C 125 -19.57 -17.17 -10.25
C LEU C 125 -19.79 -18.66 -10.51
N PHE C 126 -21.06 -19.07 -10.61
CA PHE C 126 -21.36 -20.46 -10.91
C PHE C 126 -20.92 -20.83 -12.32
N TRP C 127 -20.89 -19.84 -13.22
CA TRP C 127 -20.23 -20.04 -14.51
C TRP C 127 -18.72 -20.16 -14.34
N ARG C 128 -18.13 -19.35 -13.46
CA ARG C 128 -16.67 -19.30 -13.37
C ARG C 128 -16.11 -20.54 -12.70
N PHE C 129 -16.95 -21.33 -11.99
CA PHE C 129 -16.56 -22.66 -11.50
C PHE C 129 -17.14 -23.82 -12.31
N ALA C 130 -18.46 -23.92 -12.46
CA ALA C 130 -19.06 -25.17 -12.91
C ALA C 130 -18.76 -25.45 -14.38
N ALA C 131 -18.78 -24.41 -15.23
CA ALA C 131 -18.68 -24.53 -16.67
C ALA C 131 -17.41 -23.90 -17.26
N ALA C 132 -16.74 -23.00 -16.52
CA ALA C 132 -15.53 -22.34 -17.02
C ALA C 132 -14.35 -23.26 -17.33
N PRO C 133 -13.98 -24.27 -16.47
CA PRO C 133 -12.88 -25.17 -16.87
C PRO C 133 -13.15 -25.98 -18.13
N HIS C 134 -14.39 -26.40 -18.35
CA HIS C 134 -14.71 -27.21 -19.52
C HIS C 134 -14.57 -26.41 -20.81
N ILE C 135 -15.20 -25.23 -20.86
CA ILE C 135 -15.06 -24.33 -22.01
C ILE C 135 -13.62 -23.87 -22.19
N CYS C 136 -12.91 -23.56 -21.10
CA CYS C 136 -11.49 -23.23 -21.13
C CYS C 136 -10.63 -24.29 -21.80
N SER C 137 -10.70 -25.53 -21.30
CA SER C 137 -9.85 -26.59 -21.81
C SER C 137 -10.21 -26.94 -23.25
N ASP C 138 -11.52 -27.04 -23.54
CA ASP C 138 -11.98 -27.38 -24.88
C ASP C 138 -11.58 -26.31 -25.90
N LEU C 139 -11.74 -25.04 -25.56
CA LEU C 139 -11.42 -23.98 -26.50
C LEU C 139 -9.93 -23.88 -26.75
N LYS C 140 -9.10 -24.00 -25.70
CA LYS C 140 -7.66 -23.92 -25.95
C LYS C 140 -7.16 -25.13 -26.73
N PHE C 141 -7.77 -26.30 -26.52
CA PHE C 141 -7.43 -27.45 -27.34
C PHE C 141 -7.82 -27.23 -28.80
N ILE C 142 -8.97 -26.62 -29.05
CA ILE C 142 -9.42 -26.36 -30.42
C ILE C 142 -8.48 -25.35 -31.09
N MET C 143 -8.07 -24.30 -30.36
CA MET C 143 -7.09 -23.34 -30.88
C MET C 143 -5.77 -24.00 -31.23
N GLU C 144 -5.27 -24.87 -30.34
CA GLU C 144 -4.01 -25.57 -30.61
C GLU C 144 -4.13 -26.50 -31.82
N GLU C 145 -5.25 -27.21 -31.94
CA GLU C 145 -5.44 -28.12 -33.05
C GLU C 145 -5.55 -27.37 -34.38
N LEU C 146 -6.24 -26.22 -34.38
CA LEU C 146 -6.34 -25.42 -35.60
C LEU C 146 -4.99 -24.84 -36.00
N ASP C 147 -4.18 -24.44 -35.01
CA ASP C 147 -2.82 -23.99 -35.33
C ASP C 147 -1.99 -25.12 -35.92
N LYS C 148 -2.13 -26.34 -35.40
CA LYS C 148 -1.42 -27.47 -35.97
C LYS C 148 -1.89 -27.76 -37.39
N VAL C 149 -3.20 -27.61 -37.65
CA VAL C 149 -3.73 -27.84 -38.98
C VAL C 149 -3.17 -26.83 -39.97
N TYR C 150 -3.11 -25.54 -39.58
CA TYR C 150 -2.53 -24.55 -40.48
C TYR C 150 -1.03 -24.76 -40.66
N ASN C 151 -0.33 -25.23 -39.63
CA ASN C 151 1.08 -25.52 -39.78
C ASN C 151 1.31 -26.66 -40.76
N ARG C 152 0.47 -27.70 -40.69
CA ARG C 152 0.56 -28.80 -41.65
C ARG C 152 0.22 -28.32 -43.07
N ALA C 153 -0.77 -27.44 -43.20
CA ALA C 153 -1.12 -26.91 -44.50
C ALA C 153 0.00 -26.06 -45.08
N ILE C 154 0.66 -25.26 -44.25
CA ILE C 154 1.77 -24.44 -44.70
C ILE C 154 2.96 -25.31 -45.10
N LYS C 155 3.19 -26.40 -44.34
CA LYS C 155 4.25 -27.32 -44.71
C LYS C 155 3.96 -28.01 -46.04
N ALA C 156 2.69 -28.36 -46.27
CA ALA C 156 2.31 -28.96 -47.54
C ALA C 156 2.46 -27.97 -48.69
N ALA C 157 2.10 -26.71 -48.46
CA ALA C 157 2.17 -25.70 -49.52
C ALA C 157 3.62 -25.39 -49.89
N LYS C 158 4.50 -25.31 -48.90
CA LYS C 158 5.90 -24.99 -49.14
C LYS C 158 6.60 -26.14 -49.88
N LYS C 192 -4.35 -37.58 -41.45
CA LYS C 192 -5.30 -38.28 -42.31
C LYS C 192 -6.74 -37.93 -41.90
N TYR C 193 -7.10 -38.30 -40.68
CA TYR C 193 -8.43 -38.08 -40.14
C TYR C 193 -8.46 -36.75 -39.38
N PRO C 194 -9.28 -35.76 -39.77
CA PRO C 194 -9.28 -34.51 -38.99
C PRO C 194 -10.00 -34.72 -37.67
N ILE C 195 -9.24 -34.63 -36.57
CA ILE C 195 -9.83 -34.80 -35.23
C ILE C 195 -10.78 -33.65 -34.90
N VAL C 196 -10.50 -32.45 -35.43
CA VAL C 196 -11.25 -31.26 -35.04
C VAL C 196 -12.70 -31.35 -35.52
N GLU C 197 -12.93 -31.90 -36.72
CA GLU C 197 -14.29 -31.97 -37.27
C GLU C 197 -15.18 -32.90 -36.46
N GLN C 198 -14.69 -34.10 -36.16
CA GLN C 198 -15.49 -35.05 -35.39
C GLN C 198 -15.60 -34.64 -33.92
N TYR C 199 -14.55 -34.03 -33.36
CA TYR C 199 -14.62 -33.51 -32.00
C TYR C 199 -15.58 -32.33 -31.92
N LEU C 200 -15.76 -31.60 -33.02
CA LEU C 200 -16.77 -30.56 -33.09
C LEU C 200 -18.17 -31.15 -33.21
N LYS C 201 -18.31 -32.24 -33.98
CA LYS C 201 -19.61 -32.88 -34.16
C LYS C 201 -20.13 -33.51 -32.87
N THR C 202 -19.24 -34.17 -32.11
CA THR C 202 -19.70 -34.82 -30.87
C THR C 202 -20.15 -33.80 -29.82
N LYS C 203 -19.62 -32.58 -29.86
CA LYS C 203 -20.14 -31.49 -29.03
C LYS C 203 -21.37 -30.84 -29.66
N LYS C 204 -21.56 -30.99 -30.98
CA LYS C 204 -22.86 -30.64 -31.57
C LYS C 204 -23.95 -31.52 -30.98
N ASN C 205 -23.64 -32.79 -30.75
CA ASN C 205 -24.62 -33.69 -30.14
C ASN C 205 -24.94 -33.28 -28.70
N SER C 206 -23.93 -32.87 -27.94
CA SER C 206 -24.11 -32.59 -26.51
C SER C 206 -24.70 -31.19 -26.31
N ASN C 207 -25.43 -31.03 -25.18
CA ASN C 207 -26.04 -29.76 -24.81
C ASN C 207 -26.00 -29.48 -23.30
N ASN C 208 -25.06 -30.08 -22.56
CA ASN C 208 -24.99 -29.83 -21.12
C ASN C 208 -24.47 -28.43 -20.83
N LEU C 209 -23.43 -28.01 -21.54
CA LEU C 209 -22.79 -26.73 -21.27
C LEU C 209 -23.70 -25.56 -21.62
N ILE C 210 -24.45 -25.66 -22.73
CA ILE C 210 -25.40 -24.61 -23.07
C ILE C 210 -26.53 -24.56 -22.05
N ILE C 211 -26.92 -25.72 -21.50
CA ILE C 211 -27.93 -25.72 -20.44
C ILE C 211 -27.42 -24.96 -19.22
N LYS C 212 -26.15 -25.16 -18.87
CA LYS C 212 -25.54 -24.40 -17.79
C LYS C 212 -25.51 -22.89 -18.11
N TYR C 213 -25.16 -22.55 -19.36
CA TYR C 213 -25.06 -21.14 -19.76
C TYR C 213 -26.43 -20.45 -19.71
N ILE C 214 -27.45 -21.09 -20.28
CA ILE C 214 -28.78 -20.51 -20.29
C ILE C 214 -29.36 -20.49 -18.88
N SER C 215 -28.99 -21.45 -18.02
CA SER C 215 -29.42 -21.37 -16.62
C SER C 215 -28.80 -20.17 -15.93
N CYS C 216 -27.52 -19.89 -16.19
CA CYS C 216 -26.86 -18.72 -15.62
C CYS C 216 -27.52 -17.43 -16.09
N ARG C 217 -27.74 -17.30 -17.39
CA ARG C 217 -28.33 -16.07 -17.92
C ARG C 217 -29.80 -15.93 -17.52
N LEU C 218 -30.52 -17.04 -17.38
CA LEU C 218 -31.91 -16.97 -16.94
C LEU C 218 -32.00 -16.54 -15.49
N LEU C 219 -31.10 -17.06 -14.64
CA LEU C 219 -31.05 -16.61 -13.25
C LEU C 219 -30.69 -15.13 -13.17
N THR C 220 -29.77 -14.68 -14.02
CA THR C 220 -29.41 -13.26 -14.06
C THR C 220 -30.60 -12.40 -14.48
N LEU C 221 -31.35 -12.85 -15.50
CA LEU C 221 -32.52 -12.09 -15.95
C LEU C 221 -33.61 -12.05 -14.89
N ILE C 222 -33.84 -13.18 -14.20
CA ILE C 222 -34.86 -13.24 -13.16
C ILE C 222 -34.48 -12.31 -12.00
N ILE C 223 -33.20 -12.30 -11.63
CA ILE C 223 -32.76 -11.44 -10.54
C ILE C 223 -32.83 -9.97 -10.95
N ILE C 224 -32.54 -9.68 -12.22
CA ILE C 224 -32.67 -8.30 -12.72
C ILE C 224 -34.13 -7.86 -12.67
N LEU C 225 -35.05 -8.74 -13.06
CA LEU C 225 -36.46 -8.39 -13.01
C LEU C 225 -36.95 -8.21 -11.57
N LEU C 226 -36.47 -9.04 -10.65
CA LEU C 226 -36.84 -8.88 -9.24
C LEU C 226 -36.29 -7.58 -8.67
N ALA C 227 -35.05 -7.22 -9.04
CA ALA C 227 -34.48 -5.95 -8.61
C ALA C 227 -35.25 -4.78 -9.22
N CYS C 228 -35.70 -4.93 -10.46
CA CYS C 228 -36.52 -3.89 -11.08
C CYS C 228 -37.84 -3.70 -10.35
N ILE C 229 -38.46 -4.83 -9.94
CA ILE C 229 -39.70 -4.77 -9.18
C ILE C 229 -39.48 -4.06 -7.85
N TYR C 230 -38.39 -4.41 -7.15
CA TYR C 230 -38.10 -3.78 -5.87
C TYR C 230 -37.81 -2.29 -6.03
N LEU C 231 -37.03 -1.92 -7.04
CA LEU C 231 -36.64 -0.53 -7.21
C LEU C 231 -37.82 0.32 -7.64
N GLY C 232 -38.70 -0.25 -8.48
CA GLY C 232 -39.92 0.46 -8.84
C GLY C 232 -40.85 0.65 -7.66
N TYR C 233 -40.96 -0.37 -6.81
CA TYR C 233 -41.78 -0.22 -5.61
C TYR C 233 -41.17 0.80 -4.64
N TYR C 234 -39.84 0.80 -4.52
CA TYR C 234 -39.18 1.68 -3.56
C TYR C 234 -39.25 3.13 -4.01
N PHE C 235 -39.01 3.39 -5.30
CA PHE C 235 -39.10 4.75 -5.80
C PHE C 235 -40.53 5.27 -5.78
N SER C 236 -41.51 4.39 -5.97
CA SER C 236 -42.92 4.78 -5.93
C SER C 236 -43.45 5.10 -4.53
N LEU C 237 -42.66 4.91 -3.48
CA LEU C 237 -43.05 5.33 -2.15
C LEU C 237 -43.22 6.85 -2.12
N SER C 238 -44.12 7.31 -1.24
CA SER C 238 -44.59 8.69 -1.27
C SER C 238 -43.50 9.72 -0.94
N SER C 239 -42.40 9.32 -0.28
CA SER C 239 -41.29 10.13 0.22
C SER C 239 -41.63 10.84 1.53
N LEU C 240 -42.88 10.77 2.01
CA LEU C 240 -43.20 10.96 3.42
C LEU C 240 -43.17 9.65 4.21
N SER C 241 -42.79 8.53 3.59
CA SER C 241 -42.62 7.30 4.35
C SER C 241 -41.48 7.42 5.34
N ASP C 242 -40.44 8.18 5.00
CA ASP C 242 -39.36 8.46 5.94
C ASP C 242 -39.85 9.18 7.20
N GLU C 243 -40.91 9.99 7.10
CA GLU C 243 -41.48 10.64 8.27
C GLU C 243 -42.17 9.57 9.11
N PHE C 244 -41.90 9.55 10.40
CA PHE C 244 -42.63 8.68 11.31
C PHE C 244 -42.51 9.21 12.72
N VAL C 245 -43.37 8.68 13.60
CA VAL C 245 -43.42 9.03 15.02
C VAL C 245 -43.15 7.77 15.83
N CYS C 246 -42.23 7.90 16.80
CA CYS C 246 -41.83 6.82 17.70
C CYS C 246 -41.99 7.33 19.13
N SER C 247 -42.32 6.41 20.04
CA SER C 247 -42.46 6.69 21.46
C SER C 247 -41.36 5.95 22.22
N ILE C 248 -40.53 6.71 22.95
CA ILE C 248 -39.55 6.12 23.87
C ILE C 248 -40.23 5.90 25.21
N LYS C 249 -41.05 4.84 25.29
CA LYS C 249 -41.93 4.59 26.42
C LYS C 249 -42.00 3.10 26.81
N SER C 250 -41.17 2.27 26.18
CA SER C 250 -41.16 0.84 26.61
C SER C 250 -40.43 0.70 27.95
N GLY C 251 -40.81 -0.30 28.74
CA GLY C 251 -40.18 -0.54 30.02
C GLY C 251 -40.64 0.47 31.06
N ILE C 252 -39.69 0.94 31.88
CA ILE C 252 -40.02 1.85 32.98
C ILE C 252 -40.54 3.20 32.50
N LEU C 253 -40.19 3.63 31.27
CA LEU C 253 -40.65 4.91 30.77
C LEU C 253 -42.10 4.92 30.30
N ARG C 254 -42.81 3.79 30.40
CA ARG C 254 -44.25 3.78 30.14
C ARG C 254 -45.01 4.68 31.11
N ASN C 255 -44.58 4.71 32.38
CA ASN C 255 -45.27 5.41 33.46
C ASN C 255 -44.38 6.48 34.09
N ASP C 256 -43.63 7.21 33.25
CA ASP C 256 -42.81 8.35 33.67
C ASP C 256 -43.56 9.62 33.35
N SER C 257 -43.48 10.60 34.27
CA SER C 257 -44.32 11.79 34.17
C SER C 257 -43.98 12.66 32.97
N THR C 258 -42.68 12.98 32.79
CA THR C 258 -42.22 14.00 31.86
C THR C 258 -41.35 13.36 30.76
N VAL C 259 -42.02 12.84 29.73
CA VAL C 259 -41.41 12.52 28.43
C VAL C 259 -42.48 12.85 27.40
N PRO C 260 -42.16 13.36 26.21
CA PRO C 260 -43.20 13.44 25.16
C PRO C 260 -43.73 12.08 24.76
N ASP C 261 -45.01 12.04 24.41
CA ASP C 261 -45.66 10.78 24.03
C ASP C 261 -45.06 10.21 22.75
N GLN C 262 -44.67 11.09 21.82
CA GLN C 262 -44.14 10.68 20.53
C GLN C 262 -43.27 11.78 19.94
N PHE C 263 -42.34 11.37 19.08
CA PHE C 263 -41.24 12.19 18.60
C PHE C 263 -41.19 12.16 17.07
N GLN C 264 -41.28 13.33 16.45
CA GLN C 264 -41.27 13.39 14.99
C GLN C 264 -39.86 13.10 14.48
N CYS C 265 -39.73 12.01 13.71
CA CYS C 265 -38.47 11.57 13.15
C CYS C 265 -38.58 11.48 11.64
N LYS C 266 -37.50 11.88 10.96
CA LYS C 266 -37.32 11.71 9.53
C LYS C 266 -36.06 10.88 9.32
N LEU C 267 -36.14 9.91 8.42
CA LEU C 267 -34.98 9.14 7.99
C LEU C 267 -34.31 9.91 6.86
N ILE C 268 -33.18 10.56 7.17
CA ILE C 268 -32.50 11.37 6.18
C ILE C 268 -31.78 10.44 5.20
N ALA C 269 -31.65 10.89 3.96
CA ALA C 269 -31.11 10.22 2.78
C ALA C 269 -32.10 9.24 2.15
N VAL C 270 -33.35 9.18 2.60
CA VAL C 270 -34.35 8.36 1.92
C VAL C 270 -34.63 8.90 0.53
N GLY C 271 -34.66 10.23 0.39
CA GLY C 271 -34.81 10.81 -0.94
C GLY C 271 -33.61 10.53 -1.82
N ILE C 272 -32.41 10.51 -1.23
CA ILE C 272 -31.21 10.13 -1.97
C ILE C 272 -31.32 8.67 -2.40
N PHE C 273 -31.85 7.82 -1.51
CA PHE C 273 -32.08 6.42 -1.88
C PHE C 273 -33.08 6.29 -3.01
N GLN C 274 -34.12 7.14 -3.03
CA GLN C 274 -35.11 7.06 -4.09
C GLN C 274 -34.53 7.55 -5.43
N LEU C 275 -33.71 8.59 -5.39
CA LEU C 275 -33.05 9.06 -6.62
C LEU C 275 -32.11 8.00 -7.18
N LEU C 276 -31.29 7.41 -6.31
CA LEU C 276 -30.42 6.32 -6.74
C LEU C 276 -31.21 5.09 -7.16
N SER C 277 -32.41 4.90 -6.58
CA SER C 277 -33.25 3.78 -6.97
C SER C 277 -33.77 3.94 -8.38
N VAL C 278 -34.25 5.13 -8.74
CA VAL C 278 -34.73 5.34 -10.11
C VAL C 278 -33.58 5.28 -11.10
N ILE C 279 -32.38 5.72 -10.69
CA ILE C 279 -31.20 5.58 -11.56
C ILE C 279 -30.89 4.10 -11.79
N ASN C 280 -30.89 3.31 -10.72
CA ASN C 280 -30.61 1.87 -10.82
C ASN C 280 -31.69 1.16 -11.64
N LEU C 281 -32.94 1.56 -11.44
CA LEU C 281 -34.06 0.97 -12.18
C LEU C 281 -33.95 1.28 -13.66
N VAL C 282 -33.57 2.52 -14.01
CA VAL C 282 -33.42 2.89 -15.42
C VAL C 282 -32.30 2.09 -16.06
N VAL C 283 -31.17 1.95 -15.37
CA VAL C 283 -30.04 1.23 -15.95
C VAL C 283 -30.36 -0.26 -16.08
N TYR C 284 -31.06 -0.83 -15.09
CA TYR C 284 -31.41 -2.25 -15.17
C TYR C 284 -32.49 -2.50 -16.23
N VAL C 285 -33.40 -1.54 -16.42
CA VAL C 285 -34.41 -1.67 -17.47
C VAL C 285 -33.73 -1.62 -18.84
N LEU C 286 -32.67 -0.81 -18.97
CA LEU C 286 -31.88 -0.85 -20.19
C LEU C 286 -31.10 -2.16 -20.31
N LEU C 287 -30.65 -2.72 -19.19
CA LEU C 287 -29.80 -3.91 -19.23
C LEU C 287 -30.58 -5.17 -19.56
N ALA C 288 -31.84 -5.24 -19.13
CA ALA C 288 -32.62 -6.48 -19.28
C ALA C 288 -32.85 -6.91 -20.73
N PRO C 289 -33.14 -6.01 -21.70
CA PRO C 289 -33.16 -6.46 -23.11
C PRO C 289 -31.85 -7.03 -23.61
N VAL C 290 -30.72 -6.55 -23.09
CA VAL C 290 -29.43 -7.13 -23.48
C VAL C 290 -29.31 -8.56 -22.98
N VAL C 291 -29.83 -8.83 -21.77
CA VAL C 291 -29.78 -10.19 -21.25
C VAL C 291 -30.74 -11.09 -22.04
N VAL C 292 -31.90 -10.55 -22.41
CA VAL C 292 -32.86 -11.34 -23.21
C VAL C 292 -32.28 -11.65 -24.58
N TYR C 293 -31.53 -10.70 -25.16
CA TYR C 293 -30.78 -10.97 -26.38
C TYR C 293 -29.71 -12.03 -26.14
N THR C 294 -29.08 -12.01 -24.96
CA THR C 294 -28.03 -12.97 -24.66
C THR C 294 -28.59 -14.38 -24.49
N LEU C 295 -29.87 -14.51 -24.12
CA LEU C 295 -30.47 -15.84 -24.00
C LEU C 295 -30.51 -16.59 -25.33
N PHE C 296 -30.86 -15.90 -26.41
CA PHE C 296 -31.00 -16.54 -27.72
C PHE C 296 -29.60 -16.81 -28.25
N VAL C 297 -29.08 -17.99 -27.90
CA VAL C 297 -27.73 -18.37 -28.37
C VAL C 297 -27.63 -18.52 -29.88
N PRO C 298 -28.55 -19.21 -30.61
CA PRO C 298 -28.26 -19.43 -32.04
C PRO C 298 -28.45 -18.19 -32.90
N PHE C 299 -29.27 -17.23 -32.44
CA PHE C 299 -29.54 -16.00 -33.17
C PHE C 299 -28.32 -15.06 -33.21
N ARG C 300 -27.31 -15.26 -32.36
CA ARG C 300 -26.14 -14.37 -32.24
C ARG C 300 -25.35 -14.21 -33.52
N GLN C 301 -25.40 -15.20 -34.43
CA GLN C 301 -24.91 -15.05 -35.80
C GLN C 301 -23.42 -14.75 -35.90
N LYS C 302 -22.57 -15.70 -35.52
CA LYS C 302 -21.16 -15.61 -35.84
C LYS C 302 -20.99 -15.59 -37.35
N THR C 303 -20.18 -14.64 -37.85
CA THR C 303 -20.14 -14.32 -39.27
C THR C 303 -19.12 -15.19 -40.01
N ASP C 304 -19.35 -16.50 -39.94
CA ASP C 304 -18.55 -17.50 -40.65
C ASP C 304 -17.09 -17.46 -40.21
N VAL C 305 -16.88 -17.28 -38.91
CA VAL C 305 -15.51 -17.24 -38.38
C VAL C 305 -14.84 -18.60 -38.52
N LEU C 306 -15.61 -19.68 -38.32
CA LEU C 306 -15.08 -21.03 -38.50
C LEU C 306 -14.97 -21.39 -39.99
N LYS C 307 -15.78 -20.75 -40.84
CA LYS C 307 -15.74 -21.04 -42.28
C LYS C 307 -14.44 -20.61 -42.95
N VAL C 308 -13.65 -19.72 -42.32
CA VAL C 308 -12.39 -19.28 -42.89
C VAL C 308 -11.41 -20.44 -43.03
N TYR C 309 -11.45 -21.39 -42.09
CA TYR C 309 -10.56 -22.54 -42.18
C TYR C 309 -10.97 -23.50 -43.28
N GLU C 310 -12.24 -23.47 -43.71
CA GLU C 310 -12.66 -24.32 -44.82
C GLU C 310 -11.99 -23.93 -46.13
N ILE C 311 -11.58 -22.66 -46.28
CA ILE C 311 -10.97 -22.21 -47.52
C ILE C 311 -9.60 -22.88 -47.74
N LEU C 312 -8.91 -23.22 -46.66
CA LEU C 312 -7.59 -23.84 -46.80
C LEU C 312 -7.73 -25.25 -47.39
N PRO C 313 -6.78 -25.74 -48.19
CA PRO C 313 -6.96 -27.08 -48.75
C PRO C 313 -6.85 -28.20 -47.74
N THR C 314 -5.84 -28.15 -46.87
CA THR C 314 -5.61 -29.24 -45.92
C THR C 314 -6.72 -29.29 -44.87
N PHE C 315 -7.18 -28.13 -44.41
CA PHE C 315 -8.17 -28.05 -43.35
C PHE C 315 -9.57 -28.31 -43.94
N ASP C 316 -9.93 -29.58 -44.05
CA ASP C 316 -11.26 -29.99 -44.50
C ASP C 316 -12.29 -30.09 -43.38
N VAL C 317 -11.96 -29.64 -42.17
CA VAL C 317 -12.80 -29.84 -40.99
C VAL C 317 -13.61 -28.57 -40.70
N LEU C 318 -14.68 -28.72 -39.91
CA LEU C 318 -15.44 -27.58 -39.38
C LEU C 318 -16.15 -26.82 -40.49
N HIS C 319 -16.79 -27.54 -41.41
CA HIS C 319 -17.54 -26.90 -42.48
C HIS C 319 -18.85 -26.30 -41.99
N PHE C 320 -19.57 -27.03 -41.13
CA PHE C 320 -20.94 -26.68 -40.76
C PHE C 320 -20.95 -25.74 -39.55
N LYS C 321 -22.17 -25.41 -39.09
CA LYS C 321 -22.38 -24.54 -37.94
C LYS C 321 -23.72 -24.90 -37.31
N SER C 322 -23.92 -24.48 -36.06
CA SER C 322 -25.13 -24.84 -35.33
C SER C 322 -26.34 -24.11 -35.87
N GLU C 323 -27.51 -24.74 -35.72
CA GLU C 323 -28.81 -24.13 -36.04
C GLU C 323 -29.80 -24.51 -34.94
N GLY C 324 -29.36 -24.45 -33.69
CA GLY C 324 -30.22 -24.83 -32.59
C GLY C 324 -29.49 -24.71 -31.26
N TYR C 325 -30.20 -25.12 -30.21
CA TYR C 325 -29.67 -25.08 -28.84
C TYR C 325 -28.79 -26.30 -28.62
N ASN C 326 -27.48 -26.13 -28.80
CA ASN C 326 -26.49 -27.17 -28.60
C ASN C 326 -25.27 -26.55 -27.94
N ASP C 327 -24.34 -27.42 -27.52
CA ASP C 327 -23.06 -26.93 -27.03
C ASP C 327 -22.28 -26.22 -28.13
N LEU C 328 -22.42 -26.68 -29.38
CA LEU C 328 -21.65 -26.12 -30.49
C LEU C 328 -22.01 -24.66 -30.74
N SER C 329 -23.27 -24.28 -30.50
CA SER C 329 -23.67 -22.89 -30.70
C SER C 329 -22.93 -21.98 -29.72
N LEU C 330 -22.70 -22.45 -28.50
CA LEU C 330 -21.94 -21.67 -27.52
C LEU C 330 -20.46 -21.72 -27.82
N TYR C 331 -19.97 -22.85 -28.33
CA TYR C 331 -18.56 -22.95 -28.73
C TYR C 331 -18.27 -22.01 -29.90
N ASN C 332 -19.23 -21.81 -30.80
CA ASN C 332 -19.04 -20.84 -31.87
C ASN C 332 -18.89 -19.43 -31.33
N LEU C 333 -19.65 -19.08 -30.30
CA LEU C 333 -19.55 -17.73 -29.73
C LEU C 333 -18.23 -17.55 -28.99
N PHE C 334 -17.82 -18.55 -28.20
CA PHE C 334 -16.53 -18.43 -27.52
C PHE C 334 -15.38 -18.46 -28.52
N LEU C 335 -15.54 -19.20 -29.61
CA LEU C 335 -14.58 -19.16 -30.71
C LEU C 335 -14.50 -17.76 -31.30
N GLU C 336 -15.65 -17.17 -31.64
CA GLU C 336 -15.67 -15.83 -32.23
C GLU C 336 -15.13 -14.77 -31.28
N GLU C 337 -15.21 -15.02 -29.97
CA GLU C 337 -14.48 -14.20 -29.02
C GLU C 337 -12.96 -14.37 -29.16
N ASN C 338 -12.49 -15.62 -29.14
CA ASN C 338 -11.06 -15.93 -28.92
C ASN C 338 -10.25 -16.22 -30.19
N ILE C 339 -10.86 -16.20 -31.38
CA ILE C 339 -10.18 -16.68 -32.59
C ILE C 339 -9.28 -15.59 -33.19
N SER C 340 -9.57 -14.32 -32.89
CA SER C 340 -8.67 -13.26 -33.32
C SER C 340 -7.30 -13.37 -32.64
N GLU C 341 -7.26 -13.93 -31.43
CA GLU C 341 -5.99 -14.18 -30.77
C GLU C 341 -5.17 -15.26 -31.47
N VAL C 342 -5.82 -16.15 -32.24
CA VAL C 342 -5.10 -17.24 -32.90
C VAL C 342 -4.18 -16.66 -33.96
N LYS C 343 -2.98 -17.25 -34.07
CA LYS C 343 -1.97 -16.87 -35.05
C LYS C 343 -2.51 -17.03 -36.46
N SER C 344 -2.96 -18.24 -36.80
CA SER C 344 -3.32 -18.54 -38.21
C SER C 344 -4.63 -17.90 -38.68
N TYR C 345 -5.61 -17.73 -37.81
CA TYR C 345 -6.92 -17.27 -38.27
C TYR C 345 -6.81 -15.87 -38.86
N LYS C 346 -5.95 -15.03 -38.29
CA LYS C 346 -5.83 -13.65 -38.77
C LYS C 346 -5.25 -13.62 -40.18
N CYS C 347 -4.22 -14.43 -40.42
CA CYS C 347 -3.62 -14.52 -41.76
C CYS C 347 -4.62 -15.08 -42.76
N LEU C 348 -5.31 -16.17 -42.40
CA LEU C 348 -6.25 -16.77 -43.34
C LEU C 348 -7.49 -15.88 -43.54
N LYS C 349 -7.86 -15.09 -42.54
CA LYS C 349 -8.95 -14.13 -42.71
C LYS C 349 -8.52 -12.98 -43.61
N VAL C 350 -7.23 -12.61 -43.56
CA VAL C 350 -6.73 -11.62 -44.51
C VAL C 350 -6.78 -12.18 -45.93
N LEU C 351 -6.42 -13.46 -46.08
CA LEU C 351 -6.57 -14.14 -47.37
C LEU C 351 -8.03 -14.16 -47.84
N GLU C 352 -8.97 -14.34 -46.91
CA GLU C 352 -10.39 -14.31 -47.27
C GLU C 352 -10.84 -12.90 -47.62
N ASN C 353 -10.31 -11.89 -46.94
CA ASN C 353 -10.73 -10.51 -47.17
C ASN C 353 -10.28 -10.01 -48.54
N ILE C 354 -9.07 -10.39 -48.96
CA ILE C 354 -8.61 -9.98 -50.28
C ILE C 354 -9.44 -10.65 -51.37
N LYS C 355 -9.89 -11.89 -51.13
CA LYS C 355 -10.86 -12.52 -52.03
C LYS C 355 -12.18 -11.77 -52.02
N SER C 356 -12.59 -11.27 -50.85
CA SER C 356 -13.81 -10.46 -50.76
C SER C 356 -13.69 -9.17 -51.56
N SER C 357 -12.46 -8.62 -51.67
CA SER C 357 -12.25 -7.46 -52.53
C SER C 357 -12.53 -7.80 -53.99
N ASP C 362 -7.01 -18.07 -56.94
CA ASP C 362 -5.99 -19.14 -56.82
C ASP C 362 -5.30 -19.00 -55.45
N PRO C 363 -4.97 -20.10 -54.74
CA PRO C 363 -4.38 -20.02 -53.40
C PRO C 363 -2.85 -19.86 -53.38
N MET C 364 -2.28 -19.27 -54.44
CA MET C 364 -0.85 -19.02 -54.53
C MET C 364 -0.38 -18.06 -53.45
N LEU C 365 -1.22 -17.07 -53.15
CA LEU C 365 -0.93 -16.04 -52.15
C LEU C 365 -0.73 -16.65 -50.77
N LEU C 366 -1.50 -17.67 -50.43
CA LEU C 366 -1.39 -18.31 -49.12
C LEU C 366 0.01 -18.90 -48.93
N LEU C 367 0.56 -19.52 -49.97
CA LEU C 367 1.90 -20.08 -49.90
C LEU C 367 2.88 -18.93 -49.70
N THR C 368 2.60 -17.83 -50.39
CA THR C 368 3.42 -16.63 -50.31
C THR C 368 3.29 -15.96 -48.94
N ASN C 369 2.08 -15.99 -48.37
CA ASN C 369 1.87 -15.35 -47.06
C ASN C 369 2.64 -16.08 -45.96
N LEU C 370 2.62 -17.41 -45.99
CA LEU C 370 3.32 -18.25 -45.00
C LEU C 370 2.80 -18.00 -43.58
N ALA D 2 -16.00 1.34 3.79
CA ALA D 2 -17.39 1.38 3.35
C ALA D 2 -17.94 -0.03 3.17
N ILE D 3 -19.27 -0.14 3.11
CA ILE D 3 -19.91 -1.44 2.91
C ILE D 3 -19.55 -2.01 1.55
N ALA D 4 -19.40 -1.16 0.54
CA ALA D 4 -19.05 -1.64 -0.79
C ALA D 4 -17.58 -2.07 -0.84
N GLN D 5 -16.71 -1.35 -0.14
CA GLN D 5 -15.32 -1.78 -0.01
C GLN D 5 -15.23 -3.10 0.73
N LEU D 6 -16.08 -3.28 1.75
CA LEU D 6 -16.16 -4.55 2.47
C LEU D 6 -16.62 -5.67 1.54
N ALA D 7 -17.62 -5.37 0.70
CA ALA D 7 -18.13 -6.38 -0.24
C ALA D 7 -17.06 -6.78 -1.26
N THR D 8 -16.31 -5.81 -1.77
CA THR D 8 -15.20 -6.14 -2.65
C THR D 8 -14.10 -6.90 -1.91
N GLU D 9 -13.93 -6.63 -0.61
CA GLU D 9 -12.91 -7.31 0.16
C GLU D 9 -13.23 -8.78 0.37
N TYR D 10 -14.52 -9.11 0.58
CA TYR D 10 -14.93 -10.47 0.94
C TYR D 10 -15.61 -11.23 -0.21
N VAL D 11 -16.70 -10.70 -0.77
CA VAL D 11 -17.49 -11.50 -1.71
C VAL D 11 -16.81 -11.58 -3.06
N PHE D 12 -16.35 -10.44 -3.60
CA PHE D 12 -15.87 -10.36 -4.97
C PHE D 12 -14.36 -10.57 -5.09
N SER D 13 -13.60 -10.40 -4.01
CA SER D 13 -12.18 -10.73 -4.05
C SER D 13 -11.99 -12.24 -3.96
N ASP D 14 -10.72 -12.66 -3.94
CA ASP D 14 -10.41 -14.09 -3.87
C ASP D 14 -10.79 -14.67 -2.52
N PHE D 15 -10.39 -14.00 -1.44
CA PHE D 15 -10.56 -14.46 -0.05
C PHE D 15 -9.82 -15.80 0.07
N LEU D 16 -10.45 -16.88 0.54
CA LEU D 16 -9.79 -18.18 0.70
C LEU D 16 -9.98 -19.05 -0.54
N LEU D 17 -9.71 -18.49 -1.71
CA LEU D 17 -9.86 -19.14 -3.01
C LEU D 17 -8.53 -19.31 -3.73
N LYS D 18 -7.72 -18.25 -3.80
CA LYS D 18 -6.38 -18.37 -4.34
C LYS D 18 -5.52 -19.27 -3.48
N GLU D 19 -5.66 -19.16 -2.16
CA GLU D 19 -4.90 -19.99 -1.23
C GLU D 19 -5.54 -19.98 0.15
N LYS D 26 -1.57 -23.63 -7.83
CA LYS D 26 -1.70 -23.12 -9.19
C LYS D 26 -1.77 -24.28 -10.18
N GLY D 27 -0.66 -25.01 -10.30
CA GLY D 27 -0.66 -26.19 -11.14
C GLY D 27 -1.55 -27.29 -10.57
N LEU D 28 -1.52 -27.46 -9.25
CA LEU D 28 -2.23 -28.51 -8.54
C LEU D 28 -3.24 -27.88 -7.59
N ARG D 29 -4.40 -28.52 -7.44
CA ARG D 29 -5.52 -28.08 -6.60
C ARG D 29 -5.79 -29.15 -5.54
N LEU D 30 -5.23 -28.95 -4.34
CA LEU D 30 -5.39 -29.87 -3.22
C LEU D 30 -6.65 -29.58 -2.38
N GLU D 31 -7.62 -28.82 -2.90
CA GLU D 31 -8.92 -28.61 -2.26
C GLU D 31 -9.94 -28.60 -3.40
N LEU D 32 -10.61 -29.73 -3.60
CA LEU D 32 -11.49 -29.93 -4.73
C LEU D 32 -12.71 -29.00 -4.66
N ALA D 33 -13.53 -29.02 -5.71
CA ALA D 33 -14.72 -28.13 -5.78
C ALA D 33 -15.65 -28.39 -4.59
N VAL D 34 -16.56 -27.44 -4.33
CA VAL D 34 -17.51 -27.54 -3.17
C VAL D 34 -16.73 -27.27 -1.88
N ASP D 35 -15.68 -28.05 -1.59
CA ASP D 35 -14.86 -27.79 -0.38
C ASP D 35 -14.51 -26.30 -0.31
N LYS D 36 -13.76 -25.78 -1.29
CA LYS D 36 -13.41 -24.37 -1.30
C LYS D 36 -14.65 -23.49 -1.24
N MET D 37 -15.69 -23.84 -2.00
CA MET D 37 -16.95 -23.10 -2.00
C MET D 37 -17.59 -23.09 -0.61
N VAL D 38 -17.72 -24.27 0.01
CA VAL D 38 -18.33 -24.38 1.33
C VAL D 38 -17.49 -23.67 2.37
N THR D 39 -16.16 -23.84 2.34
CA THR D 39 -15.28 -23.20 3.30
C THR D 39 -15.34 -21.68 3.16
N CYS D 40 -15.30 -21.16 1.94
CA CYS D 40 -15.33 -19.72 1.74
C CYS D 40 -16.64 -19.10 2.21
N ILE D 41 -17.78 -19.72 1.84
CA ILE D 41 -19.07 -19.18 2.27
C ILE D 41 -19.21 -19.27 3.79
N ALA D 42 -18.92 -20.45 4.36
CA ALA D 42 -19.15 -20.67 5.78
C ALA D 42 -18.23 -19.83 6.65
N VAL D 43 -16.98 -19.63 6.22
CA VAL D 43 -16.04 -18.83 7.00
C VAL D 43 -16.32 -17.34 6.82
N GLY D 44 -16.53 -16.89 5.58
CA GLY D 44 -16.57 -15.46 5.33
C GLY D 44 -17.92 -14.83 5.59
N LEU D 45 -19.01 -15.63 5.62
CA LEU D 45 -20.33 -15.04 5.83
C LEU D 45 -20.53 -14.53 7.25
N PRO D 46 -20.05 -15.19 8.32
CA PRO D 46 -20.03 -14.49 9.61
C PRO D 46 -19.17 -13.25 9.59
N LEU D 47 -18.02 -13.29 8.90
CA LEU D 47 -17.17 -12.11 8.80
C LEU D 47 -17.87 -10.99 8.03
N LEU D 48 -18.49 -11.34 6.90
CA LEU D 48 -19.18 -10.37 6.07
C LEU D 48 -20.36 -9.76 6.81
N LEU D 49 -21.14 -10.59 7.51
CA LEU D 49 -22.31 -10.07 8.22
C LEU D 49 -21.95 -9.32 9.49
N ILE D 50 -20.83 -9.65 10.16
CA ILE D 50 -20.36 -8.82 11.25
C ILE D 50 -19.94 -7.45 10.73
N SER D 51 -19.19 -7.43 9.63
CA SER D 51 -18.71 -6.17 9.09
C SER D 51 -19.87 -5.34 8.54
N LEU D 52 -20.90 -6.01 8.01
CA LEU D 52 -22.13 -5.32 7.63
C LEU D 52 -22.90 -4.82 8.84
N ALA D 53 -22.77 -5.51 10.00
CA ALA D 53 -23.51 -5.10 11.19
C ALA D 53 -23.06 -3.74 11.68
N PHE D 54 -21.76 -3.45 11.59
CA PHE D 54 -21.16 -2.22 12.06
C PHE D 54 -20.58 -1.39 10.92
N ALA D 55 -21.29 -1.34 9.79
CA ALA D 55 -20.89 -0.46 8.69
C ALA D 55 -21.10 0.99 9.11
N GLN D 56 -20.49 1.90 8.34
CA GLN D 56 -20.57 3.32 8.64
C GLN D 56 -22.01 3.83 8.54
N GLU D 57 -22.75 3.35 7.54
CA GLU D 57 -24.09 3.86 7.30
C GLU D 57 -25.08 3.35 8.34
N ILE D 58 -24.91 2.09 8.78
CA ILE D 58 -25.95 1.41 9.54
C ILE D 58 -25.80 1.71 11.04
N SER D 59 -24.59 1.98 11.50
CA SER D 59 -24.35 2.32 12.90
C SER D 59 -24.69 3.78 13.13
N ILE D 60 -25.74 4.03 13.92
CA ILE D 60 -26.12 5.40 14.24
C ILE D 60 -25.06 6.05 15.14
N GLY D 61 -24.42 5.27 15.99
CA GLY D 61 -23.48 5.83 16.95
C GLY D 61 -23.15 4.85 18.06
N THR D 62 -23.27 5.32 19.30
CA THR D 62 -23.06 4.46 20.46
C THR D 62 -24.11 3.34 20.48
N GLN D 63 -23.65 2.14 20.84
CA GLN D 63 -24.49 0.96 20.71
C GLN D 63 -25.56 0.89 21.78
N ILE D 64 -25.26 1.40 22.98
CA ILE D 64 -26.20 1.47 24.10
C ILE D 64 -26.38 2.94 24.47
N SER D 65 -27.65 3.31 24.63
CA SER D 65 -28.05 4.59 25.20
C SER D 65 -29.08 4.27 26.26
N CYS D 66 -29.17 5.10 27.30
CA CYS D 66 -29.81 4.71 28.56
C CYS D 66 -30.74 5.75 29.16
N PHE D 67 -30.89 6.92 28.55
CA PHE D 67 -31.88 7.93 28.97
C PHE D 67 -31.63 8.42 30.40
N SER D 68 -30.51 9.09 30.57
CA SER D 68 -30.25 9.75 31.83
C SER D 68 -31.25 10.90 32.03
N PRO D 69 -31.48 11.36 33.27
CA PRO D 69 -32.34 12.54 33.44
C PRO D 69 -31.69 13.79 32.83
N SER D 70 -32.51 14.82 32.64
CA SER D 70 -32.01 16.08 32.12
C SER D 70 -31.03 16.75 33.09
N SER D 71 -31.20 16.50 34.39
CA SER D 71 -30.29 17.07 35.38
C SER D 71 -28.87 16.51 35.24
N PHE D 72 -28.74 15.28 34.75
CA PHE D 72 -27.41 14.69 34.56
C PHE D 72 -26.65 15.42 33.47
N SER D 73 -25.34 15.55 33.67
CA SER D 73 -24.47 16.21 32.71
C SER D 73 -24.14 15.25 31.56
N TRP D 74 -23.27 15.72 30.67
CA TRP D 74 -22.88 14.92 29.51
C TRP D 74 -22.07 13.69 29.94
N ARG D 75 -21.03 13.89 30.73
CA ARG D 75 -20.19 12.78 31.16
C ARG D 75 -20.88 11.90 32.20
N GLN D 76 -21.88 12.41 32.90
CA GLN D 76 -22.66 11.56 33.79
C GLN D 76 -23.50 10.57 32.97
N ALA D 77 -24.09 11.02 31.87
CA ALA D 77 -24.78 10.10 30.97
C ALA D 77 -23.79 9.17 30.28
N ALA D 78 -22.58 9.64 30.01
CA ALA D 78 -21.55 8.77 29.46
C ALA D 78 -21.18 7.67 30.44
N PHE D 79 -21.10 8.01 31.74
CA PHE D 79 -20.90 7.01 32.78
C PHE D 79 -22.04 6.01 32.80
N VAL D 80 -23.28 6.49 32.67
CA VAL D 80 -24.43 5.59 32.74
C VAL D 80 -24.40 4.60 31.57
N ASP D 81 -24.13 5.10 30.36
CA ASP D 81 -24.03 4.24 29.18
C ASP D 81 -22.90 3.23 29.32
N SER D 82 -21.71 3.70 29.71
CA SER D 82 -20.55 2.82 29.78
C SER D 82 -20.69 1.79 30.90
N TYR D 83 -21.25 2.21 32.04
CA TYR D 83 -21.46 1.29 33.15
C TYR D 83 -22.46 0.21 32.77
N CYS D 84 -23.57 0.57 32.11
CA CYS D 84 -24.57 -0.45 31.82
C CYS D 84 -24.10 -1.36 30.68
N TRP D 85 -23.27 -0.85 29.78
CA TRP D 85 -22.56 -1.70 28.82
C TRP D 85 -21.70 -2.74 29.54
N ALA D 86 -20.92 -2.30 30.53
CA ALA D 86 -20.12 -3.25 31.30
C ALA D 86 -21.01 -4.14 32.18
N ALA D 87 -22.18 -3.65 32.59
CA ALA D 87 -23.00 -4.30 33.60
C ALA D 87 -24.11 -5.17 33.01
N VAL D 88 -24.12 -5.37 31.69
CA VAL D 88 -24.81 -6.55 31.16
C VAL D 88 -24.12 -7.85 31.63
N GLN D 89 -22.81 -7.79 31.93
CA GLN D 89 -22.08 -8.97 32.38
C GLN D 89 -22.60 -9.51 33.72
N GLN D 90 -22.48 -8.72 34.80
CA GLN D 90 -22.80 -9.22 36.13
C GLN D 90 -24.32 -9.34 36.29
N LYS D 91 -24.75 -10.32 37.09
CA LYS D 91 -26.16 -10.63 37.21
C LYS D 91 -26.91 -9.57 38.02
N ASN D 92 -26.33 -9.15 39.15
CA ASN D 92 -27.07 -8.38 40.13
C ASN D 92 -27.33 -6.95 39.68
N SER D 93 -26.49 -6.41 38.80
CA SER D 93 -26.54 -4.97 38.50
C SER D 93 -27.79 -4.58 37.72
N LEU D 94 -28.37 -5.52 36.95
CA LEU D 94 -29.47 -5.25 36.03
C LEU D 94 -30.60 -6.25 36.27
N GLN D 95 -31.80 -5.88 35.83
CA GLN D 95 -32.95 -6.76 35.74
C GLN D 95 -33.57 -6.60 34.36
N SER D 96 -34.05 -7.71 33.80
CA SER D 96 -34.66 -7.70 32.47
C SER D 96 -35.70 -8.81 32.39
N GLU D 97 -36.69 -8.58 31.53
CA GLU D 97 -37.76 -9.57 31.35
C GLU D 97 -37.22 -10.83 30.69
N SER D 98 -36.38 -10.67 29.65
CA SER D 98 -35.85 -11.83 28.95
C SER D 98 -34.87 -12.60 29.83
N GLY D 99 -33.91 -11.91 30.45
CA GLY D 99 -32.89 -12.45 31.30
C GLY D 99 -31.53 -11.88 30.96
N ASN D 100 -30.50 -12.39 31.64
CA ASN D 100 -29.13 -11.94 31.43
C ASN D 100 -28.47 -12.61 30.23
N LEU D 101 -28.83 -13.86 29.95
CA LEU D 101 -28.24 -14.57 28.82
C LEU D 101 -28.50 -13.92 27.46
N PRO D 102 -29.72 -13.51 27.09
CA PRO D 102 -29.86 -12.84 25.78
C PRO D 102 -29.14 -11.51 25.70
N LEU D 103 -29.00 -10.78 26.80
CA LEU D 103 -28.19 -9.56 26.77
C LEU D 103 -26.71 -9.90 26.60
N TRP D 104 -26.26 -11.01 27.19
CA TRP D 104 -24.91 -11.51 26.95
C TRP D 104 -24.70 -11.82 25.48
N LEU D 105 -25.70 -12.44 24.84
CA LEU D 105 -25.60 -12.73 23.41
C LEU D 105 -25.60 -11.43 22.58
N HIS D 106 -26.39 -10.44 23.01
CA HIS D 106 -26.45 -9.18 22.28
C HIS D 106 -25.11 -8.45 22.35
N LYS D 107 -24.45 -8.46 23.51
CA LYS D 107 -23.15 -7.81 23.61
C LYS D 107 -22.10 -8.54 22.80
N PHE D 108 -22.09 -9.88 22.86
CA PHE D 108 -21.09 -10.72 22.22
C PHE D 108 -21.62 -11.48 21.02
N PHE D 109 -22.60 -10.92 20.32
CA PHE D 109 -22.97 -11.45 19.01
C PHE D 109 -21.82 -11.49 18.01
N PRO D 110 -21.04 -10.41 17.79
CA PRO D 110 -19.95 -10.53 16.79
C PRO D 110 -18.84 -11.46 17.22
N TYR D 111 -18.57 -11.52 18.53
CA TYR D 111 -17.62 -12.49 19.06
C TYR D 111 -18.06 -13.91 18.77
N ILE D 112 -19.35 -14.19 18.95
CA ILE D 112 -19.85 -15.56 18.78
C ILE D 112 -19.84 -15.93 17.30
N LEU D 113 -20.25 -15.02 16.43
CA LEU D 113 -20.21 -15.31 15.00
C LEU D 113 -18.79 -15.44 14.46
N LEU D 114 -17.84 -14.63 14.97
CA LEU D 114 -16.45 -14.82 14.60
C LEU D 114 -15.90 -16.15 15.13
N LEU D 115 -16.35 -16.55 16.32
CA LEU D 115 -15.96 -17.85 16.86
C LEU D 115 -16.46 -18.98 15.96
N PHE D 116 -17.69 -18.85 15.46
CA PHE D 116 -18.19 -19.84 14.50
C PHE D 116 -17.40 -19.80 13.19
N ALA D 117 -16.98 -18.60 12.75
CA ALA D 117 -16.19 -18.51 11.53
C ALA D 117 -14.84 -19.21 11.69
N ILE D 118 -14.18 -18.99 12.82
CA ILE D 118 -12.89 -19.66 13.07
C ILE D 118 -13.10 -21.16 13.23
N LEU D 119 -14.18 -21.56 13.90
CA LEU D 119 -14.47 -22.97 14.08
C LEU D 119 -14.77 -23.65 12.75
N LEU D 120 -15.37 -22.91 11.81
CA LEU D 120 -15.57 -23.43 10.46
C LEU D 120 -14.28 -23.44 9.66
N TYR D 121 -13.34 -22.56 9.99
CA TYR D 121 -12.04 -22.56 9.36
C TYR D 121 -11.12 -23.68 9.86
N LEU D 122 -11.36 -24.20 11.07
CA LEU D 122 -10.50 -25.28 11.62
C LEU D 122 -10.42 -26.56 10.79
N PRO D 123 -11.52 -27.17 10.32
CA PRO D 123 -11.38 -28.44 9.56
C PRO D 123 -10.72 -28.25 8.21
N PRO D 124 -11.01 -27.18 7.45
CA PRO D 124 -10.17 -26.93 6.25
C PRO D 124 -8.70 -26.68 6.57
N LEU D 125 -8.39 -26.07 7.70
CA LEU D 125 -6.98 -25.87 8.07
C LEU D 125 -6.31 -27.20 8.43
N PHE D 126 -7.03 -28.04 9.18
CA PHE D 126 -6.49 -29.35 9.53
C PHE D 126 -6.35 -30.23 8.29
N TRP D 127 -7.21 -30.01 7.29
CA TRP D 127 -6.98 -30.62 5.99
C TRP D 127 -5.74 -30.03 5.30
N ARG D 128 -5.54 -28.72 5.41
CA ARG D 128 -4.48 -28.07 4.66
C ARG D 128 -3.09 -28.39 5.24
N PHE D 129 -3.03 -28.91 6.48
CA PHE D 129 -1.80 -29.45 7.05
C PHE D 129 -1.74 -30.98 7.10
N ALA D 130 -2.71 -31.64 7.74
CA ALA D 130 -2.52 -33.05 8.10
C ALA D 130 -2.56 -33.96 6.88
N ALA D 131 -3.46 -33.67 5.92
CA ALA D 131 -3.73 -34.52 4.77
C ALA D 131 -3.36 -33.90 3.43
N ALA D 132 -3.20 -32.57 3.36
CA ALA D 132 -2.85 -31.89 2.10
C ALA D 132 -1.51 -32.29 1.47
N PRO D 133 -0.38 -32.42 2.24
CA PRO D 133 0.87 -32.88 1.60
C PRO D 133 0.79 -34.28 0.98
N HIS D 134 0.06 -35.19 1.64
CA HIS D 134 -0.02 -36.55 1.15
C HIS D 134 -0.79 -36.64 -0.16
N ILE D 135 -1.98 -36.04 -0.20
CA ILE D 135 -2.77 -35.97 -1.43
C ILE D 135 -2.04 -35.16 -2.52
N CYS D 136 -1.39 -34.06 -2.16
CA CYS D 136 -0.55 -33.29 -3.08
C CYS D 136 0.53 -34.12 -3.75
N SER D 137 1.38 -34.77 -2.96
CA SER D 137 2.51 -35.52 -3.52
C SER D 137 2.03 -36.72 -4.32
N ASP D 138 1.04 -37.45 -3.79
CA ASP D 138 0.52 -38.63 -4.47
C ASP D 138 -0.14 -38.27 -5.81
N LEU D 139 -0.94 -37.19 -5.83
CA LEU D 139 -1.63 -36.82 -7.05
C LEU D 139 -0.65 -36.32 -8.11
N LYS D 140 0.33 -35.49 -7.72
CA LYS D 140 1.28 -35.01 -8.73
C LYS D 140 2.15 -36.15 -9.25
N PHE D 141 2.47 -37.13 -8.41
CA PHE D 141 3.18 -38.31 -8.89
C PHE D 141 2.33 -39.11 -9.88
N ILE D 142 1.03 -39.23 -9.60
CA ILE D 142 0.15 -39.98 -10.50
C ILE D 142 0.02 -39.25 -11.84
N MET D 143 -0.10 -37.92 -11.81
CA MET D 143 -0.12 -37.12 -13.05
C MET D 143 1.16 -37.30 -13.85
N GLU D 144 2.33 -37.25 -13.19
CA GLU D 144 3.59 -37.43 -13.88
C GLU D 144 3.71 -38.83 -14.48
N GLU D 145 3.29 -39.85 -13.74
CA GLU D 145 3.36 -41.22 -14.23
C GLU D 145 2.44 -41.45 -15.42
N LEU D 146 1.23 -40.86 -15.39
CA LEU D 146 0.31 -41.00 -16.50
C LEU D 146 0.83 -40.27 -17.74
N ASP D 147 1.48 -39.11 -17.55
CA ASP D 147 2.12 -38.43 -18.68
C ASP D 147 3.24 -39.28 -19.27
N LYS D 148 4.03 -39.94 -18.42
CA LYS D 148 5.08 -40.82 -18.92
C LYS D 148 4.49 -42.00 -19.67
N VAL D 149 3.36 -42.54 -19.19
CA VAL D 149 2.71 -43.66 -19.86
C VAL D 149 2.21 -43.26 -21.25
N TYR D 150 1.60 -42.07 -21.36
CA TYR D 150 1.15 -41.61 -22.67
C TYR D 150 2.32 -41.30 -23.59
N ASN D 151 3.43 -40.80 -23.03
CA ASN D 151 4.62 -40.55 -23.84
C ASN D 151 5.18 -41.85 -24.40
N ARG D 152 5.22 -42.89 -23.57
CA ARG D 152 5.66 -44.21 -24.04
C ARG D 152 4.72 -44.77 -25.10
N ALA D 153 3.41 -44.59 -24.90
CA ALA D 153 2.44 -45.06 -25.88
C ALA D 153 2.57 -44.32 -27.20
N ILE D 154 2.83 -43.01 -27.15
CA ILE D 154 3.01 -42.23 -28.38
C ILE D 154 4.29 -42.64 -29.08
N LYS D 155 5.35 -42.93 -28.32
CA LYS D 155 6.59 -43.41 -28.91
C LYS D 155 6.40 -44.77 -29.57
N ALA D 156 5.61 -45.65 -28.94
CA ALA D 156 5.32 -46.95 -29.54
C ALA D 156 4.48 -46.80 -30.80
N ALA D 157 3.52 -45.88 -30.80
CA ALA D 157 2.65 -45.70 -31.95
C ALA D 157 3.42 -45.12 -33.14
N LYS D 158 4.31 -44.16 -32.89
CA LYS D 158 5.08 -43.53 -33.94
C LYS D 158 6.07 -44.51 -34.57
N LYS D 192 7.45 -52.44 -18.54
CA LYS D 192 6.92 -53.80 -18.47
C LYS D 192 5.78 -53.87 -17.45
N TYR D 193 6.10 -53.59 -16.19
CA TYR D 193 5.14 -53.65 -15.10
C TYR D 193 4.54 -52.26 -14.89
N PRO D 194 3.21 -52.06 -15.03
CA PRO D 194 2.68 -50.71 -14.79
C PRO D 194 2.67 -50.39 -13.31
N ILE D 195 3.50 -49.43 -12.91
CA ILE D 195 3.56 -49.03 -11.50
C ILE D 195 2.26 -48.37 -11.06
N VAL D 196 1.57 -47.67 -11.98
CA VAL D 196 0.41 -46.87 -11.60
C VAL D 196 -0.74 -47.76 -11.14
N GLU D 197 -0.93 -48.92 -11.77
CA GLU D 197 -2.05 -49.79 -11.44
C GLU D 197 -1.90 -50.37 -10.03
N GLN D 198 -0.73 -50.91 -9.72
CA GLN D 198 -0.50 -51.47 -8.39
C GLN D 198 -0.40 -50.40 -7.31
N TYR D 199 0.17 -49.23 -7.65
CA TYR D 199 0.20 -48.13 -6.70
C TYR D 199 -1.20 -47.57 -6.46
N LEU D 200 -2.11 -47.73 -7.43
CA LEU D 200 -3.51 -47.39 -7.23
C LEU D 200 -4.21 -48.43 -6.36
N LYS D 201 -3.88 -49.71 -6.57
CA LYS D 201 -4.50 -50.78 -5.79
C LYS D 201 -4.12 -50.73 -4.31
N THR D 202 -2.84 -50.45 -4.02
CA THR D 202 -2.41 -50.41 -2.62
C THR D 202 -3.05 -49.25 -1.84
N LYS D 203 -3.41 -48.16 -2.54
CA LYS D 203 -4.23 -47.10 -1.93
C LYS D 203 -5.71 -47.45 -1.93
N LYS D 204 -6.15 -48.36 -2.80
CA LYS D 204 -7.48 -48.94 -2.63
C LYS D 204 -7.58 -49.68 -1.31
N ASN D 205 -6.51 -50.36 -0.92
CA ASN D 205 -6.51 -51.06 0.36
C ASN D 205 -6.57 -50.08 1.53
N SER D 206 -5.85 -48.96 1.43
CA SER D 206 -5.74 -48.03 2.55
C SER D 206 -6.96 -47.12 2.64
N ASN D 207 -7.27 -46.65 3.86
CA ASN D 207 -8.38 -45.73 4.11
C ASN D 207 -8.07 -44.68 5.18
N ASN D 208 -6.80 -44.34 5.41
CA ASN D 208 -6.47 -43.34 6.41
C ASN D 208 -6.87 -41.95 5.94
N LEU D 209 -6.55 -41.63 4.68
CA LEU D 209 -6.78 -40.30 4.15
C LEU D 209 -8.27 -39.98 4.03
N ILE D 210 -9.09 -40.96 3.62
CA ILE D 210 -10.52 -40.74 3.57
C ILE D 210 -11.09 -40.57 4.98
N ILE D 211 -10.50 -41.25 5.97
CA ILE D 211 -10.95 -41.06 7.36
C ILE D 211 -10.67 -39.63 7.79
N LYS D 212 -9.50 -39.09 7.41
CA LYS D 212 -9.20 -37.69 7.68
C LYS D 212 -10.19 -36.75 6.98
N TYR D 213 -10.51 -37.05 5.71
CA TYR D 213 -11.41 -36.21 4.93
C TYR D 213 -12.82 -36.20 5.51
N ILE D 214 -13.35 -37.38 5.83
CA ILE D 214 -14.69 -37.47 6.39
C ILE D 214 -14.71 -36.89 7.80
N SER D 215 -13.61 -36.98 8.55
CA SER D 215 -13.55 -36.31 9.84
C SER D 215 -13.63 -34.80 9.68
N CYS D 216 -12.93 -34.24 8.69
CA CYS D 216 -12.99 -32.82 8.42
C CYS D 216 -14.40 -32.38 8.04
N ARG D 217 -15.03 -33.10 7.11
CA ARG D 217 -16.36 -32.71 6.67
C ARG D 217 -17.41 -32.95 7.74
N LEU D 218 -17.23 -33.97 8.59
CA LEU D 218 -18.16 -34.20 9.68
C LEU D 218 -18.06 -33.11 10.74
N LEU D 219 -16.83 -32.67 11.04
CA LEU D 219 -16.66 -31.55 11.96
C LEU D 219 -17.28 -30.28 11.38
N THR D 220 -17.13 -30.07 10.07
CA THR D 220 -17.73 -28.91 9.42
C THR D 220 -19.26 -28.98 9.50
N LEU D 221 -19.84 -30.16 9.26
CA LEU D 221 -21.29 -30.30 9.34
C LEU D 221 -21.80 -30.10 10.75
N ILE D 222 -21.09 -30.63 11.75
CA ILE D 222 -21.49 -30.48 13.14
C ILE D 222 -21.43 -29.01 13.55
N ILE D 223 -20.39 -28.30 13.12
CA ILE D 223 -20.26 -26.89 13.47
C ILE D 223 -21.34 -26.07 12.76
N ILE D 224 -21.68 -26.45 11.52
CA ILE D 224 -22.76 -25.76 10.79
C ILE D 224 -24.08 -25.97 11.52
N LEU D 225 -24.34 -27.19 12.00
CA LEU D 225 -25.59 -27.46 12.71
C LEU D 225 -25.63 -26.70 14.04
N LEU D 226 -24.49 -26.62 14.74
CA LEU D 226 -24.46 -25.86 15.99
C LEU D 226 -24.67 -24.36 15.74
N ALA D 227 -24.07 -23.84 14.66
CA ALA D 227 -24.31 -22.44 14.30
C ALA D 227 -25.76 -22.21 13.90
N CYS D 228 -26.38 -23.19 13.23
CA CYS D 228 -27.80 -23.08 12.89
C CYS D 228 -28.66 -23.05 14.15
N ILE D 229 -28.32 -23.88 15.14
CA ILE D 229 -29.04 -23.90 16.41
C ILE D 229 -28.92 -22.55 17.11
N TYR D 230 -27.70 -22.00 17.15
CA TYR D 230 -27.50 -20.70 17.79
C TYR D 230 -28.23 -19.59 17.06
N LEU D 231 -28.18 -19.58 15.73
CA LEU D 231 -28.78 -18.49 14.97
C LEU D 231 -30.31 -18.57 15.03
N GLY D 232 -30.85 -19.79 15.04
CA GLY D 232 -32.28 -19.94 15.23
C GLY D 232 -32.74 -19.51 16.61
N TYR D 233 -31.95 -19.82 17.64
CA TYR D 233 -32.30 -19.36 18.98
C TYR D 233 -32.18 -17.84 19.09
N TYR D 234 -31.16 -17.26 18.44
CA TYR D 234 -30.93 -15.83 18.56
C TYR D 234 -31.99 -15.03 17.82
N PHE D 235 -32.35 -15.47 16.61
CA PHE D 235 -33.40 -14.79 15.86
C PHE D 235 -34.77 -14.94 16.52
N SER D 236 -35.01 -16.07 17.20
CA SER D 236 -36.27 -16.31 17.87
C SER D 236 -36.44 -15.48 19.15
N LEU D 237 -35.42 -14.73 19.59
CA LEU D 237 -35.59 -13.83 20.72
C LEU D 237 -36.62 -12.76 20.39
N SER D 238 -37.30 -12.28 21.43
CA SER D 238 -38.50 -11.46 21.25
C SER D 238 -38.23 -10.11 20.61
N SER D 239 -36.98 -9.61 20.61
CA SER D 239 -36.50 -8.30 20.14
C SER D 239 -36.81 -7.18 21.14
N LEU D 240 -37.54 -7.44 22.22
CA LEU D 240 -37.49 -6.65 23.45
C LEU D 240 -36.43 -7.16 24.43
N SER D 241 -35.65 -8.18 24.08
CA SER D 241 -34.55 -8.60 24.94
C SER D 241 -33.49 -7.52 25.04
N ASP D 242 -33.29 -6.74 23.96
CA ASP D 242 -32.39 -5.60 24.01
C ASP D 242 -32.81 -4.56 25.04
N GLU D 243 -34.11 -4.43 25.32
CA GLU D 243 -34.59 -3.52 26.34
C GLU D 243 -34.20 -4.10 27.69
N PHE D 244 -33.61 -3.28 28.56
CA PHE D 244 -33.35 -3.71 29.93
C PHE D 244 -33.16 -2.48 30.81
N VAL D 245 -33.21 -2.71 32.12
CA VAL D 245 -33.05 -1.68 33.14
C VAL D 245 -31.84 -2.04 33.99
N CYS D 246 -30.96 -1.06 34.20
CA CYS D 246 -29.75 -1.20 35.00
C CYS D 246 -29.74 -0.10 36.03
N SER D 247 -29.15 -0.39 37.20
CA SER D 247 -29.01 0.57 38.30
C SER D 247 -27.54 0.87 38.49
N ILE D 248 -27.17 2.15 38.37
CA ILE D 248 -25.82 2.61 38.72
C ILE D 248 -25.79 2.94 40.21
N LYS D 249 -25.73 1.88 41.04
CA LYS D 249 -25.89 1.99 42.48
C LYS D 249 -24.92 1.09 43.26
N SER D 250 -23.98 0.45 42.56
CA SER D 250 -22.98 -0.36 43.30
C SER D 250 -21.96 0.56 43.99
N GLY D 251 -21.40 0.12 45.11
CA GLY D 251 -20.41 0.91 45.82
C GLY D 251 -21.06 2.05 46.58
N ILE D 252 -20.41 3.21 46.54
CA ILE D 252 -20.87 4.37 47.32
C ILE D 252 -22.22 4.90 46.82
N LEU D 253 -22.58 4.66 45.57
CA LEU D 253 -23.85 5.15 45.03
C LEU D 253 -25.06 4.33 45.49
N ARG D 254 -24.87 3.28 46.30
CA ARG D 254 -26.00 2.59 46.89
C ARG D 254 -26.82 3.49 47.80
N ASN D 255 -26.15 4.39 48.53
CA ASN D 255 -26.77 5.24 49.55
C ASN D 255 -26.59 6.73 49.22
N ASP D 256 -26.72 7.08 47.94
CA ASP D 256 -26.69 8.46 47.48
C ASP D 256 -28.11 8.94 47.26
N SER D 257 -28.37 10.19 47.63
CA SER D 257 -29.74 10.70 47.68
C SER D 257 -30.38 10.80 46.30
N THR D 258 -29.66 11.42 45.35
CA THR D 258 -30.21 11.84 44.05
C THR D 258 -29.52 11.08 42.91
N VAL D 259 -30.01 9.87 42.64
CA VAL D 259 -29.73 9.14 41.39
C VAL D 259 -31.03 8.40 41.09
N PRO D 260 -31.46 8.23 39.82
CA PRO D 260 -32.58 7.32 39.57
C PRO D 260 -32.26 5.88 39.95
N ASP D 261 -33.29 5.16 40.41
CA ASP D 261 -33.11 3.78 40.86
C ASP D 261 -32.69 2.88 39.70
N GLN D 262 -33.22 3.16 38.50
CA GLN D 262 -32.95 2.33 37.33
C GLN D 262 -33.16 3.15 36.06
N PHE D 263 -32.48 2.73 34.99
CA PHE D 263 -32.31 3.49 33.76
C PHE D 263 -32.71 2.63 32.56
N GLN D 264 -33.67 3.11 31.78
CA GLN D 264 -34.12 2.34 30.62
C GLN D 264 -33.06 2.38 29.53
N CYS D 265 -32.53 1.20 29.18
CA CYS D 265 -31.48 1.05 28.17
C CYS D 265 -31.96 0.10 27.10
N LYS D 266 -31.62 0.42 25.86
CA LYS D 266 -31.80 -0.42 24.68
C LYS D 266 -30.43 -0.67 24.08
N LEU D 267 -30.16 -1.91 23.71
CA LEU D 267 -28.96 -2.27 22.96
C LEU D 267 -29.27 -2.07 21.49
N ILE D 268 -28.76 -1.00 20.90
CA ILE D 268 -29.03 -0.69 19.50
C ILE D 268 -28.22 -1.64 18.64
N ALA D 269 -28.77 -1.95 17.46
CA ALA D 269 -28.31 -2.90 16.45
C ALA D 269 -28.62 -4.35 16.80
N VAL D 270 -29.39 -4.62 17.86
CA VAL D 270 -29.82 -6.00 18.13
C VAL D 270 -30.77 -6.48 17.05
N GLY D 271 -31.64 -5.59 16.56
CA GLY D 271 -32.49 -5.95 15.43
C GLY D 271 -31.70 -6.20 14.17
N ILE D 272 -30.63 -5.43 13.97
CA ILE D 272 -29.74 -5.65 12.84
C ILE D 272 -29.04 -7.00 13.00
N PHE D 273 -28.66 -7.35 14.23
CA PHE D 273 -28.08 -8.66 14.50
C PHE D 273 -29.09 -9.78 14.22
N GLN D 274 -30.37 -9.56 14.53
CA GLN D 274 -31.36 -10.60 14.27
C GLN D 274 -31.63 -10.77 12.78
N LEU D 275 -31.65 -9.65 12.03
CA LEU D 275 -31.80 -9.74 10.58
C LEU D 275 -30.64 -10.47 9.93
N LEU D 276 -29.41 -10.10 10.32
CA LEU D 276 -28.24 -10.80 9.83
C LEU D 276 -28.20 -12.25 10.32
N SER D 277 -28.79 -12.53 11.48
CA SER D 277 -28.84 -13.89 11.98
C SER D 277 -29.74 -14.77 11.13
N VAL D 278 -30.93 -14.27 10.76
CA VAL D 278 -31.81 -15.08 9.91
C VAL D 278 -31.20 -15.22 8.51
N ILE D 279 -30.48 -14.21 8.04
CA ILE D 279 -29.78 -14.34 6.75
C ILE D 279 -28.71 -15.44 6.83
N ASN D 280 -27.91 -15.43 7.91
CA ASN D 280 -26.87 -16.43 8.10
C ASN D 280 -27.47 -17.82 8.28
N LEU D 281 -28.59 -17.91 9.01
CA LEU D 281 -29.25 -19.19 9.23
C LEU D 281 -29.82 -19.74 7.93
N VAL D 282 -30.39 -18.88 7.08
CA VAL D 282 -30.92 -19.33 5.80
C VAL D 282 -29.80 -19.85 4.91
N VAL D 283 -28.67 -19.12 4.86
CA VAL D 283 -27.58 -19.55 4.00
C VAL D 283 -26.94 -20.84 4.52
N TYR D 284 -26.80 -20.98 5.84
CA TYR D 284 -26.24 -22.20 6.40
C TYR D 284 -27.19 -23.39 6.25
N VAL D 285 -28.50 -23.13 6.32
CA VAL D 285 -29.47 -24.21 6.11
C VAL D 285 -29.41 -24.67 4.65
N LEU D 286 -29.16 -23.74 3.72
CA LEU D 286 -28.91 -24.15 2.34
C LEU D 286 -27.58 -24.88 2.21
N LEU D 287 -26.57 -24.49 2.99
CA LEU D 287 -25.23 -25.06 2.84
C LEU D 287 -25.14 -26.48 3.40
N ALA D 288 -25.90 -26.77 4.46
CA ALA D 288 -25.76 -28.07 5.13
C ALA D 288 -26.09 -29.27 4.26
N PRO D 289 -27.14 -29.28 3.41
CA PRO D 289 -27.30 -30.40 2.47
C PRO D 289 -26.14 -30.59 1.51
N VAL D 290 -25.44 -29.51 1.14
CA VAL D 290 -24.26 -29.66 0.29
C VAL D 290 -23.16 -30.39 1.04
N VAL D 291 -23.01 -30.11 2.35
CA VAL D 291 -22.00 -30.80 3.14
C VAL D 291 -22.38 -32.26 3.32
N VAL D 292 -23.68 -32.54 3.52
CA VAL D 292 -24.13 -33.92 3.67
C VAL D 292 -23.93 -34.69 2.37
N TYR D 293 -24.11 -34.02 1.23
CA TYR D 293 -23.77 -34.62 -0.05
C TYR D 293 -22.26 -34.86 -0.15
N THR D 294 -21.47 -33.94 0.40
CA THR D 294 -20.01 -34.08 0.35
C THR D 294 -19.52 -35.24 1.20
N LEU D 295 -20.28 -35.62 2.24
CA LEU D 295 -19.87 -36.76 3.07
C LEU D 295 -19.84 -38.06 2.27
N PHE D 296 -20.84 -38.30 1.43
CA PHE D 296 -20.93 -39.55 0.69
C PHE D 296 -19.89 -39.51 -0.43
N VAL D 297 -18.68 -39.97 -0.10
CA VAL D 297 -17.61 -40.00 -1.09
C VAL D 297 -17.88 -40.92 -2.28
N PRO D 298 -18.35 -42.18 -2.13
CA PRO D 298 -18.43 -43.02 -3.33
C PRO D 298 -19.57 -42.67 -4.26
N PHE D 299 -20.63 -42.02 -3.74
CA PHE D 299 -21.79 -41.63 -4.52
C PHE D 299 -21.48 -40.50 -5.51
N ARG D 300 -20.36 -39.78 -5.35
CA ARG D 300 -20.02 -38.61 -6.16
C ARG D 300 -19.90 -38.91 -7.66
N GLN D 301 -19.59 -40.16 -8.04
CA GLN D 301 -19.73 -40.62 -9.41
C GLN D 301 -18.85 -39.88 -10.41
N LYS D 302 -17.53 -40.05 -10.30
CA LYS D 302 -16.64 -39.62 -11.37
C LYS D 302 -16.98 -40.37 -12.65
N THR D 303 -17.10 -39.65 -13.75
CA THR D 303 -17.69 -40.18 -14.98
C THR D 303 -16.63 -40.86 -15.87
N ASP D 304 -15.98 -41.87 -15.29
CA ASP D 304 -14.99 -42.69 -15.99
C ASP D 304 -13.82 -41.85 -16.48
N VAL D 305 -13.38 -40.91 -15.63
CA VAL D 305 -12.25 -40.06 -16.00
C VAL D 305 -10.97 -40.88 -16.07
N LEU D 306 -10.81 -41.86 -15.17
CA LEU D 306 -9.66 -42.75 -15.21
C LEU D 306 -9.78 -43.80 -16.31
N LYS D 307 -11.03 -44.12 -16.71
CA LYS D 307 -11.25 -45.11 -17.77
C LYS D 307 -10.75 -44.67 -19.14
N VAL D 308 -10.52 -43.37 -19.34
CA VAL D 308 -10.03 -42.87 -20.63
C VAL D 308 -8.65 -43.43 -20.93
N TYR D 309 -7.82 -43.62 -19.90
CA TYR D 309 -6.48 -44.17 -20.12
C TYR D 309 -6.52 -45.66 -20.45
N GLU D 310 -7.61 -46.35 -20.10
CA GLU D 310 -7.73 -47.76 -20.47
C GLU D 310 -7.86 -47.96 -21.98
N ILE D 311 -8.38 -46.95 -22.69
CA ILE D 311 -8.57 -47.06 -24.14
C ILE D 311 -7.23 -47.16 -24.87
N LEU D 312 -6.18 -46.54 -24.31
CA LEU D 312 -4.88 -46.57 -24.97
C LEU D 312 -4.30 -47.99 -24.93
N PRO D 313 -3.52 -48.41 -25.94
CA PRO D 313 -3.02 -49.80 -25.87
C PRO D 313 -1.95 -50.02 -24.82
N THR D 314 -0.98 -49.10 -24.72
CA THR D 314 0.12 -49.29 -23.78
C THR D 314 -0.35 -49.15 -22.34
N PHE D 315 -1.26 -48.22 -22.08
CA PHE D 315 -1.72 -47.97 -20.71
C PHE D 315 -2.75 -49.02 -20.32
N ASP D 316 -2.29 -50.15 -19.83
CA ASP D 316 -3.15 -51.22 -19.33
C ASP D 316 -3.52 -51.07 -17.85
N VAL D 317 -3.19 -49.92 -17.22
CA VAL D 317 -3.35 -49.74 -15.78
C VAL D 317 -4.62 -48.95 -15.49
N LEU D 318 -5.09 -49.03 -14.23
CA LEU D 318 -6.19 -48.20 -13.74
C LEU D 318 -7.50 -48.52 -14.44
N HIS D 319 -7.81 -49.82 -14.56
CA HIS D 319 -9.06 -50.24 -15.18
C HIS D 319 -10.25 -50.02 -14.24
N PHE D 320 -10.09 -50.35 -12.95
CA PHE D 320 -11.20 -50.42 -12.02
C PHE D 320 -11.42 -49.06 -11.34
N LYS D 321 -12.38 -49.02 -10.42
CA LYS D 321 -12.73 -47.83 -9.66
C LYS D 321 -13.31 -48.26 -8.32
N SER D 322 -13.34 -47.33 -7.36
CA SER D 322 -13.80 -47.65 -6.02
C SER D 322 -15.30 -47.88 -5.99
N GLU D 323 -15.74 -48.71 -5.02
CA GLU D 323 -17.15 -48.93 -4.73
C GLU D 323 -17.33 -48.99 -3.21
N GLY D 324 -16.66 -48.07 -2.51
CA GLY D 324 -16.74 -48.06 -1.06
C GLY D 324 -15.89 -46.95 -0.48
N TYR D 325 -15.85 -46.94 0.86
CA TYR D 325 -15.09 -45.95 1.61
C TYR D 325 -13.63 -46.39 1.66
N ASN D 326 -12.83 -45.86 0.74
CA ASN D 326 -11.40 -46.13 0.65
C ASN D 326 -10.68 -44.84 0.30
N ASP D 327 -9.36 -44.89 0.36
CA ASP D 327 -8.55 -43.76 -0.10
C ASP D 327 -8.74 -43.55 -1.61
N LEU D 328 -8.93 -44.64 -2.36
CA LEU D 328 -9.03 -44.55 -3.82
C LEU D 328 -10.27 -43.76 -4.25
N SER D 329 -11.35 -43.83 -3.47
CA SER D 329 -12.54 -43.07 -3.82
C SER D 329 -12.27 -41.56 -3.74
N LEU D 330 -11.45 -41.13 -2.77
CA LEU D 330 -11.08 -39.73 -2.67
C LEU D 330 -10.04 -39.36 -3.72
N TYR D 331 -9.14 -40.30 -4.05
CA TYR D 331 -8.17 -40.06 -5.11
C TYR D 331 -8.86 -39.89 -6.46
N ASN D 332 -9.97 -40.62 -6.68
CA ASN D 332 -10.74 -40.44 -7.91
C ASN D 332 -11.32 -39.04 -8.00
N LEU D 333 -11.79 -38.50 -6.88
CA LEU D 333 -12.37 -37.15 -6.89
C LEU D 333 -11.29 -36.09 -7.11
N PHE D 334 -10.15 -36.23 -6.43
CA PHE D 334 -9.07 -35.27 -6.66
C PHE D 334 -8.49 -35.40 -8.06
N LEU D 335 -8.48 -36.62 -8.60
CA LEU D 335 -8.12 -36.83 -10.00
C LEU D 335 -9.10 -36.11 -10.92
N GLU D 336 -10.41 -36.30 -10.71
CA GLU D 336 -11.40 -35.66 -11.57
C GLU D 336 -11.37 -34.13 -11.44
N GLU D 337 -10.90 -33.62 -10.30
CA GLU D 337 -10.57 -32.20 -10.22
C GLU D 337 -9.39 -31.83 -11.11
N ASN D 338 -8.26 -32.55 -10.99
CA ASN D 338 -6.98 -32.11 -11.53
C ASN D 338 -6.58 -32.72 -12.88
N ILE D 339 -7.38 -33.59 -13.47
CA ILE D 339 -6.95 -34.37 -14.64
C ILE D 339 -7.13 -33.56 -15.92
N SER D 340 -8.02 -32.56 -15.91
CA SER D 340 -8.14 -31.67 -17.07
C SER D 340 -6.86 -30.86 -17.27
N GLU D 341 -6.13 -30.57 -16.19
CA GLU D 341 -4.84 -29.90 -16.30
C GLU D 341 -3.79 -30.77 -16.97
N VAL D 342 -3.96 -32.11 -16.95
CA VAL D 342 -2.96 -32.99 -17.54
C VAL D 342 -2.94 -32.82 -19.06
N LYS D 343 -1.74 -32.85 -19.63
CA LYS D 343 -1.51 -32.71 -21.06
C LYS D 343 -2.22 -33.83 -21.81
N SER D 344 -1.92 -35.09 -21.45
CA SER D 344 -2.42 -36.24 -22.25
C SER D 344 -3.92 -36.52 -22.09
N TYR D 345 -4.48 -36.30 -20.91
CA TYR D 345 -5.87 -36.71 -20.69
C TYR D 345 -6.81 -35.98 -21.61
N LYS D 346 -6.52 -34.70 -21.91
CA LYS D 346 -7.41 -33.93 -22.76
C LYS D 346 -7.41 -34.45 -24.18
N CYS D 347 -6.23 -34.79 -24.70
CA CYS D 347 -6.14 -35.37 -26.04
C CYS D 347 -6.83 -36.73 -26.10
N LEU D 348 -6.56 -37.59 -25.10
CA LEU D 348 -7.17 -38.91 -25.14
C LEU D 348 -8.68 -38.85 -24.88
N LYS D 349 -9.14 -37.86 -24.12
CA LYS D 349 -10.57 -37.66 -23.93
C LYS D 349 -11.22 -37.15 -25.21
N VAL D 350 -10.50 -36.36 -26.01
CA VAL D 350 -11.00 -35.97 -27.32
C VAL D 350 -11.12 -37.20 -28.22
N LEU D 351 -10.12 -38.09 -28.15
CA LEU D 351 -10.20 -39.36 -28.87
C LEU D 351 -11.39 -40.20 -28.41
N GLU D 352 -11.70 -40.17 -27.11
CA GLU D 352 -12.87 -40.89 -26.62
C GLU D 352 -14.18 -40.23 -27.05
N ASN D 353 -14.19 -38.89 -27.12
CA ASN D 353 -15.41 -38.18 -27.48
C ASN D 353 -15.78 -38.39 -28.94
N ILE D 354 -14.78 -38.44 -29.83
CA ILE D 354 -15.09 -38.70 -31.24
C ILE D 354 -15.61 -40.13 -31.41
N LYS D 355 -15.12 -41.07 -30.60
CA LYS D 355 -15.71 -42.41 -30.58
C LYS D 355 -17.14 -42.36 -30.06
N SER D 356 -17.41 -41.49 -29.08
CA SER D 356 -18.76 -41.33 -28.56
C SER D 356 -19.69 -40.77 -29.64
N SER D 357 -19.16 -39.97 -30.56
CA SER D 357 -19.97 -39.51 -31.69
C SER D 357 -20.40 -40.68 -32.58
N ASP D 362 -10.95 -47.75 -34.89
CA ASP D 362 -9.51 -48.09 -35.03
C ASP D 362 -8.69 -46.95 -34.40
N PRO D 363 -7.57 -47.24 -33.70
CA PRO D 363 -6.79 -46.21 -33.01
C PRO D 363 -5.75 -45.49 -33.91
N MET D 364 -6.00 -45.42 -35.21
CA MET D 364 -5.12 -44.74 -36.16
C MET D 364 -5.04 -43.25 -35.86
N LEU D 365 -6.17 -42.68 -35.46
CA LEU D 365 -6.29 -41.26 -35.15
C LEU D 365 -5.36 -40.85 -34.00
N LEU D 366 -5.21 -41.72 -33.00
CA LEU D 366 -4.35 -41.41 -31.87
C LEU D 366 -2.91 -41.20 -32.33
N LEU D 367 -2.44 -42.03 -33.25
CA LEU D 367 -1.09 -41.89 -33.78
C LEU D 367 -1.01 -40.55 -34.51
N THR D 368 -2.08 -40.23 -35.22
CA THR D 368 -2.19 -38.98 -35.97
C THR D 368 -2.29 -37.78 -35.03
N ASN D 369 -2.99 -37.94 -33.90
CA ASN D 369 -3.15 -36.84 -32.97
C ASN D 369 -1.82 -36.46 -32.33
N LEU D 370 -1.02 -37.45 -31.95
CA LEU D 370 0.29 -37.25 -31.31
C LEU D 370 0.17 -36.48 -30.00
N ALA E 2 -11.49 -3.06 11.45
CA ALA E 2 -12.67 -3.81 11.86
C ALA E 2 -12.26 -5.15 12.46
N ILE E 3 -13.20 -5.78 13.18
CA ILE E 3 -12.94 -7.09 13.78
C ILE E 3 -12.72 -8.14 12.69
N ALA E 4 -13.43 -8.03 11.57
CA ALA E 4 -13.27 -8.98 10.49
C ALA E 4 -11.95 -8.77 9.76
N GLN E 5 -11.53 -7.50 9.60
CA GLN E 5 -10.22 -7.21 9.05
C GLN E 5 -9.13 -7.74 9.97
N LEU E 6 -9.33 -7.62 11.28
CA LEU E 6 -8.42 -8.19 12.27
C LEU E 6 -8.35 -9.71 12.14
N ALA E 7 -9.50 -10.35 11.95
CA ALA E 7 -9.54 -11.80 11.81
C ALA E 7 -8.81 -12.25 10.56
N THR E 8 -9.01 -11.54 9.44
CA THR E 8 -8.24 -11.85 8.23
C THR E 8 -6.75 -11.56 8.43
N GLU E 9 -6.42 -10.58 9.26
CA GLU E 9 -5.02 -10.24 9.48
C GLU E 9 -4.29 -11.34 10.27
N TYR E 10 -4.99 -11.95 11.24
CA TYR E 10 -4.37 -12.92 12.16
C TYR E 10 -4.73 -14.38 11.88
N VAL E 11 -6.02 -14.73 11.89
CA VAL E 11 -6.40 -16.14 11.84
C VAL E 11 -6.24 -16.69 10.42
N PHE E 12 -6.76 -15.98 9.43
CA PHE E 12 -6.85 -16.50 8.06
C PHE E 12 -5.65 -16.15 7.19
N SER E 13 -4.88 -15.12 7.55
CA SER E 13 -3.63 -14.84 6.84
C SER E 13 -2.55 -15.83 7.26
N ASP E 14 -1.36 -15.64 6.69
CA ASP E 14 -0.25 -16.53 6.99
C ASP E 14 0.24 -16.34 8.43
N PHE E 15 0.44 -15.09 8.84
CA PHE E 15 1.00 -14.72 10.15
C PHE E 15 2.40 -15.35 10.23
N LEU E 16 2.73 -16.13 11.26
CA LEU E 16 4.06 -16.75 11.41
C LEU E 16 4.09 -18.15 10.81
N LEU E 17 3.60 -18.29 9.57
CA LEU E 17 3.50 -19.55 8.86
C LEU E 17 4.37 -19.57 7.60
N LYS E 18 4.29 -18.50 6.79
CA LYS E 18 5.20 -18.40 5.65
C LYS E 18 6.64 -18.24 6.11
N GLU E 19 6.85 -17.47 7.18
CA GLU E 19 8.20 -17.27 7.72
C GLU E 19 8.13 -16.75 9.15
N LYS E 26 10.92 -22.35 1.83
CA LYS E 26 10.11 -22.79 0.71
C LYS E 26 10.47 -24.22 0.32
N GLY E 27 11.69 -24.39 -0.19
CA GLY E 27 12.16 -25.74 -0.47
C GLY E 27 12.35 -26.57 0.78
N LEU E 28 12.86 -25.94 1.85
CA LEU E 28 13.19 -26.59 3.11
C LEU E 28 12.34 -25.98 4.21
N ARG E 29 11.92 -26.83 5.17
CA ARG E 29 11.08 -26.46 6.31
C ARG E 29 11.84 -26.76 7.60
N LEU E 30 12.49 -25.72 8.15
CA LEU E 30 13.26 -25.83 9.39
C LEU E 30 12.40 -25.65 10.66
N GLU E 31 11.08 -25.74 10.57
CA GLU E 31 10.18 -25.73 11.72
C GLU E 31 9.09 -26.75 11.40
N LEU E 32 9.23 -27.95 11.96
CA LEU E 32 8.35 -29.07 11.64
C LEU E 32 6.91 -28.81 12.10
N ALA E 33 6.02 -29.74 11.74
CA ALA E 33 4.59 -29.59 12.08
C ALA E 33 4.40 -29.45 13.60
N VAL E 34 3.23 -28.97 14.04
CA VAL E 34 2.94 -28.76 15.49
C VAL E 34 3.73 -27.54 15.98
N ASP E 35 5.06 -27.54 15.85
CA ASP E 35 5.87 -26.36 16.24
C ASP E 35 5.23 -25.10 15.67
N LYS E 36 5.17 -24.98 14.34
CA LYS E 36 4.57 -23.80 13.71
C LYS E 36 3.15 -23.60 14.18
N MET E 37 2.36 -24.68 14.28
CA MET E 37 0.99 -24.62 14.77
C MET E 37 0.92 -24.08 16.19
N VAL E 38 1.73 -24.65 17.08
CA VAL E 38 1.74 -24.24 18.49
C VAL E 38 2.23 -22.81 18.63
N THR E 39 3.30 -22.45 17.90
CA THR E 39 3.84 -21.10 17.97
C THR E 39 2.84 -20.07 17.45
N CYS E 40 2.17 -20.36 16.32
CA CYS E 40 1.22 -19.43 15.75
C CYS E 40 0.03 -19.22 16.66
N ILE E 41 -0.55 -20.31 17.20
CA ILE E 41 -1.70 -20.17 18.08
C ILE E 41 -1.30 -19.45 19.37
N ALA E 42 -0.20 -19.88 20.01
CA ALA E 42 0.18 -19.34 21.31
C ALA E 42 0.61 -17.88 21.21
N VAL E 43 1.28 -17.49 20.13
CA VAL E 43 1.71 -16.11 19.96
C VAL E 43 0.55 -15.22 19.54
N GLY E 44 -0.24 -15.66 18.56
CA GLY E 44 -1.22 -14.77 17.96
C GLY E 44 -2.53 -14.68 18.73
N LEU E 45 -2.82 -15.66 19.59
CA LEU E 45 -4.09 -15.63 20.31
C LEU E 45 -4.15 -14.53 21.38
N PRO E 46 -3.08 -14.25 22.14
CA PRO E 46 -3.10 -13.00 22.92
C PRO E 46 -3.22 -11.76 22.06
N LEU E 47 -2.55 -11.73 20.89
CA LEU E 47 -2.68 -10.60 19.98
C LEU E 47 -4.10 -10.48 19.45
N LEU E 48 -4.68 -11.60 19.02
CA LEU E 48 -6.03 -11.62 18.47
C LEU E 48 -7.05 -11.20 19.53
N LEU E 49 -6.91 -11.72 20.75
CA LEU E 49 -7.87 -11.40 21.79
C LEU E 49 -7.70 -10.00 22.36
N ILE E 50 -6.47 -9.45 22.34
CA ILE E 50 -6.30 -8.03 22.69
C ILE E 50 -6.99 -7.17 21.64
N SER E 51 -6.77 -7.48 20.37
CA SER E 51 -7.36 -6.66 19.30
C SER E 51 -8.87 -6.81 19.28
N LEU E 52 -9.38 -7.99 19.64
CA LEU E 52 -10.81 -8.17 19.82
C LEU E 52 -11.32 -7.42 21.05
N ALA E 53 -10.48 -7.24 22.07
CA ALA E 53 -10.90 -6.56 23.29
C ALA E 53 -11.27 -5.10 23.02
N PHE E 54 -10.51 -4.44 22.14
CA PHE E 54 -10.68 -3.03 21.78
C PHE E 54 -11.11 -2.85 20.34
N ALA E 55 -11.97 -3.72 19.84
CA ALA E 55 -12.54 -3.52 18.52
C ALA E 55 -13.45 -2.30 18.52
N GLN E 56 -13.80 -1.84 17.32
CA GLN E 56 -14.64 -0.65 17.17
C GLN E 56 -16.03 -0.88 17.74
N GLU E 57 -16.58 -2.08 17.51
CA GLU E 57 -17.94 -2.35 17.93
C GLU E 57 -18.06 -2.53 19.44
N ILE E 58 -17.03 -3.15 20.06
CA ILE E 58 -17.16 -3.62 21.44
C ILE E 58 -16.80 -2.51 22.42
N SER E 59 -15.92 -1.59 22.03
CA SER E 59 -15.53 -0.47 22.88
C SER E 59 -16.62 0.61 22.81
N ILE E 60 -17.31 0.82 23.93
CA ILE E 60 -18.32 1.87 23.98
C ILE E 60 -17.68 3.26 23.89
N GLY E 61 -16.48 3.41 24.44
CA GLY E 61 -15.85 4.71 24.48
C GLY E 61 -14.68 4.74 25.46
N THR E 62 -14.68 5.73 26.34
CA THR E 62 -13.67 5.82 27.37
C THR E 62 -13.76 4.61 28.32
N GLN E 63 -12.58 4.11 28.70
CA GLN E 63 -12.51 2.84 29.41
C GLN E 63 -12.94 2.98 30.86
N ILE E 64 -12.68 4.14 31.47
CA ILE E 64 -13.09 4.45 32.84
C ILE E 64 -14.01 5.66 32.80
N SER E 65 -15.12 5.55 33.51
CA SER E 65 -16.01 6.65 33.80
C SER E 65 -16.27 6.60 35.29
N CYS E 66 -16.54 7.76 35.90
CA CYS E 66 -16.39 7.94 37.34
C CYS E 66 -17.54 8.68 38.02
N PHE E 67 -18.55 9.14 37.28
CA PHE E 67 -19.77 9.73 37.86
C PHE E 67 -19.46 10.98 38.68
N SER E 68 -18.99 12.02 38.00
CA SER E 68 -18.84 13.30 38.64
C SER E 68 -20.21 13.86 39.00
N PRO E 69 -20.29 14.80 39.95
CA PRO E 69 -21.59 15.45 40.20
C PRO E 69 -22.05 16.26 39.01
N SER E 70 -23.34 16.61 39.01
CA SER E 70 -23.90 17.43 37.94
C SER E 70 -23.30 18.84 37.96
N SER E 71 -22.88 19.32 39.13
CA SER E 71 -22.27 20.64 39.23
C SER E 71 -20.93 20.70 38.49
N PHE E 72 -20.22 19.57 38.41
CA PHE E 72 -18.95 19.55 37.70
C PHE E 72 -19.15 19.76 36.21
N SER E 73 -18.21 20.49 35.60
CA SER E 73 -18.26 20.75 34.17
C SER E 73 -17.76 19.54 33.38
N TRP E 74 -17.67 19.72 32.06
CA TRP E 74 -17.23 18.63 31.19
C TRP E 74 -15.77 18.28 31.44
N ARG E 75 -14.89 19.29 31.42
CA ARG E 75 -13.47 19.02 31.61
C ARG E 75 -13.14 18.68 33.05
N GLN E 76 -13.97 19.07 34.01
CA GLN E 76 -13.77 18.64 35.39
C GLN E 76 -14.01 17.13 35.51
N ALA E 77 -15.07 16.62 34.85
CA ALA E 77 -15.28 15.18 34.82
C ALA E 77 -14.19 14.48 34.01
N ALA E 78 -13.66 15.15 32.98
CA ALA E 78 -12.53 14.60 32.24
C ALA E 78 -11.30 14.48 33.13
N PHE E 79 -11.06 15.49 33.98
CA PHE E 79 -10.00 15.41 34.98
C PHE E 79 -10.22 14.24 35.92
N VAL E 80 -11.46 14.04 36.37
CA VAL E 80 -11.75 12.98 37.33
C VAL E 80 -11.47 11.62 36.71
N ASP E 81 -11.91 11.42 35.47
CA ASP E 81 -11.68 10.16 34.76
C ASP E 81 -10.18 9.93 34.53
N SER E 82 -9.49 10.94 34.03
CA SER E 82 -8.07 10.79 33.69
C SER E 82 -7.22 10.60 34.95
N TYR E 83 -7.55 11.33 36.02
CA TYR E 83 -6.83 11.19 37.28
C TYR E 83 -7.01 9.80 37.86
N CYS E 84 -8.24 9.28 37.86
CA CYS E 84 -8.44 7.98 38.49
C CYS E 84 -7.87 6.85 37.63
N TRP E 85 -7.84 7.05 36.30
CA TRP E 85 -7.07 6.16 35.42
C TRP E 85 -5.61 6.14 35.81
N ALA E 86 -5.01 7.31 36.00
CA ALA E 86 -3.63 7.34 36.45
C ALA E 86 -3.46 6.84 37.88
N ALA E 87 -4.51 6.98 38.71
CA ALA E 87 -4.42 6.73 40.14
C ALA E 87 -4.87 5.35 40.56
N VAL E 88 -5.15 4.46 39.60
CA VAL E 88 -5.09 3.02 39.94
C VAL E 88 -3.66 2.61 40.29
N GLN E 89 -2.64 3.31 39.79
CA GLN E 89 -1.25 2.99 40.08
C GLN E 89 -0.91 3.14 41.56
N GLN E 90 -0.98 4.37 42.09
CA GLN E 90 -0.53 4.60 43.46
C GLN E 90 -1.51 4.04 44.46
N LYS E 91 -1.00 3.60 45.61
CA LYS E 91 -1.83 2.89 46.60
C LYS E 91 -2.78 3.84 47.32
N ASN E 92 -2.27 4.99 47.74
CA ASN E 92 -3.00 5.83 48.69
C ASN E 92 -4.20 6.52 48.06
N SER E 93 -4.16 6.76 46.75
CA SER E 93 -5.16 7.62 46.12
C SER E 93 -6.56 6.99 46.09
N LEU E 94 -6.64 5.65 46.10
CA LEU E 94 -7.88 4.92 45.92
C LEU E 94 -8.03 3.88 47.03
N GLN E 95 -9.27 3.44 47.24
CA GLN E 95 -9.62 2.30 48.08
C GLN E 95 -10.57 1.41 47.31
N SER E 96 -10.41 0.10 47.46
CA SER E 96 -11.26 -0.87 46.77
C SER E 96 -11.37 -2.13 47.62
N GLU E 97 -12.50 -2.83 47.44
CA GLU E 97 -12.73 -4.06 48.18
C GLU E 97 -11.76 -5.16 47.75
N SER E 98 -11.55 -5.28 46.44
CA SER E 98 -10.65 -6.33 45.94
C SER E 98 -9.21 -6.04 46.30
N GLY E 99 -8.75 -4.81 46.03
CA GLY E 99 -7.41 -4.33 46.29
C GLY E 99 -6.86 -3.58 45.10
N ASN E 100 -5.59 -3.19 45.21
CA ASN E 100 -4.90 -2.44 44.16
C ASN E 100 -4.37 -3.34 43.05
N LEU E 101 -3.96 -4.56 43.40
CA LEU E 101 -3.43 -5.49 42.41
C LEU E 101 -4.42 -5.87 41.31
N PRO E 102 -5.67 -6.25 41.58
CA PRO E 102 -6.57 -6.54 40.44
C PRO E 102 -6.86 -5.33 39.58
N LEU E 103 -6.89 -4.12 40.14
CA LEU E 103 -7.04 -2.93 39.30
C LEU E 103 -5.80 -2.71 38.45
N TRP E 104 -4.62 -3.02 38.99
CA TRP E 104 -3.40 -3.00 38.19
C TRP E 104 -3.49 -3.98 37.03
N LEU E 105 -4.03 -5.16 37.27
CA LEU E 105 -4.20 -6.13 36.20
C LEU E 105 -5.22 -5.65 35.18
N HIS E 106 -6.29 -5.00 35.64
CA HIS E 106 -7.32 -4.49 34.74
C HIS E 106 -6.76 -3.40 33.83
N LYS E 107 -5.93 -2.50 34.37
CA LYS E 107 -5.33 -1.47 33.54
C LYS E 107 -4.35 -2.06 32.53
N PHE E 108 -3.52 -3.01 32.97
CA PHE E 108 -2.45 -3.59 32.16
C PHE E 108 -2.74 -5.04 31.75
N PHE E 109 -4.01 -5.39 31.59
CA PHE E 109 -4.34 -6.65 30.95
C PHE E 109 -3.77 -6.79 29.53
N PRO E 110 -3.91 -5.83 28.61
CA PRO E 110 -3.34 -6.05 27.27
C PRO E 110 -1.83 -6.06 27.26
N TYR E 111 -1.20 -5.27 28.15
CA TYR E 111 0.25 -5.32 28.30
C TYR E 111 0.70 -6.70 28.76
N ILE E 112 -0.03 -7.30 29.70
CA ILE E 112 0.38 -8.59 30.25
C ILE E 112 0.19 -9.69 29.20
N LEU E 113 -0.94 -9.66 28.49
CA LEU E 113 -1.14 -10.67 27.45
C LEU E 113 -0.18 -10.50 26.27
N LEU E 114 0.18 -9.27 25.91
CA LEU E 114 1.21 -9.08 24.89
C LEU E 114 2.58 -9.54 25.40
N LEU E 115 2.85 -9.36 26.69
CA LEU E 115 4.08 -9.86 27.27
C LEU E 115 4.14 -11.37 27.18
N PHE E 116 3.01 -12.04 27.44
CA PHE E 116 2.96 -13.50 27.28
C PHE E 116 3.12 -13.88 25.81
N ALA E 117 2.57 -13.09 24.88
CA ALA E 117 2.74 -13.41 23.46
C ALA E 117 4.21 -13.31 23.04
N ILE E 118 4.90 -12.26 23.49
CA ILE E 118 6.32 -12.12 23.15
C ILE E 118 7.14 -13.21 23.85
N LEU E 119 6.78 -13.55 25.09
CA LEU E 119 7.48 -14.61 25.81
C LEU E 119 7.28 -15.96 25.15
N LEU E 120 6.12 -16.17 24.53
CA LEU E 120 5.88 -17.38 23.76
C LEU E 120 6.61 -17.34 22.41
N TYR E 121 6.85 -16.14 21.90
CA TYR E 121 7.63 -16.00 20.67
C TYR E 121 9.13 -16.18 20.89
N LEU E 122 9.63 -15.99 22.12
CA LEU E 122 11.07 -16.14 22.38
C LEU E 122 11.67 -17.51 22.08
N PRO E 123 11.10 -18.65 22.50
CA PRO E 123 11.76 -19.95 22.21
C PRO E 123 11.73 -20.32 20.74
N PRO E 124 10.63 -20.07 19.99
CA PRO E 124 10.74 -20.22 18.52
C PRO E 124 11.77 -19.31 17.88
N LEU E 125 11.96 -18.09 18.40
CA LEU E 125 12.99 -17.21 17.84
C LEU E 125 14.39 -17.72 18.14
N PHE E 126 14.60 -18.20 19.37
CA PHE E 126 15.90 -18.75 19.74
C PHE E 126 16.17 -20.04 18.97
N TRP E 127 15.11 -20.77 18.59
CA TRP E 127 15.26 -21.86 17.64
C TRP E 127 15.62 -21.33 16.25
N ARG E 128 15.00 -20.23 15.83
CA ARG E 128 15.16 -19.76 14.45
C ARG E 128 16.55 -19.13 14.24
N PHE E 129 17.27 -18.80 15.32
CA PHE E 129 18.69 -18.41 15.24
C PHE E 129 19.67 -19.49 15.69
N ALA E 130 19.55 -20.00 16.92
CA ALA E 130 20.65 -20.75 17.51
C ALA E 130 20.82 -22.12 16.86
N ALA E 131 19.69 -22.78 16.54
CA ALA E 131 19.68 -24.16 16.05
C ALA E 131 19.18 -24.30 14.62
N ALA E 132 18.46 -23.31 14.07
CA ALA E 132 17.93 -23.37 12.71
C ALA E 132 18.98 -23.50 11.60
N PRO E 133 20.11 -22.74 11.59
CA PRO E 133 21.12 -22.95 10.54
C PRO E 133 21.74 -24.35 10.53
N HIS E 134 21.94 -24.93 11.71
CA HIS E 134 22.58 -26.25 11.78
C HIS E 134 21.68 -27.33 11.21
N ILE E 135 20.43 -27.38 11.67
CA ILE E 135 19.43 -28.31 11.12
C ILE E 135 19.16 -28.05 9.65
N CYS E 136 19.07 -26.78 9.24
CA CYS E 136 18.95 -26.40 7.83
C CYS E 136 20.05 -26.98 6.94
N SER E 137 21.31 -26.69 7.28
CA SER E 137 22.43 -27.11 6.44
C SER E 137 22.57 -28.63 6.44
N ASP E 138 22.45 -29.26 7.62
CA ASP E 138 22.58 -30.70 7.73
C ASP E 138 21.48 -31.43 6.96
N LEU E 139 20.23 -30.96 7.08
CA LEU E 139 19.14 -31.64 6.39
C LEU E 139 19.23 -31.48 4.88
N LYS E 140 19.58 -30.27 4.39
CA LYS E 140 19.68 -30.14 2.94
C LYS E 140 20.86 -30.92 2.38
N PHE E 141 21.95 -31.04 3.15
CA PHE E 141 23.04 -31.91 2.73
C PHE E 141 22.60 -33.37 2.67
N ILE E 142 21.80 -33.81 3.66
CA ILE E 142 21.35 -35.20 3.66
C ILE E 142 20.42 -35.47 2.49
N MET E 143 19.53 -34.52 2.18
CA MET E 143 18.66 -34.63 1.00
C MET E 143 19.47 -34.71 -0.29
N GLU E 144 20.49 -33.86 -0.44
CA GLU E 144 21.34 -33.90 -1.63
C GLU E 144 22.10 -35.22 -1.75
N GLU E 145 22.63 -35.71 -0.62
CA GLU E 145 23.38 -36.97 -0.64
C GLU E 145 22.47 -38.15 -0.98
N LEU E 146 21.24 -38.15 -0.46
CA LEU E 146 20.32 -39.24 -0.77
C LEU E 146 19.89 -39.20 -2.24
N ASP E 147 19.73 -37.99 -2.80
CA ASP E 147 19.44 -37.88 -4.22
C ASP E 147 20.61 -38.39 -5.06
N LYS E 148 21.85 -38.10 -4.64
CA LYS E 148 23.02 -38.62 -5.35
C LYS E 148 23.08 -40.14 -5.26
N VAL E 149 22.70 -40.70 -4.10
CA VAL E 149 22.72 -42.15 -3.92
C VAL E 149 21.70 -42.81 -4.84
N TYR E 150 20.49 -42.24 -4.94
CA TYR E 150 19.49 -42.81 -5.84
C TYR E 150 19.90 -42.64 -7.30
N ASN E 151 20.57 -41.53 -7.63
CA ASN E 151 21.05 -41.35 -9.00
C ASN E 151 22.10 -42.40 -9.36
N ARG E 152 23.00 -42.70 -8.42
CA ARG E 152 23.99 -43.75 -8.65
C ARG E 152 23.33 -45.12 -8.76
N ALA E 153 22.30 -45.37 -7.94
CA ALA E 153 21.59 -46.64 -8.02
C ALA E 153 20.85 -46.79 -9.34
N ILE E 154 20.26 -45.70 -9.84
CA ILE E 154 19.55 -45.74 -11.11
C ILE E 154 20.54 -45.93 -12.25
N LYS E 155 21.72 -45.31 -12.17
CA LYS E 155 22.75 -45.52 -13.17
C LYS E 155 23.24 -46.97 -13.17
N ALA E 156 23.38 -47.56 -11.98
CA ALA E 156 23.78 -48.97 -11.90
C ALA E 156 22.70 -49.88 -12.47
N ALA E 157 21.44 -49.57 -12.19
CA ALA E 157 20.34 -50.43 -12.66
C ALA E 157 20.20 -50.36 -14.18
N LYS E 158 20.37 -49.18 -14.77
CA LYS E 158 20.23 -49.00 -16.20
C LYS E 158 21.37 -49.69 -16.94
N LYS E 192 31.95 -46.05 -2.93
CA LYS E 192 32.41 -47.20 -2.16
C LYS E 192 31.90 -47.14 -0.73
N TYR E 193 32.34 -46.10 -0.01
CA TYR E 193 32.00 -45.89 1.39
C TYR E 193 30.77 -44.99 1.47
N PRO E 194 29.63 -45.44 2.04
CA PRO E 194 28.49 -44.51 2.12
C PRO E 194 28.72 -43.45 3.19
N ILE E 195 28.86 -42.20 2.76
CA ILE E 195 29.07 -41.10 3.68
C ILE E 195 27.85 -40.86 4.56
N VAL E 196 26.65 -41.13 4.03
CA VAL E 196 25.41 -40.79 4.73
C VAL E 196 25.24 -41.62 5.99
N GLU E 197 25.62 -42.90 5.93
CA GLU E 197 25.43 -43.79 7.08
C GLU E 197 26.31 -43.37 8.26
N GLN E 198 27.60 -43.14 8.02
CA GLN E 198 28.50 -42.73 9.09
C GLN E 198 28.23 -41.29 9.54
N TYR E 199 27.85 -40.40 8.62
CA TYR E 199 27.47 -39.05 9.01
C TYR E 199 26.17 -39.05 9.82
N LEU E 200 25.32 -40.05 9.60
CA LEU E 200 24.14 -40.23 10.44
C LEU E 200 24.51 -40.78 11.81
N LYS E 201 25.47 -41.70 11.86
CA LYS E 201 25.90 -42.31 13.12
C LYS E 201 26.59 -41.29 14.04
N THR E 202 27.44 -40.42 13.48
CA THR E 202 28.15 -39.46 14.31
C THR E 202 27.19 -38.42 14.92
N LYS E 203 26.06 -38.14 14.27
CA LYS E 203 25.00 -37.34 14.87
C LYS E 203 24.12 -38.16 15.81
N LYS E 204 24.09 -39.48 15.64
CA LYS E 204 23.51 -40.34 16.68
C LYS E 204 24.27 -40.18 17.98
N ASN E 205 25.60 -40.06 17.89
CA ASN E 205 26.40 -39.85 19.10
C ASN E 205 26.10 -38.49 19.75
N SER E 206 25.93 -37.44 18.94
CA SER E 206 25.77 -36.09 19.48
C SER E 206 24.35 -35.85 19.94
N ASN E 207 24.20 -34.95 20.93
CA ASN E 207 22.89 -34.56 21.46
C ASN E 207 22.79 -33.07 21.80
N ASN E 208 23.59 -32.20 21.17
CA ASN E 208 23.51 -30.78 21.47
C ASN E 208 22.23 -30.17 20.91
N LEU E 209 21.91 -30.52 19.66
CA LEU E 209 20.76 -29.92 18.98
C LEU E 209 19.44 -30.33 19.62
N ILE E 210 19.31 -31.59 20.05
CA ILE E 210 18.11 -32.02 20.75
C ILE E 210 18.00 -31.32 22.11
N ILE E 211 19.14 -31.04 22.76
CA ILE E 211 19.11 -30.30 24.02
C ILE E 211 18.57 -28.89 23.78
N LYS E 212 18.98 -28.26 22.67
CA LYS E 212 18.43 -26.97 22.31
C LYS E 212 16.93 -27.05 22.01
N TYR E 213 16.51 -28.10 21.31
CA TYR E 213 15.10 -28.26 20.96
C TYR E 213 14.23 -28.48 22.19
N ILE E 214 14.65 -29.36 23.08
CA ILE E 214 13.89 -29.64 24.29
C ILE E 214 13.92 -28.43 25.22
N SER E 215 15.01 -27.66 25.21
CA SER E 215 15.03 -26.42 25.99
C SER E 215 14.00 -25.42 25.46
N CYS E 216 13.90 -25.31 24.12
CA CYS E 216 12.89 -24.43 23.51
C CYS E 216 11.48 -24.86 23.89
N ARG E 217 11.19 -26.15 23.73
CA ARG E 217 9.83 -26.63 24.01
C ARG E 217 9.52 -26.60 25.50
N LEU E 218 10.52 -26.81 26.36
CA LEU E 218 10.30 -26.74 27.80
C LEU E 218 10.02 -25.30 28.23
N LEU E 219 10.76 -24.33 27.65
CA LEU E 219 10.47 -22.93 27.94
C LEU E 219 9.07 -22.55 27.46
N THR E 220 8.67 -23.07 26.29
CA THR E 220 7.32 -22.83 25.78
C THR E 220 6.26 -23.41 26.70
N LEU E 221 6.48 -24.63 27.20
CA LEU E 221 5.52 -25.26 28.11
C LEU E 221 5.45 -24.51 29.43
N ILE E 222 6.59 -24.07 29.96
CA ILE E 222 6.61 -23.35 31.23
C ILE E 222 5.88 -22.01 31.08
N ILE E 223 6.09 -21.33 29.95
CA ILE E 223 5.42 -20.05 29.74
C ILE E 223 3.92 -20.27 29.53
N ILE E 224 3.53 -21.36 28.87
CA ILE E 224 2.11 -21.67 28.71
C ILE E 224 1.48 -21.93 30.07
N LEU E 225 2.17 -22.66 30.95
CA LEU E 225 1.62 -22.93 32.27
C LEU E 225 1.53 -21.65 33.10
N LEU E 226 2.52 -20.76 32.99
CA LEU E 226 2.45 -19.49 33.71
C LEU E 226 1.31 -18.62 33.19
N ALA E 227 1.10 -18.61 31.87
CA ALA E 227 -0.02 -17.88 31.30
C ALA E 227 -1.35 -18.48 31.74
N CYS E 228 -1.42 -19.81 31.85
CA CYS E 228 -2.62 -20.47 32.35
C CYS E 228 -2.90 -20.08 33.79
N ILE E 229 -1.85 -20.01 34.61
CA ILE E 229 -1.99 -19.58 36.00
C ILE E 229 -2.52 -18.16 36.08
N TYR E 230 -1.95 -17.25 35.27
CA TYR E 230 -2.40 -15.86 35.26
C TYR E 230 -3.84 -15.74 34.79
N LEU E 231 -4.19 -16.46 33.71
CA LEU E 231 -5.53 -16.31 33.15
C LEU E 231 -6.57 -16.92 34.06
N GLY E 232 -6.23 -18.02 34.73
CA GLY E 232 -7.14 -18.59 35.72
C GLY E 232 -7.33 -17.67 36.91
N TYR E 233 -6.25 -17.01 37.37
CA TYR E 233 -6.40 -16.06 38.46
C TYR E 233 -7.20 -14.84 38.03
N TYR E 234 -7.00 -14.38 36.79
CA TYR E 234 -7.67 -13.17 36.33
C TYR E 234 -9.16 -13.42 36.11
N PHE E 235 -9.51 -14.55 35.50
CA PHE E 235 -10.91 -14.87 35.29
C PHE E 235 -11.63 -15.14 36.61
N SER E 236 -10.93 -15.69 37.60
CA SER E 236 -11.51 -15.96 38.91
C SER E 236 -11.76 -14.71 39.75
N LEU E 237 -11.34 -13.53 39.30
CA LEU E 237 -11.67 -12.29 40.00
C LEU E 237 -13.19 -12.09 40.00
N SER E 238 -13.68 -11.42 41.05
CA SER E 238 -15.11 -11.37 41.34
C SER E 238 -15.92 -10.63 40.28
N SER E 239 -15.31 -9.79 39.44
CA SER E 239 -15.88 -8.90 38.43
C SER E 239 -16.50 -7.64 39.03
N LEU E 240 -16.56 -7.50 40.36
CA LEU E 240 -16.64 -6.22 41.04
C LEU E 240 -15.27 -5.64 41.37
N SER E 241 -14.17 -6.29 40.95
CA SER E 241 -12.85 -5.69 41.13
C SER E 241 -12.70 -4.44 40.30
N ASP E 242 -13.34 -4.39 39.14
CA ASP E 242 -13.37 -3.17 38.32
C ASP E 242 -14.01 -1.99 39.04
N GLU E 243 -14.96 -2.24 39.94
CA GLU E 243 -15.57 -1.18 40.74
C GLU E 243 -14.53 -0.70 41.74
N PHE E 244 -14.33 0.60 41.84
CA PHE E 244 -13.48 1.15 42.88
C PHE E 244 -13.84 2.62 43.09
N VAL E 245 -13.34 3.16 44.20
CA VAL E 245 -13.55 4.55 44.60
C VAL E 245 -12.19 5.22 44.70
N CYS E 246 -12.07 6.39 44.07
CA CYS E 246 -10.86 7.20 44.06
C CYS E 246 -11.22 8.61 44.54
N SER E 247 -10.27 9.26 45.21
CA SER E 247 -10.42 10.63 45.69
C SER E 247 -9.46 11.53 44.92
N ILE E 248 -10.00 12.55 44.25
CA ILE E 248 -9.19 13.60 43.62
C ILE E 248 -8.92 14.68 44.66
N LYS E 249 -7.99 14.39 45.59
CA LYS E 249 -7.74 15.22 46.76
C LYS E 249 -6.26 15.37 47.09
N SER E 250 -5.38 14.87 46.23
CA SER E 250 -3.93 15.06 46.48
C SER E 250 -3.55 16.52 46.18
N GLY E 251 -2.54 17.03 46.86
CA GLY E 251 -2.07 18.39 46.63
C GLY E 251 -3.02 19.40 47.25
N ILE E 252 -3.26 20.49 46.50
CA ILE E 252 -4.09 21.59 47.02
C ILE E 252 -5.54 21.19 47.23
N LEU E 253 -6.04 20.17 46.53
CA LEU E 253 -7.43 19.75 46.68
C LEU E 253 -7.68 18.94 47.94
N ARG E 254 -6.66 18.69 48.78
CA ARG E 254 -6.90 18.07 50.07
C ARG E 254 -7.78 18.93 50.96
N ASN E 255 -7.62 20.26 50.89
CA ASN E 255 -8.30 21.21 51.77
C ASN E 255 -9.16 22.19 50.98
N ASP E 256 -9.85 21.68 49.95
CA ASP E 256 -10.80 22.45 49.16
C ASP E 256 -12.21 22.13 49.64
N SER E 257 -13.06 23.16 49.70
CA SER E 257 -14.36 23.03 50.36
C SER E 257 -15.29 22.10 49.61
N THR E 258 -15.43 22.30 48.29
CA THR E 258 -16.47 21.67 47.47
C THR E 258 -15.84 20.74 46.42
N VAL E 259 -15.53 19.52 46.84
CA VAL E 259 -15.26 18.39 45.94
C VAL E 259 -15.85 17.17 46.64
N PRO E 260 -16.44 16.18 45.95
CA PRO E 260 -16.78 14.94 46.65
C PRO E 260 -15.55 14.22 47.20
N ASP E 261 -15.74 13.55 48.34
CA ASP E 261 -14.64 12.85 49.00
C ASP E 261 -14.13 11.70 48.13
N GLN E 262 -15.03 11.03 47.42
CA GLN E 262 -14.68 9.87 46.60
C GLN E 262 -15.70 9.69 45.48
N PHE E 263 -15.26 9.03 44.41
CA PHE E 263 -15.97 8.98 43.13
C PHE E 263 -16.09 7.53 42.69
N GLN E 264 -17.32 7.07 42.47
CA GLN E 264 -17.53 5.69 42.05
C GLN E 264 -17.10 5.51 40.61
N CYS E 265 -16.09 4.66 40.39
CA CYS E 265 -15.52 4.38 39.08
C CYS E 265 -15.61 2.90 38.78
N LYS E 266 -15.92 2.58 37.53
CA LYS E 266 -15.88 1.23 36.98
C LYS E 266 -14.90 1.24 35.82
N LEU E 267 -14.06 0.22 35.75
CA LEU E 267 -13.17 0.00 34.61
C LEU E 267 -13.96 -0.80 33.58
N ILE E 268 -14.41 -0.13 32.51
CA ILE E 268 -15.22 -0.79 31.50
C ILE E 268 -14.30 -1.67 30.65
N ALA E 269 -14.86 -2.76 30.15
CA ALA E 269 -14.23 -3.85 29.38
C ALA E 269 -13.48 -4.83 30.26
N VAL E 270 -13.57 -4.74 31.60
CA VAL E 270 -12.96 -5.76 32.44
C VAL E 270 -13.70 -7.08 32.28
N GLY E 271 -15.02 -7.04 32.12
CA GLY E 271 -15.75 -8.27 31.84
C GLY E 271 -15.40 -8.84 30.49
N ILE E 272 -15.14 -7.97 29.50
CA ILE E 272 -14.67 -8.43 28.20
C ILE E 272 -13.29 -9.07 28.34
N PHE E 273 -12.44 -8.49 29.19
CA PHE E 273 -11.13 -9.08 29.46
C PHE E 273 -11.27 -10.44 30.12
N GLN E 274 -12.26 -10.61 31.02
CA GLN E 274 -12.44 -11.89 31.69
C GLN E 274 -12.97 -12.95 30.73
N LEU E 275 -13.87 -12.55 29.82
CA LEU E 275 -14.37 -13.49 28.82
C LEU E 275 -13.26 -13.94 27.88
N LEU E 276 -12.47 -12.98 27.39
CA LEU E 276 -11.32 -13.33 26.56
C LEU E 276 -10.26 -14.09 27.35
N SER E 277 -10.18 -13.87 28.67
CA SER E 277 -9.25 -14.63 29.49
C SER E 277 -9.63 -16.08 29.59
N VAL E 278 -10.91 -16.38 29.82
CA VAL E 278 -11.32 -17.78 29.89
C VAL E 278 -11.20 -18.45 28.52
N ILE E 279 -11.42 -17.69 27.43
CA ILE E 279 -11.20 -18.23 26.09
C ILE E 279 -9.73 -18.58 25.89
N ASN E 280 -8.83 -17.67 26.27
CA ASN E 280 -7.39 -17.91 26.14
C ASN E 280 -6.94 -19.05 27.02
N LEU E 281 -7.49 -19.14 28.23
CA LEU E 281 -7.15 -20.21 29.16
C LEU E 281 -7.59 -21.56 28.62
N VAL E 282 -8.79 -21.62 28.02
CA VAL E 282 -9.30 -22.87 27.46
C VAL E 282 -8.41 -23.32 26.30
N VAL E 283 -8.04 -22.38 25.42
CA VAL E 283 -7.22 -22.75 24.27
C VAL E 283 -5.82 -23.16 24.71
N TYR E 284 -5.25 -22.48 25.70
CA TYR E 284 -3.92 -22.85 26.17
C TYR E 284 -3.95 -24.16 26.95
N VAL E 285 -5.03 -24.44 27.65
CA VAL E 285 -5.16 -25.73 28.34
C VAL E 285 -5.27 -26.85 27.32
N LEU E 286 -5.92 -26.60 26.19
CA LEU E 286 -5.90 -27.57 25.10
C LEU E 286 -4.50 -27.68 24.48
N LEU E 287 -3.78 -26.56 24.41
CA LEU E 287 -2.49 -26.54 23.71
C LEU E 287 -1.39 -27.24 24.51
N ALA E 288 -1.46 -27.16 25.84
CA ALA E 288 -0.37 -27.68 26.68
C ALA E 288 -0.13 -29.19 26.54
N PRO E 289 -1.16 -30.06 26.47
CA PRO E 289 -0.87 -31.48 26.17
C PRO E 289 -0.18 -31.70 24.83
N VAL E 290 -0.42 -30.85 23.83
CA VAL E 290 0.28 -30.98 22.56
C VAL E 290 1.77 -30.67 22.75
N VAL E 291 2.08 -29.69 23.59
CA VAL E 291 3.49 -29.36 23.84
C VAL E 291 4.15 -30.49 24.64
N VAL E 292 3.42 -31.07 25.59
CA VAL E 292 3.96 -32.18 26.38
C VAL E 292 4.20 -33.39 25.48
N TYR E 293 3.32 -33.61 24.51
CA TYR E 293 3.58 -34.63 23.50
C TYR E 293 4.79 -34.28 22.65
N THR E 294 4.97 -32.99 22.37
CA THR E 294 6.11 -32.56 21.55
C THR E 294 7.43 -32.75 22.29
N LEU E 295 7.42 -32.74 23.63
CA LEU E 295 8.65 -32.96 24.38
C LEU E 295 9.24 -34.35 24.13
N PHE E 296 8.40 -35.37 24.11
CA PHE E 296 8.87 -36.75 23.96
C PHE E 296 9.28 -36.94 22.50
N VAL E 297 10.55 -36.63 22.22
CA VAL E 297 11.07 -36.80 20.86
C VAL E 297 11.07 -38.24 20.36
N PRO E 298 11.54 -39.26 21.12
CA PRO E 298 11.65 -40.59 20.48
C PRO E 298 10.31 -41.29 20.30
N PHE E 299 9.30 -40.93 21.09
CA PHE E 299 7.98 -41.52 21.01
C PHE E 299 7.21 -41.12 19.74
N ARG E 300 7.65 -40.07 19.02
CA ARG E 300 6.95 -39.53 17.86
C ARG E 300 6.78 -40.54 16.71
N GLN E 301 7.65 -41.55 16.63
CA GLN E 301 7.43 -42.72 15.78
C GLN E 301 7.34 -42.40 14.29
N LYS E 302 8.43 -41.93 13.69
CA LYS E 302 8.51 -41.88 12.24
C LYS E 302 8.35 -43.28 11.66
N THR E 303 7.49 -43.40 10.65
CA THR E 303 7.03 -44.72 10.19
C THR E 303 7.95 -45.29 9.12
N ASP E 304 9.21 -45.46 9.50
CA ASP E 304 10.24 -46.09 8.65
C ASP E 304 10.45 -45.29 7.36
N VAL E 305 10.45 -43.96 7.50
CA VAL E 305 10.65 -43.10 6.33
C VAL E 305 12.07 -43.25 5.80
N LEU E 306 13.05 -43.41 6.70
CA LEU E 306 14.44 -43.63 6.30
C LEU E 306 14.65 -45.08 5.83
N LYS E 307 13.81 -46.01 6.30
CA LYS E 307 13.95 -47.41 5.92
C LYS E 307 13.64 -47.66 4.43
N VAL E 308 12.95 -46.73 3.76
CA VAL E 308 12.63 -46.90 2.34
C VAL E 308 13.90 -46.95 1.50
N TYR E 309 14.92 -46.18 1.89
CA TYR E 309 16.18 -46.20 1.15
C TYR E 309 16.96 -47.50 1.35
N GLU E 310 16.69 -48.23 2.44
CA GLU E 310 17.35 -49.52 2.64
C GLU E 310 16.92 -50.55 1.60
N ILE E 311 15.72 -50.41 1.04
CA ILE E 311 15.23 -51.37 0.06
C ILE E 311 16.05 -51.33 -1.23
N LEU E 312 16.62 -50.17 -1.57
CA LEU E 312 17.39 -50.05 -2.80
C LEU E 312 18.69 -50.85 -2.66
N PRO E 313 19.23 -51.43 -3.74
CA PRO E 313 20.47 -52.23 -3.57
C PRO E 313 21.70 -51.37 -3.28
N THR E 314 21.88 -50.29 -4.02
CA THR E 314 23.08 -49.46 -3.85
C THR E 314 23.09 -48.75 -2.50
N PHE E 315 21.92 -48.26 -2.07
CA PHE E 315 21.82 -47.49 -0.83
C PHE E 315 21.82 -48.44 0.36
N ASP E 316 23.01 -48.82 0.82
CA ASP E 316 23.16 -49.66 2.01
C ASP E 316 23.24 -48.86 3.31
N VAL E 317 22.97 -47.55 3.28
CA VAL E 317 23.15 -46.66 4.42
C VAL E 317 21.83 -46.42 5.14
N LEU E 318 21.91 -45.95 6.38
CA LEU E 318 20.74 -45.49 7.13
C LEU E 318 19.76 -46.62 7.43
N HIS E 319 20.28 -47.76 7.88
CA HIS E 319 19.43 -48.89 8.22
C HIS E 319 18.71 -48.67 9.55
N PHE E 320 19.42 -48.14 10.55
CA PHE E 320 18.90 -48.08 11.92
C PHE E 320 18.12 -46.79 12.16
N LYS E 321 17.66 -46.63 13.40
CA LYS E 321 16.90 -45.46 13.83
C LYS E 321 17.12 -45.24 15.32
N SER E 322 16.81 -44.04 15.80
CA SER E 322 17.08 -43.69 17.19
C SER E 322 16.12 -44.42 18.12
N GLU E 323 16.58 -44.67 19.36
CA GLU E 323 15.77 -45.21 20.44
C GLU E 323 16.13 -44.48 21.73
N GLY E 324 16.26 -43.15 21.64
CA GLY E 324 16.61 -42.37 22.80
C GLY E 324 16.75 -40.90 22.45
N TYR E 325 17.17 -40.13 23.45
CA TYR E 325 17.34 -38.68 23.32
C TYR E 325 18.70 -38.42 22.68
N ASN E 326 18.69 -38.24 21.36
CA ASN E 326 19.89 -37.94 20.58
C ASN E 326 19.52 -36.91 19.52
N ASP E 327 20.55 -36.39 18.85
CA ASP E 327 20.31 -35.52 17.70
C ASP E 327 19.60 -36.27 16.58
N LEU E 328 19.90 -37.57 16.43
CA LEU E 328 19.34 -38.36 15.33
C LEU E 328 17.83 -38.50 15.44
N SER E 329 17.31 -38.53 16.67
CA SER E 329 15.86 -38.61 16.84
C SER E 329 15.16 -37.36 16.30
N LEU E 330 15.80 -36.20 16.47
CA LEU E 330 15.25 -34.96 15.93
C LEU E 330 15.47 -34.88 14.41
N TYR E 331 16.61 -35.41 13.94
CA TYR E 331 16.86 -35.45 12.50
C TYR E 331 15.86 -36.34 11.80
N ASN E 332 15.42 -37.42 12.45
CA ASN E 332 14.38 -38.28 11.87
C ASN E 332 13.07 -37.53 11.72
N LEU E 333 12.72 -36.68 12.69
CA LEU E 333 11.48 -35.93 12.59
C LEU E 333 11.56 -34.85 11.51
N PHE E 334 12.68 -34.13 11.44
CA PHE E 334 12.83 -33.13 10.38
C PHE E 334 12.92 -33.80 9.01
N LEU E 335 13.52 -34.99 8.95
CA LEU E 335 13.50 -35.79 7.73
C LEU E 335 12.07 -36.14 7.35
N GLU E 336 11.28 -36.67 8.29
CA GLU E 336 9.90 -37.06 7.99
C GLU E 336 9.03 -35.86 7.63
N GLU E 337 9.41 -34.67 8.08
CA GLU E 337 8.80 -33.45 7.55
C GLU E 337 9.18 -33.22 6.09
N ASN E 338 10.49 -33.25 5.77
CA ASN E 338 11.00 -32.73 4.50
C ASN E 338 11.28 -33.77 3.41
N ILE E 339 11.04 -35.06 3.67
CA ILE E 339 11.48 -36.11 2.75
C ILE E 339 10.48 -36.30 1.61
N SER E 340 9.22 -35.92 1.82
CA SER E 340 8.26 -35.95 0.72
C SER E 340 8.64 -34.97 -0.39
N GLU E 341 9.32 -33.87 -0.04
CA GLU E 341 9.82 -32.94 -1.05
C GLU E 341 10.93 -33.57 -1.90
N VAL E 342 11.63 -34.59 -1.39
CA VAL E 342 12.74 -35.19 -2.13
C VAL E 342 12.19 -35.90 -3.37
N LYS E 343 12.93 -35.78 -4.47
CA LYS E 343 12.59 -36.39 -5.75
C LYS E 343 12.52 -37.91 -5.61
N SER E 344 13.62 -38.51 -5.13
CA SER E 344 13.71 -40.00 -5.12
C SER E 344 12.83 -40.69 -4.09
N TYR E 345 12.63 -40.08 -2.92
CA TYR E 345 11.93 -40.80 -1.85
C TYR E 345 10.51 -41.14 -2.26
N LYS E 346 9.87 -40.26 -3.04
CA LYS E 346 8.49 -40.49 -3.42
C LYS E 346 8.39 -41.69 -4.37
N CYS E 347 9.31 -41.77 -5.34
CA CYS E 347 9.33 -42.91 -6.25
C CYS E 347 9.64 -44.20 -5.51
N LEU E 348 10.64 -44.18 -4.62
CA LEU E 348 10.99 -45.40 -3.92
C LEU E 348 9.93 -45.80 -2.90
N LYS E 349 9.20 -44.82 -2.35
CA LYS E 349 8.08 -45.12 -1.46
C LYS E 349 6.91 -45.70 -2.25
N VAL E 350 6.73 -45.28 -3.50
CA VAL E 350 5.74 -45.93 -4.36
C VAL E 350 6.13 -47.38 -4.62
N LEU E 351 7.42 -47.62 -4.86
CA LEU E 351 7.94 -48.98 -4.99
C LEU E 351 7.70 -49.80 -3.73
N GLU E 352 7.85 -49.18 -2.56
CA GLU E 352 7.56 -49.88 -1.31
C GLU E 352 6.07 -50.13 -1.12
N ASN E 353 5.23 -49.19 -1.56
CA ASN E 353 3.80 -49.34 -1.36
C ASN E 353 3.22 -50.45 -2.23
N ILE E 354 3.72 -50.60 -3.46
CA ILE E 354 3.24 -51.70 -4.30
C ILE E 354 3.67 -53.05 -3.72
N LYS E 355 4.85 -53.10 -3.09
CA LYS E 355 5.24 -54.30 -2.34
C LYS E 355 4.30 -54.52 -1.16
N SER E 356 3.87 -53.44 -0.51
CA SER E 356 2.92 -53.55 0.59
C SER E 356 1.58 -54.10 0.12
N SER E 357 1.21 -53.82 -1.14
CA SER E 357 0.00 -54.43 -1.70
C SER E 357 0.14 -55.94 -1.80
N ASP E 362 10.72 -58.79 -6.75
CA ASP E 362 11.94 -58.56 -7.56
C ASP E 362 12.04 -57.07 -7.86
N PRO E 363 13.25 -56.46 -7.87
CA PRO E 363 13.40 -55.01 -8.08
C PRO E 363 13.46 -54.58 -9.56
N MET E 364 12.85 -55.36 -10.45
CA MET E 364 12.81 -55.06 -11.88
C MET E 364 12.04 -53.75 -12.14
N LEU E 365 10.97 -53.56 -11.36
CA LEU E 365 10.12 -52.38 -11.48
C LEU E 365 10.89 -51.09 -11.23
N LEU E 366 11.82 -51.10 -10.28
CA LEU E 366 12.61 -49.92 -9.97
C LEU E 366 13.40 -49.46 -11.19
N LEU E 367 13.99 -50.41 -11.92
CA LEU E 367 14.73 -50.07 -13.13
C LEU E 367 13.77 -49.47 -14.14
N THR E 368 12.57 -50.05 -14.19
CA THR E 368 11.51 -49.58 -15.08
C THR E 368 10.98 -48.23 -14.65
N ASN E 369 10.89 -47.98 -13.34
CA ASN E 369 10.39 -46.70 -12.85
C ASN E 369 11.32 -45.55 -13.20
N LEU E 370 12.63 -45.77 -13.06
CA LEU E 370 13.65 -44.76 -13.35
C LEU E 370 13.49 -43.50 -12.50
N ALA F 2 -3.21 -0.28 16.18
CA ALA F 2 -3.50 -1.05 17.38
C ALA F 2 -2.20 -1.55 18.01
N ILE F 3 -2.30 -1.97 19.27
CA ILE F 3 -1.14 -2.51 19.98
C ILE F 3 -0.65 -3.80 19.33
N ALA F 4 -1.58 -4.61 18.82
CA ALA F 4 -1.20 -5.86 18.18
C ALA F 4 -0.57 -5.60 16.81
N GLN F 5 -1.08 -4.60 16.08
CA GLN F 5 -0.45 -4.18 14.84
C GLN F 5 0.96 -3.63 15.10
N LEU F 6 1.10 -2.89 16.20
CA LEU F 6 2.42 -2.41 16.62
C LEU F 6 3.36 -3.56 16.94
N ALA F 7 2.84 -4.59 17.62
CA ALA F 7 3.65 -5.75 17.97
C ALA F 7 4.10 -6.51 16.72
N THR F 8 3.20 -6.68 15.75
CA THR F 8 3.59 -7.29 14.49
C THR F 8 4.57 -6.39 13.72
N GLU F 9 4.46 -5.08 13.88
CA GLU F 9 5.36 -4.16 13.18
C GLU F 9 6.79 -4.26 13.72
N TYR F 10 6.94 -4.43 15.03
CA TYR F 10 8.26 -4.39 15.69
C TYR F 10 8.79 -5.76 16.10
N VAL F 11 8.06 -6.50 16.93
CA VAL F 11 8.63 -7.71 17.53
C VAL F 11 8.66 -8.85 16.51
N PHE F 12 7.56 -9.08 15.81
CA PHE F 12 7.40 -10.25 14.96
C PHE F 12 7.81 -10.02 13.52
N SER F 13 7.86 -8.77 13.05
CA SER F 13 8.40 -8.48 11.72
C SER F 13 9.92 -8.56 11.73
N ASP F 14 10.51 -8.29 10.58
CA ASP F 14 11.96 -8.34 10.46
C ASP F 14 12.62 -7.21 11.25
N PHE F 15 12.13 -5.98 11.08
CA PHE F 15 12.71 -4.77 11.68
C PHE F 15 14.15 -4.64 11.15
N LEU F 16 15.18 -4.52 12.00
CA LEU F 16 16.56 -4.37 11.56
C LEU F 16 17.27 -5.73 11.50
N LEU F 17 16.62 -6.71 10.85
CA LEU F 17 17.11 -8.08 10.71
C LEU F 17 17.39 -8.45 9.27
N LYS F 18 16.45 -8.16 8.37
CA LYS F 18 16.71 -8.36 6.95
C LYS F 18 17.81 -7.43 6.45
N GLU F 19 17.82 -6.20 6.93
CA GLU F 19 18.84 -5.23 6.55
C GLU F 19 18.89 -4.07 7.54
N LYS F 26 22.21 -11.20 1.98
CA LYS F 26 21.55 -12.46 1.67
C LYS F 26 22.57 -13.59 1.61
N GLY F 27 23.43 -13.52 0.59
CA GLY F 27 24.51 -14.49 0.49
C GLY F 27 25.52 -14.33 1.61
N LEU F 28 25.84 -13.09 1.97
CA LEU F 28 26.84 -12.72 2.96
C LEU F 28 26.16 -11.99 4.11
N ARG F 29 26.66 -12.24 5.34
CA ARG F 29 26.15 -11.66 6.59
C ARG F 29 27.27 -10.86 7.24
N LEU F 30 27.28 -9.54 7.01
CA LEU F 30 28.28 -8.63 7.58
C LEU F 30 27.92 -8.11 8.97
N GLU F 31 26.97 -8.75 9.68
CA GLU F 31 26.64 -8.45 11.07
C GLU F 31 26.36 -9.79 11.73
N LEU F 32 27.36 -10.31 12.44
CA LEU F 32 27.30 -11.65 13.01
C LEU F 32 26.22 -11.76 14.09
N ALA F 33 26.02 -12.99 14.58
CA ALA F 33 24.97 -13.23 15.60
C ALA F 33 25.20 -12.36 16.84
N VAL F 34 24.18 -12.21 17.69
CA VAL F 34 24.26 -11.36 18.92
C VAL F 34 24.25 -9.88 18.49
N ASP F 35 25.18 -9.45 17.66
CA ASP F 35 25.18 -8.05 17.16
C ASP F 35 23.77 -7.68 16.69
N LYS F 36 23.26 -8.35 15.65
CA LYS F 36 21.92 -8.09 15.15
C LYS F 36 20.88 -8.22 16.25
N MET F 37 21.00 -9.25 17.08
CA MET F 37 20.10 -9.47 18.21
C MET F 37 20.13 -8.30 19.19
N VAL F 38 21.34 -7.91 19.61
CA VAL F 38 21.50 -6.83 20.57
C VAL F 38 21.04 -5.51 19.97
N THR F 39 21.39 -5.23 18.71
CA THR F 39 20.98 -4.00 18.06
C THR F 39 19.47 -3.92 17.91
N CYS F 40 18.84 -5.01 17.49
CA CYS F 40 17.39 -5.02 17.30
C CYS F 40 16.65 -4.82 18.61
N ILE F 41 17.05 -5.54 19.67
CA ILE F 41 16.38 -5.38 20.96
C ILE F 41 16.62 -3.98 21.52
N ALA F 42 17.87 -3.52 21.53
CA ALA F 42 18.22 -2.25 22.16
C ALA F 42 17.60 -1.07 21.42
N VAL F 43 17.54 -1.14 20.09
CA VAL F 43 16.98 -0.03 19.31
C VAL F 43 15.45 -0.07 19.37
N GLY F 44 14.84 -1.25 19.18
CA GLY F 44 13.41 -1.30 19.00
C GLY F 44 12.61 -1.30 20.30
N LEU F 45 13.25 -1.66 21.42
CA LEU F 45 12.50 -1.73 22.67
C LEU F 45 12.11 -0.34 23.20
N PRO F 46 12.95 0.71 23.12
CA PRO F 46 12.40 2.05 23.37
C PRO F 46 11.30 2.43 22.39
N LEU F 47 11.44 2.06 21.11
CA LEU F 47 10.38 2.34 20.13
C LEU F 47 9.10 1.57 20.47
N LEU F 48 9.24 0.28 20.80
CA LEU F 48 8.08 -0.54 21.13
C LEU F 48 7.41 -0.05 22.39
N LEU F 49 8.18 0.30 23.42
CA LEU F 49 7.59 0.76 24.67
C LEU F 49 7.03 2.17 24.58
N ILE F 50 7.59 3.04 23.73
CA ILE F 50 6.95 4.34 23.49
C ILE F 50 5.61 4.12 22.80
N SER F 51 5.58 3.26 21.78
CA SER F 51 4.35 3.05 21.04
C SER F 51 3.30 2.34 21.91
N LEU F 52 3.76 1.49 22.82
CA LEU F 52 2.87 0.90 23.82
C LEU F 52 2.40 1.93 24.82
N ALA F 53 3.21 2.97 25.09
CA ALA F 53 2.84 3.98 26.08
C ALA F 53 1.60 4.76 25.63
N PHE F 54 1.50 5.05 24.33
CA PHE F 54 0.42 5.82 23.74
C PHE F 54 -0.43 4.99 22.79
N ALA F 55 -0.70 3.73 23.15
CA ALA F 55 -1.62 2.92 22.38
C ALA F 55 -3.03 3.47 22.53
N GLN F 56 -3.92 3.00 21.65
CA GLN F 56 -5.30 3.47 21.64
C GLN F 56 -6.02 3.07 22.93
N GLU F 57 -5.76 1.87 23.43
CA GLU F 57 -6.49 1.37 24.59
C GLU F 57 -6.00 2.04 25.87
N ILE F 58 -4.70 2.33 25.97
CA ILE F 58 -4.10 2.70 27.25
C ILE F 58 -4.22 4.21 27.48
N SER F 59 -4.26 4.99 26.41
CA SER F 59 -4.40 6.45 26.52
C SER F 59 -5.87 6.78 26.75
N ILE F 60 -6.18 7.30 27.94
CA ILE F 60 -7.55 7.71 28.24
C ILE F 60 -7.94 8.91 27.40
N GLY F 61 -7.00 9.80 27.11
CA GLY F 61 -7.31 11.02 26.41
C GLY F 61 -6.19 12.04 26.50
N THR F 62 -6.54 13.26 26.89
CA THR F 62 -5.53 14.30 27.10
C THR F 62 -4.58 13.90 28.23
N GLN F 63 -3.30 14.20 28.04
CA GLN F 63 -2.27 13.68 28.93
C GLN F 63 -2.24 14.43 30.25
N ILE F 64 -2.57 15.73 30.23
CA ILE F 64 -2.66 16.56 31.43
C ILE F 64 -4.09 17.08 31.54
N SER F 65 -4.63 16.96 32.76
CA SER F 65 -5.87 17.58 33.15
C SER F 65 -5.59 18.28 34.46
N CYS F 66 -6.32 19.37 34.74
CA CYS F 66 -5.89 20.36 35.72
C CYS F 66 -6.99 20.84 36.66
N PHE F 67 -8.23 20.38 36.52
CA PHE F 67 -9.31 20.68 37.47
C PHE F 67 -9.61 22.17 37.57
N SER F 68 -10.09 22.72 36.47
CA SER F 68 -10.57 24.09 36.50
C SER F 68 -11.83 24.17 37.37
N PRO F 69 -12.18 25.36 37.88
CA PRO F 69 -13.46 25.47 38.60
C PRO F 69 -14.64 25.23 37.69
N SER F 70 -15.80 24.99 38.30
CA SER F 70 -17.02 24.79 37.55
C SER F 70 -17.44 26.06 36.81
N SER F 71 -17.08 27.23 37.34
CA SER F 71 -17.40 28.49 36.68
C SER F 71 -16.66 28.63 35.35
N PHE F 72 -15.48 28.04 35.22
CA PHE F 72 -14.74 28.12 33.97
C PHE F 72 -15.46 27.36 32.86
N SER F 73 -15.39 27.91 31.65
CA SER F 73 -16.00 27.30 30.49
C SER F 73 -15.14 26.15 29.96
N TRP F 74 -15.56 25.59 28.83
CA TRP F 74 -14.85 24.47 28.24
C TRP F 74 -13.48 24.91 27.73
N ARG F 75 -13.44 25.97 26.92
CA ARG F 75 -12.18 26.43 26.35
C ARG F 75 -11.30 27.12 27.38
N GLN F 76 -11.88 27.62 28.49
CA GLN F 76 -11.05 28.14 29.57
C GLN F 76 -10.28 27.01 30.25
N ALA F 77 -10.94 25.87 30.46
CA ALA F 77 -10.23 24.71 30.99
C ALA F 77 -9.23 24.17 29.96
N ALA F 78 -9.57 24.28 28.67
CA ALA F 78 -8.61 23.90 27.63
C ALA F 78 -7.36 24.79 27.68
N PHE F 79 -7.56 26.09 27.90
CA PHE F 79 -6.43 27.00 28.11
C PHE F 79 -5.60 26.58 29.31
N VAL F 80 -6.27 26.21 30.40
CA VAL F 80 -5.55 25.85 31.63
C VAL F 80 -4.69 24.61 31.40
N ASP F 81 -5.27 23.59 30.74
CA ASP F 81 -4.53 22.37 30.44
C ASP F 81 -3.36 22.64 29.49
N SER F 82 -3.61 23.39 28.41
CA SER F 82 -2.58 23.63 27.41
C SER F 82 -1.46 24.52 27.97
N TYR F 83 -1.83 25.53 28.77
CA TYR F 83 -0.85 26.41 29.38
C TYR F 83 0.03 25.64 30.35
N CYS F 84 -0.56 24.77 31.19
CA CYS F 84 0.27 24.09 32.17
C CYS F 84 1.13 23.01 31.52
N TRP F 85 0.64 22.42 30.42
CA TRP F 85 1.48 21.57 29.58
C TRP F 85 2.70 22.33 29.07
N ALA F 86 2.48 23.54 28.54
CA ALA F 86 3.61 24.34 28.10
C ALA F 86 4.46 24.83 29.27
N ALA F 87 3.85 25.00 30.46
CA ALA F 87 4.49 25.66 31.59
C ALA F 87 5.11 24.68 32.58
N VAL F 88 5.17 23.40 32.26
CA VAL F 88 6.18 22.55 32.90
C VAL F 88 7.60 22.99 32.52
N GLN F 89 7.77 23.63 31.34
CA GLN F 89 9.08 24.08 30.89
C GLN F 89 9.67 25.15 31.81
N GLN F 90 9.02 26.32 31.89
CA GLN F 90 9.62 27.44 32.63
C GLN F 90 9.53 27.20 34.13
N LYS F 91 10.52 27.71 34.87
CA LYS F 91 10.64 27.42 36.29
C LYS F 91 9.58 28.16 37.10
N ASN F 92 9.37 29.44 36.80
CA ASN F 92 8.61 30.30 37.71
C ASN F 92 7.10 30.01 37.67
N SER F 93 6.60 29.46 36.56
CA SER F 93 5.15 29.36 36.38
C SER F 93 4.51 28.34 37.31
N LEU F 94 5.26 27.33 37.77
CA LEU F 94 4.75 26.20 38.54
C LEU F 94 5.59 26.00 39.79
N GLN F 95 5.00 25.33 40.77
CA GLN F 95 5.70 24.83 41.96
C GLN F 95 5.31 23.37 42.15
N SER F 96 6.27 22.55 42.57
CA SER F 96 6.03 21.13 42.80
C SER F 96 6.96 20.62 43.89
N GLU F 97 6.51 19.58 44.60
CA GLU F 97 7.32 19.00 45.67
C GLU F 97 8.56 18.33 45.11
N SER F 98 8.41 17.59 44.01
CA SER F 98 9.56 16.88 43.44
C SER F 98 10.55 17.86 42.82
N GLY F 99 10.07 18.79 42.00
CA GLY F 99 10.84 19.80 41.32
C GLY F 99 10.44 19.90 39.86
N ASN F 100 11.16 20.74 39.12
CA ASN F 100 10.89 20.96 37.70
C ASN F 100 11.52 19.88 36.82
N LEU F 101 12.67 19.34 37.22
CA LEU F 101 13.33 18.31 36.43
C LEU F 101 12.50 17.04 36.24
N PRO F 102 11.89 16.42 37.26
CA PRO F 102 11.07 15.23 36.96
C PRO F 102 9.86 15.52 36.10
N LEU F 103 9.28 16.71 36.19
CA LEU F 103 8.19 17.08 35.28
C LEU F 103 8.72 17.23 33.85
N TRP F 104 9.94 17.77 33.71
CA TRP F 104 10.60 17.81 32.40
C TRP F 104 10.78 16.41 31.83
N LEU F 105 11.17 15.45 32.69
CA LEU F 105 11.32 14.08 32.23
C LEU F 105 9.97 13.47 31.86
N HIS F 106 8.93 13.80 32.63
CA HIS F 106 7.59 13.27 32.34
C HIS F 106 7.08 13.78 31.01
N LYS F 107 7.30 15.06 30.70
CA LYS F 107 6.86 15.58 29.41
C LYS F 107 7.64 14.97 28.25
N PHE F 108 8.96 14.84 28.42
CA PHE F 108 9.88 14.37 27.37
C PHE F 108 10.42 12.97 27.64
N PHE F 109 9.65 12.13 28.33
CA PHE F 109 9.99 10.71 28.39
C PHE F 109 10.08 10.03 27.01
N PRO F 110 9.12 10.19 26.09
CA PRO F 110 9.27 9.49 24.80
C PRO F 110 10.39 10.06 23.95
N TYR F 111 10.63 11.37 24.06
CA TYR F 111 11.78 11.99 23.39
C TYR F 111 13.08 11.40 23.90
N ILE F 112 13.18 11.20 25.21
CA ILE F 112 14.44 10.72 25.80
C ILE F 112 14.67 9.25 25.42
N LEU F 113 13.60 8.45 25.48
CA LEU F 113 13.76 7.04 25.09
C LEU F 113 14.02 6.88 23.59
N LEU F 114 13.42 7.71 22.74
CA LEU F 114 13.77 7.68 21.32
C LEU F 114 15.20 8.15 21.09
N LEU F 115 15.67 9.12 21.89
CA LEU F 115 17.06 9.55 21.80
C LEU F 115 18.00 8.41 22.15
N PHE F 116 17.66 7.63 23.18
CA PHE F 116 18.45 6.45 23.51
C PHE F 116 18.37 5.40 22.40
N ALA F 117 17.21 5.26 21.75
CA ALA F 117 17.11 4.30 20.64
C ALA F 117 18.02 4.70 19.48
N ILE F 118 18.02 5.99 19.13
CA ILE F 118 18.88 6.45 18.04
C ILE F 118 20.34 6.35 18.44
N LEU F 119 20.66 6.66 19.71
CA LEU F 119 22.03 6.55 20.20
C LEU F 119 22.51 5.11 20.19
N LEU F 120 21.59 4.16 20.42
CA LEU F 120 21.93 2.75 20.32
C LEU F 120 22.05 2.31 18.86
N TYR F 121 21.34 3.00 17.96
CA TYR F 121 21.46 2.72 16.53
C TYR F 121 22.75 3.28 15.92
N LEU F 122 23.36 4.30 16.53
CA LEU F 122 24.59 4.89 15.99
C LEU F 122 25.78 3.95 15.82
N PRO F 123 26.18 3.13 16.82
CA PRO F 123 27.37 2.26 16.60
C PRO F 123 27.13 1.15 15.59
N PRO F 124 25.95 0.50 15.54
CA PRO F 124 25.70 -0.39 14.39
C PRO F 124 25.71 0.33 13.04
N LEU F 125 25.26 1.58 12.98
CA LEU F 125 25.31 2.31 11.72
C LEU F 125 26.75 2.64 11.32
N PHE F 126 27.56 3.06 12.30
CA PHE F 126 28.96 3.35 12.04
C PHE F 126 29.71 2.08 11.67
N TRP F 127 29.27 0.93 12.18
CA TRP F 127 29.76 -0.34 11.67
C TRP F 127 29.29 -0.59 10.24
N ARG F 128 28.03 -0.25 9.94
CA ARG F 128 27.47 -0.61 8.63
C ARG F 128 28.05 0.26 7.52
N PHE F 129 28.70 1.39 7.85
CA PHE F 129 29.47 2.17 6.88
C PHE F 129 30.99 2.01 7.01
N ALA F 130 31.57 2.29 8.18
CA ALA F 130 33.02 2.48 8.24
C ALA F 130 33.78 1.17 8.06
N ALA F 131 33.27 0.07 8.63
CA ALA F 131 33.94 -1.22 8.67
C ALA F 131 33.24 -2.32 7.87
N ALA F 132 31.96 -2.16 7.55
CA ALA F 132 31.20 -3.18 6.82
C ALA F 132 31.73 -3.49 5.41
N PRO F 133 32.09 -2.49 4.54
CA PRO F 133 32.65 -2.86 3.23
C PRO F 133 33.95 -3.64 3.29
N HIS F 134 34.81 -3.33 4.27
CA HIS F 134 36.10 -4.01 4.36
C HIS F 134 35.93 -5.48 4.74
N ILE F 135 35.17 -5.74 5.81
CA ILE F 135 34.85 -7.11 6.22
C ILE F 135 34.05 -7.85 5.14
N CYS F 136 33.09 -7.18 4.49
CA CYS F 136 32.35 -7.73 3.36
C CYS F 136 33.26 -8.22 2.23
N SER F 137 34.11 -7.34 1.71
CA SER F 137 34.94 -7.69 0.56
C SER F 137 35.97 -8.75 0.94
N ASP F 138 36.62 -8.60 2.11
CA ASP F 138 37.62 -9.55 2.55
C ASP F 138 37.02 -10.94 2.78
N LEU F 139 35.85 -11.01 3.42
CA LEU F 139 35.26 -12.32 3.70
C LEU F 139 34.78 -13.00 2.43
N LYS F 140 34.16 -12.26 1.50
CA LYS F 140 33.72 -12.93 0.27
C LYS F 140 34.91 -13.37 -0.58
N PHE F 141 36.01 -12.60 -0.56
CA PHE F 141 37.22 -13.05 -1.24
C PHE F 141 37.77 -14.32 -0.60
N ILE F 142 37.74 -14.41 0.73
CA ILE F 142 38.26 -15.60 1.41
C ILE F 142 37.38 -16.81 1.09
N MET F 143 36.06 -16.63 1.07
CA MET F 143 35.15 -17.70 0.67
C MET F 143 35.41 -18.18 -0.76
N GLU F 144 35.60 -17.23 -1.69
CA GLU F 144 35.89 -17.60 -3.08
C GLU F 144 37.22 -18.34 -3.20
N GLU F 145 38.25 -17.88 -2.47
CA GLU F 145 39.55 -18.52 -2.53
C GLU F 145 39.51 -19.93 -1.95
N LEU F 146 38.77 -20.12 -0.85
CA LEU F 146 38.65 -21.45 -0.26
C LEU F 146 37.88 -22.39 -1.17
N ASP F 147 36.85 -21.88 -1.87
CA ASP F 147 36.16 -22.70 -2.86
C ASP F 147 37.09 -23.10 -4.01
N LYS F 148 37.93 -22.17 -4.45
CA LYS F 148 38.91 -22.50 -5.49
C LYS F 148 39.91 -23.55 -5.00
N VAL F 149 40.32 -23.46 -3.73
CA VAL F 149 41.26 -24.42 -3.17
C VAL F 149 40.65 -25.81 -3.12
N TYR F 150 39.38 -25.91 -2.69
CA TYR F 150 38.73 -27.22 -2.67
C TYR F 150 38.49 -27.75 -4.07
N ASN F 151 38.21 -26.87 -5.03
CA ASN F 151 38.05 -27.31 -6.42
C ASN F 151 39.36 -27.87 -6.96
N ARG F 152 40.48 -27.21 -6.65
CA ARG F 152 41.78 -27.73 -7.07
C ARG F 152 42.10 -29.06 -6.38
N ALA F 153 41.74 -29.19 -5.11
CA ALA F 153 41.97 -30.44 -4.38
C ALA F 153 41.11 -31.57 -4.96
N ILE F 154 39.87 -31.28 -5.34
CA ILE F 154 39.00 -32.29 -5.92
C ILE F 154 39.51 -32.69 -7.30
N LYS F 155 40.03 -31.72 -8.07
CA LYS F 155 40.62 -32.04 -9.37
C LYS F 155 41.86 -32.91 -9.21
N ALA F 156 42.67 -32.63 -8.18
CA ALA F 156 43.85 -33.47 -7.93
C ALA F 156 43.45 -34.87 -7.48
N ALA F 157 42.40 -34.98 -6.67
CA ALA F 157 41.98 -36.29 -6.17
C ALA F 157 41.40 -37.14 -7.29
N LYS F 158 40.62 -36.53 -8.18
CA LYS F 158 39.99 -37.27 -9.27
C LYS F 158 41.03 -37.74 -10.28
N LYS F 192 50.73 -23.17 -6.38
CA LYS F 192 51.99 -23.42 -5.70
C LYS F 192 52.01 -22.75 -4.33
N TYR F 193 51.91 -21.43 -4.32
CA TYR F 193 51.94 -20.63 -3.10
C TYR F 193 50.51 -20.40 -2.61
N PRO F 194 50.11 -20.84 -1.41
CA PRO F 194 48.73 -20.56 -0.99
C PRO F 194 48.57 -19.09 -0.61
N ILE F 195 47.78 -18.36 -1.39
CA ILE F 195 47.55 -16.95 -1.12
C ILE F 195 46.75 -16.76 0.17
N VAL F 196 45.88 -17.72 0.51
CA VAL F 196 44.96 -17.55 1.63
C VAL F 196 45.73 -17.53 2.95
N GLU F 197 46.77 -18.35 3.09
CA GLU F 197 47.50 -18.43 4.35
C GLU F 197 48.24 -17.13 4.65
N GLN F 198 48.97 -16.60 3.67
CA GLN F 198 49.70 -15.36 3.87
C GLN F 198 48.77 -14.15 3.95
N TYR F 199 47.67 -14.16 3.19
CA TYR F 199 46.68 -13.08 3.30
C TYR F 199 45.96 -13.14 4.65
N LEU F 200 45.89 -14.32 5.25
CA LEU F 200 45.37 -14.45 6.62
C LEU F 200 46.38 -13.94 7.64
N LYS F 201 47.67 -14.23 7.40
CA LYS F 201 48.72 -13.79 8.32
C LYS F 201 48.88 -12.27 8.36
N THR F 202 48.81 -11.62 7.19
CA THR F 202 48.98 -10.17 7.16
C THR F 202 47.84 -9.44 7.85
N LYS F 203 46.64 -10.03 7.89
CA LYS F 203 45.55 -9.51 8.71
C LYS F 203 45.67 -9.94 10.17
N LYS F 204 46.41 -11.01 10.45
CA LYS F 204 46.81 -11.29 11.83
C LYS F 204 47.67 -10.14 12.38
N ASN F 205 48.53 -9.58 11.53
CA ASN F 205 49.35 -8.46 11.96
C ASN F 205 48.50 -7.22 12.23
N SER F 206 47.50 -6.96 11.38
CA SER F 206 46.71 -5.74 11.48
C SER F 206 45.65 -5.85 12.56
N ASN F 207 45.28 -4.69 13.14
CA ASN F 207 44.24 -4.60 14.17
C ASN F 207 43.36 -3.36 14.05
N ASN F 208 43.23 -2.76 12.86
CA ASN F 208 42.40 -1.57 12.71
C ASN F 208 40.92 -1.94 12.81
N LEU F 209 40.52 -3.02 12.12
CA LEU F 209 39.12 -3.40 12.05
C LEU F 209 38.59 -3.85 13.41
N ILE F 210 39.39 -4.59 14.18
CA ILE F 210 38.96 -4.97 15.52
C ILE F 210 38.86 -3.74 16.43
N ILE F 211 39.72 -2.74 16.22
CA ILE F 211 39.62 -1.50 16.99
C ILE F 211 38.29 -0.81 16.69
N LYS F 212 37.89 -0.81 15.41
CA LYS F 212 36.58 -0.27 15.05
C LYS F 212 35.44 -1.08 15.68
N TYR F 213 35.56 -2.40 15.69
CA TYR F 213 34.52 -3.26 16.25
C TYR F 213 34.37 -3.07 17.75
N ILE F 214 35.49 -3.06 18.47
CA ILE F 214 35.45 -2.88 19.91
C ILE F 214 35.02 -1.46 20.26
N SER F 215 35.34 -0.47 19.41
CA SER F 215 34.83 0.88 19.64
C SER F 215 33.31 0.92 19.51
N CYS F 216 32.77 0.22 18.49
CA CYS F 216 31.32 0.14 18.31
C CYS F 216 30.65 -0.52 19.52
N ARG F 217 31.17 -1.67 19.95
CA ARG F 217 30.55 -2.38 21.05
C ARG F 217 30.74 -1.65 22.38
N LEU F 218 31.86 -0.94 22.54
CA LEU F 218 32.08 -0.17 23.76
C LEU F 218 31.13 1.02 23.83
N LEU F 219 30.91 1.69 22.69
CA LEU F 219 29.91 2.77 22.66
C LEU F 219 28.52 2.24 22.95
N THR F 220 28.20 1.05 22.42
CA THR F 220 26.90 0.43 22.70
C THR F 220 26.76 0.11 24.18
N LEU F 221 27.80 -0.43 24.81
CA LEU F 221 27.74 -0.75 26.23
C LEU F 221 27.63 0.51 27.08
N ILE F 222 28.36 1.57 26.72
CA ILE F 222 28.30 2.81 27.47
C ILE F 222 26.91 3.43 27.37
N ILE F 223 26.32 3.38 26.18
CA ILE F 223 24.98 3.95 26.00
C ILE F 223 23.95 3.10 26.74
N ILE F 224 24.14 1.77 26.76
CA ILE F 224 23.23 0.91 27.53
C ILE F 224 23.32 1.23 29.02
N LEU F 225 24.53 1.45 29.52
CA LEU F 225 24.68 1.79 30.94
C LEU F 225 24.08 3.15 31.25
N LEU F 226 24.24 4.12 30.35
CA LEU F 226 23.62 5.43 30.57
C LEU F 226 22.10 5.34 30.55
N ALA F 227 21.56 4.54 29.63
CA ALA F 227 20.11 4.33 29.59
C ALA F 227 19.64 3.61 30.85
N CYS F 228 20.43 2.67 31.37
CA CYS F 228 20.08 2.00 32.62
C CYS F 228 20.07 2.99 33.79
N ILE F 229 21.04 3.91 33.82
CA ILE F 229 21.09 4.94 34.86
C ILE F 229 19.86 5.82 34.78
N TYR F 230 19.49 6.25 33.56
CA TYR F 230 18.30 7.10 33.39
C TYR F 230 17.03 6.36 33.78
N LEU F 231 16.89 5.11 33.37
CA LEU F 231 15.65 4.38 33.62
C LEU F 231 15.52 4.04 35.10
N GLY F 232 16.64 3.74 35.76
CA GLY F 232 16.60 3.53 37.20
C GLY F 232 16.26 4.80 37.96
N TYR F 233 16.78 5.94 37.52
CA TYR F 233 16.42 7.19 38.16
C TYR F 233 14.95 7.54 37.91
N TYR F 234 14.46 7.27 36.70
CA TYR F 234 13.10 7.64 36.36
C TYR F 234 12.09 6.76 37.09
N PHE F 235 12.34 5.45 37.15
CA PHE F 235 11.43 4.57 37.86
C PHE F 235 11.46 4.82 39.36
N SER F 236 12.61 5.25 39.90
CA SER F 236 12.73 5.55 41.32
C SER F 236 12.03 6.84 41.75
N LEU F 237 11.49 7.63 40.82
CA LEU F 237 10.70 8.78 41.17
C LEU F 237 9.46 8.36 41.95
N SER F 238 9.00 9.25 42.84
CA SER F 238 8.00 8.89 43.84
C SER F 238 6.63 8.53 43.26
N SER F 239 6.33 8.92 42.01
CA SER F 239 5.07 8.78 41.29
C SER F 239 4.02 9.81 41.72
N LEU F 240 4.29 10.62 42.75
CA LEU F 240 3.64 11.93 42.93
C LEU F 240 4.40 13.06 42.25
N SER F 241 5.48 12.78 41.52
CA SER F 241 6.14 13.83 40.75
C SER F 241 5.24 14.34 39.64
N ASP F 242 4.39 13.47 39.07
CA ASP F 242 3.40 13.90 38.10
C ASP F 242 2.42 14.93 38.67
N GLU F 243 2.13 14.88 39.97
CA GLU F 243 1.28 15.87 40.62
C GLU F 243 2.06 17.18 40.67
N PHE F 244 1.43 18.28 40.24
CA PHE F 244 2.03 19.59 40.42
C PHE F 244 0.94 20.64 40.34
N VAL F 245 1.29 21.86 40.76
CA VAL F 245 0.40 23.02 40.79
C VAL F 245 1.03 24.09 39.90
N CYS F 246 0.21 24.65 38.99
CA CYS F 246 0.60 25.71 38.07
C CYS F 246 -0.37 26.86 38.23
N SER F 247 0.12 28.08 38.02
CA SER F 247 -0.67 29.30 38.07
C SER F 247 -0.74 29.90 36.67
N ILE F 248 -1.97 30.07 36.15
CA ILE F 248 -2.18 30.80 34.90
C ILE F 248 -2.34 32.28 35.24
N LYS F 249 -1.21 32.94 35.52
CA LYS F 249 -1.19 34.30 36.06
C LYS F 249 -0.08 35.17 35.44
N SER F 250 0.62 34.65 34.43
CA SER F 250 1.63 35.50 33.76
C SER F 250 0.94 36.54 32.89
N GLY F 251 1.57 37.70 32.70
CA GLY F 251 1.02 38.75 31.85
C GLY F 251 -0.12 39.47 32.55
N ILE F 252 -1.17 39.76 31.79
CA ILE F 252 -2.30 40.54 32.32
C ILE F 252 -3.06 39.80 33.42
N LEU F 253 -3.01 38.46 33.44
CA LEU F 253 -3.73 37.70 34.46
C LEU F 253 -3.06 37.72 35.83
N ARG F 254 -1.92 38.40 35.98
CA ARG F 254 -1.32 38.57 37.31
C ARG F 254 -2.24 39.36 38.23
N ASN F 255 -2.95 40.36 37.69
CA ASN F 255 -3.77 41.29 38.47
C ASN F 255 -5.23 41.23 38.03
N ASP F 256 -5.74 40.03 37.78
CA ASP F 256 -7.14 39.78 37.47
C ASP F 256 -7.84 39.28 38.72
N SER F 257 -9.07 39.74 38.93
CA SER F 257 -9.76 39.51 40.20
C SER F 257 -10.09 38.04 40.41
N THR F 258 -10.71 37.40 39.42
CA THR F 258 -11.33 36.07 39.54
C THR F 258 -10.61 35.06 38.65
N VAL F 259 -9.52 34.50 39.16
CA VAL F 259 -8.90 33.28 38.65
C VAL F 259 -8.38 32.55 39.89
N PRO F 260 -8.41 31.21 39.98
CA PRO F 260 -7.69 30.55 41.08
C PRO F 260 -6.20 30.81 41.04
N ASP F 261 -5.59 30.88 42.22
CA ASP F 261 -4.16 31.15 42.32
C ASP F 261 -3.34 30.02 41.72
N GLN F 262 -3.81 28.78 41.85
CA GLN F 262 -3.08 27.61 41.38
C GLN F 262 -4.05 26.46 41.14
N PHE F 263 -3.64 25.55 40.25
CA PHE F 263 -4.51 24.52 39.66
C PHE F 263 -3.84 23.16 39.82
N GLN F 264 -4.53 22.23 40.47
CA GLN F 264 -3.96 20.90 40.68
C GLN F 264 -3.97 20.13 39.37
N CYS F 265 -2.77 19.77 38.89
CA CYS F 265 -2.58 19.05 37.64
C CYS F 265 -1.82 17.76 37.90
N LYS F 266 -2.22 16.71 37.20
CA LYS F 266 -1.54 15.43 37.15
C LYS F 266 -1.16 15.16 35.70
N LEU F 267 0.06 14.71 35.48
CA LEU F 267 0.51 14.25 34.17
C LEU F 267 0.11 12.78 34.05
N ILE F 268 -0.94 12.51 33.27
CA ILE F 268 -1.42 11.14 33.12
C ILE F 268 -0.46 10.38 32.22
N ALA F 269 -0.36 9.08 32.46
CA ALA F 269 0.53 8.09 31.85
C ALA F 269 1.95 8.14 32.41
N VAL F 270 2.22 8.92 33.46
CA VAL F 270 3.54 8.89 34.09
C VAL F 270 3.76 7.53 34.76
N GLY F 271 2.71 6.97 35.36
CA GLY F 271 2.84 5.63 35.91
C GLY F 271 3.05 4.58 34.84
N ILE F 272 2.42 4.77 33.67
CA ILE F 272 2.66 3.90 32.53
C ILE F 272 4.10 4.04 32.07
N PHE F 273 4.62 5.27 32.08
CA PHE F 273 6.03 5.48 31.74
C PHE F 273 6.95 4.79 32.74
N GLN F 274 6.58 4.80 34.02
CA GLN F 274 7.43 4.16 35.03
C GLN F 274 7.41 2.64 34.89
N LEU F 275 6.23 2.07 34.58
CA LEU F 275 6.14 0.63 34.36
C LEU F 275 6.96 0.21 33.14
N LEU F 276 6.81 0.95 32.04
CA LEU F 276 7.62 0.68 30.85
C LEU F 276 9.11 0.95 31.11
N SER F 277 9.42 1.88 32.02
CA SER F 277 10.80 2.15 32.37
C SER F 277 11.44 0.97 33.08
N VAL F 278 10.74 0.40 34.06
CA VAL F 278 11.32 -0.76 34.76
C VAL F 278 11.41 -1.96 33.83
N ILE F 279 10.46 -2.09 32.89
CA ILE F 279 10.56 -3.15 31.88
C ILE F 279 11.80 -2.96 31.01
N ASN F 280 12.02 -1.72 30.54
CA ASN F 280 13.17 -1.42 29.70
C ASN F 280 14.48 -1.60 30.48
N LEU F 281 14.48 -1.20 31.75
CA LEU F 281 15.65 -1.33 32.60
C LEU F 281 15.99 -2.80 32.84
N VAL F 282 14.96 -3.63 33.05
CA VAL F 282 15.20 -5.06 33.27
C VAL F 282 15.78 -5.71 32.01
N VAL F 283 15.22 -5.36 30.85
CA VAL F 283 15.71 -5.96 29.61
C VAL F 283 17.12 -5.48 29.28
N TYR F 284 17.41 -4.20 29.53
CA TYR F 284 18.75 -3.69 29.27
C TYR F 284 19.77 -4.24 30.27
N VAL F 285 19.35 -4.47 31.52
CA VAL F 285 20.24 -5.08 32.50
C VAL F 285 20.55 -6.52 32.10
N LEU F 286 19.58 -7.22 31.52
CA LEU F 286 19.86 -8.53 30.94
C LEU F 286 20.77 -8.42 29.71
N LEU F 287 20.61 -7.36 28.92
CA LEU F 287 21.34 -7.24 27.66
C LEU F 287 22.81 -6.88 27.87
N ALA F 288 23.10 -6.10 28.92
CA ALA F 288 24.47 -5.60 29.12
C ALA F 288 25.52 -6.69 29.34
N PRO F 289 25.28 -7.76 30.10
CA PRO F 289 26.25 -8.87 30.13
C PRO F 289 26.51 -9.51 28.77
N VAL F 290 25.51 -9.54 27.89
CA VAL F 290 25.74 -10.07 26.54
C VAL F 290 26.70 -9.17 25.77
N VAL F 291 26.58 -7.85 25.96
CA VAL F 291 27.49 -6.93 25.27
C VAL F 291 28.90 -7.06 25.86
N VAL F 292 28.99 -7.23 27.18
CA VAL F 292 30.31 -7.40 27.81
C VAL F 292 30.96 -8.70 27.34
N TYR F 293 30.16 -9.75 27.14
CA TYR F 293 30.66 -10.96 26.52
C TYR F 293 31.10 -10.70 25.09
N THR F 294 30.37 -9.85 24.37
CA THR F 294 30.70 -9.55 22.99
C THR F 294 32.00 -8.77 22.87
N LEU F 295 32.38 -8.02 23.92
CA LEU F 295 33.64 -7.28 23.89
C LEU F 295 34.85 -8.22 23.78
N PHE F 296 34.85 -9.31 24.54
CA PHE F 296 35.99 -10.23 24.57
C PHE F 296 35.98 -11.02 23.26
N VAL F 297 36.65 -10.46 22.25
CA VAL F 297 36.72 -11.14 20.94
C VAL F 297 37.46 -12.48 21.00
N PRO F 298 38.66 -12.62 21.62
CA PRO F 298 39.35 -13.91 21.46
C PRO F 298 38.74 -15.04 22.27
N PHE F 299 38.00 -14.72 23.34
CA PHE F 299 37.37 -15.72 24.20
C PHE F 299 36.19 -16.43 23.50
N ARG F 300 35.66 -15.88 22.39
CA ARG F 300 34.48 -16.41 21.72
C ARG F 300 34.64 -17.85 21.23
N GLN F 301 35.86 -18.31 20.98
CA GLN F 301 36.16 -19.73 20.79
C GLN F 301 35.46 -20.36 19.59
N LYS F 302 35.81 -19.94 18.38
CA LYS F 302 35.40 -20.67 17.19
C LYS F 302 35.96 -22.09 17.24
N THR F 303 35.11 -23.07 16.99
CA THR F 303 35.43 -24.47 17.28
C THR F 303 36.14 -25.14 16.09
N ASP F 304 37.29 -24.57 15.74
CA ASP F 304 38.17 -25.11 14.69
C ASP F 304 37.47 -25.15 13.34
N VAL F 305 36.70 -24.10 13.05
CA VAL F 305 35.97 -24.04 11.78
C VAL F 305 36.97 -23.89 10.62
N LEU F 306 38.04 -23.13 10.83
CA LEU F 306 39.08 -23.00 9.81
C LEU F 306 39.98 -24.23 9.76
N LYS F 307 40.08 -24.98 10.86
CA LYS F 307 40.91 -26.18 10.91
C LYS F 307 40.40 -27.30 10.01
N VAL F 308 39.12 -27.26 9.59
CA VAL F 308 38.58 -28.30 8.72
C VAL F 308 39.30 -28.31 7.37
N TYR F 309 39.70 -27.14 6.87
CA TYR F 309 40.41 -27.08 5.61
C TYR F 309 41.83 -27.63 5.72
N GLU F 310 42.41 -27.67 6.93
CA GLU F 310 43.74 -28.24 7.10
C GLU F 310 43.75 -29.75 6.84
N ILE F 311 42.60 -30.42 7.03
CA ILE F 311 42.54 -31.86 6.82
C ILE F 311 42.75 -32.23 5.35
N LEU F 312 42.36 -31.35 4.43
CA LEU F 312 42.49 -31.65 3.02
C LEU F 312 43.98 -31.65 2.63
N PRO F 313 44.41 -32.48 1.67
CA PRO F 313 45.85 -32.49 1.35
C PRO F 313 46.32 -31.24 0.64
N THR F 314 45.58 -30.76 -0.36
CA THR F 314 46.01 -29.61 -1.15
C THR F 314 45.97 -28.33 -0.31
N PHE F 315 44.95 -28.18 0.52
CA PHE F 315 44.77 -26.96 1.31
C PHE F 315 45.69 -27.01 2.52
N ASP F 316 46.94 -26.57 2.33
CA ASP F 316 47.91 -26.45 3.41
C ASP F 316 47.86 -25.12 4.15
N VAL F 317 46.86 -24.27 3.88
CA VAL F 317 46.80 -22.91 4.40
C VAL F 317 45.88 -22.85 5.62
N LEU F 318 46.02 -21.78 6.41
CA LEU F 318 45.10 -21.46 7.50
C LEU F 318 45.15 -22.52 8.60
N HIS F 319 46.37 -22.89 9.00
CA HIS F 319 46.54 -23.86 10.08
C HIS F 319 46.26 -23.23 11.44
N PHE F 320 46.74 -22.01 11.68
CA PHE F 320 46.73 -21.41 13.00
C PHE F 320 45.44 -20.62 13.25
N LYS F 321 45.37 -19.99 14.42
CA LYS F 321 44.23 -19.19 14.82
C LYS F 321 44.70 -18.11 15.79
N SER F 322 43.88 -17.08 15.98
CA SER F 322 44.27 -15.95 16.81
C SER F 322 44.29 -16.33 18.28
N GLU F 323 45.14 -15.64 19.05
CA GLU F 323 45.19 -15.74 20.51
C GLU F 323 45.38 -14.35 21.10
N GLY F 324 44.66 -13.38 20.56
CA GLY F 324 44.78 -12.02 21.02
C GLY F 324 43.88 -11.08 20.25
N TYR F 325 44.02 -9.79 20.56
CA TYR F 325 43.22 -8.74 19.93
C TYR F 325 43.87 -8.38 18.60
N ASN F 326 43.36 -8.99 17.52
CA ASN F 326 43.83 -8.74 16.16
C ASN F 326 42.63 -8.72 15.24
N ASP F 327 42.87 -8.31 13.99
CA ASP F 327 41.83 -8.41 12.98
C ASP F 327 41.43 -9.85 12.72
N LEU F 328 42.40 -10.78 12.81
CA LEU F 328 42.15 -12.19 12.51
C LEU F 328 41.14 -12.81 13.48
N SER F 329 41.14 -12.35 14.74
CA SER F 329 40.17 -12.87 15.70
C SER F 329 38.75 -12.53 15.30
N LEU F 330 38.55 -11.33 14.73
CA LEU F 330 37.24 -10.94 14.24
C LEU F 330 36.90 -11.63 12.93
N TYR F 331 37.92 -11.84 12.08
CA TYR F 331 37.71 -12.58 10.84
C TYR F 331 37.31 -14.02 11.12
N ASN F 332 37.84 -14.62 12.19
CA ASN F 332 37.42 -15.96 12.57
C ASN F 332 35.95 -16.00 12.96
N LEU F 333 35.47 -14.97 13.65
CA LEU F 333 34.06 -14.95 14.05
C LEU F 333 33.15 -14.73 12.84
N PHE F 334 33.52 -13.82 11.95
CA PHE F 334 32.70 -13.62 10.75
C PHE F 334 32.77 -14.83 9.83
N LEU F 335 33.92 -15.51 9.82
CA LEU F 335 34.03 -16.79 9.12
C LEU F 335 33.08 -17.82 9.71
N GLU F 336 33.10 -17.99 11.04
CA GLU F 336 32.24 -18.97 11.69
C GLU F 336 30.76 -18.62 11.53
N GLU F 337 30.44 -17.35 11.32
CA GLU F 337 29.10 -16.98 10.89
C GLU F 337 28.80 -17.48 9.47
N ASN F 338 29.69 -17.19 8.51
CA ASN F 338 29.38 -17.30 7.08
C ASN F 338 29.90 -18.57 6.39
N ILE F 339 30.58 -19.47 7.11
CA ILE F 339 31.28 -20.59 6.46
C ILE F 339 30.32 -21.75 6.19
N SER F 340 29.22 -21.83 6.94
CA SER F 340 28.20 -22.84 6.64
C SER F 340 27.56 -22.59 5.27
N GLU F 341 27.50 -21.33 4.84
CA GLU F 341 27.01 -21.02 3.50
C GLU F 341 27.95 -21.51 2.41
N VAL F 342 29.24 -21.72 2.72
CA VAL F 342 30.20 -22.14 1.71
C VAL F 342 29.87 -23.57 1.25
N LYS F 343 30.00 -23.81 -0.04
CA LYS F 343 29.76 -25.10 -0.67
C LYS F 343 30.68 -26.16 -0.07
N SER F 344 31.99 -25.92 -0.13
CA SER F 344 32.97 -26.97 0.27
C SER F 344 33.05 -27.24 1.77
N TYR F 345 32.88 -26.22 2.61
CA TYR F 345 33.11 -26.43 4.04
C TYR F 345 32.15 -27.45 4.61
N LYS F 346 30.91 -27.48 4.11
CA LYS F 346 29.92 -28.40 4.64
C LYS F 346 30.29 -29.85 4.33
N CYS F 347 30.74 -30.10 3.08
CA CYS F 347 31.18 -31.43 2.70
C CYS F 347 32.41 -31.85 3.49
N LEU F 348 33.40 -30.95 3.61
CA LEU F 348 34.61 -31.32 4.32
C LEU F 348 34.37 -31.45 5.83
N LYS F 349 33.40 -30.70 6.37
CA LYS F 349 33.02 -30.87 7.76
C LYS F 349 32.29 -32.18 7.98
N VAL F 350 31.54 -32.65 6.98
CA VAL F 350 30.93 -33.98 7.06
C VAL F 350 32.03 -35.04 7.08
N LEU F 351 33.06 -34.85 6.23
CA LEU F 351 34.23 -35.74 6.25
C LEU F 351 34.93 -35.72 7.62
N GLU F 352 35.00 -34.55 8.25
CA GLU F 352 35.59 -34.47 9.58
C GLU F 352 34.70 -35.13 10.64
N ASN F 353 33.38 -35.02 10.49
CA ASN F 353 32.46 -35.56 11.48
C ASN F 353 32.47 -37.08 11.46
N ILE F 354 32.57 -37.69 10.27
CA ILE F 354 32.64 -39.15 10.21
C ILE F 354 33.94 -39.65 10.83
N LYS F 355 35.03 -38.88 10.67
CA LYS F 355 36.26 -39.20 11.40
C LYS F 355 36.06 -39.07 12.89
N SER F 356 35.27 -38.07 13.32
CA SER F 356 34.96 -37.91 14.74
C SER F 356 34.18 -39.09 15.28
N SER F 357 33.35 -39.72 14.43
CA SER F 357 32.68 -40.95 14.84
C SER F 357 33.67 -42.06 15.15
N ASP F 362 41.74 -42.84 6.26
CA ASP F 362 42.26 -42.67 4.88
C ASP F 362 41.33 -41.69 4.15
N PRO F 363 41.85 -40.79 3.29
CA PRO F 363 41.01 -39.78 2.62
C PRO F 363 40.37 -40.27 1.30
N MET F 364 40.12 -41.57 1.18
CA MET F 364 39.49 -42.15 0.00
C MET F 364 38.05 -41.65 -0.15
N LEU F 365 37.37 -41.47 0.98
CA LEU F 365 36.00 -41.00 1.02
C LEU F 365 35.85 -39.61 0.41
N LEU F 366 36.83 -38.74 0.62
CA LEU F 366 36.77 -37.39 0.07
C LEU F 366 36.72 -37.43 -1.46
N LEU F 367 37.51 -38.31 -2.06
CA LEU F 367 37.50 -38.44 -3.52
C LEU F 367 36.13 -38.94 -3.94
N THR F 368 35.58 -39.86 -3.14
CA THR F 368 34.25 -40.42 -3.37
C THR F 368 33.16 -39.39 -3.15
N ASN F 369 33.33 -38.51 -2.16
CA ASN F 369 32.33 -37.49 -1.88
C ASN F 369 32.21 -36.49 -3.02
N LEU F 370 33.34 -36.06 -3.57
CA LEU F 370 33.40 -35.09 -4.67
C LEU F 370 32.76 -33.75 -4.29
N ALA G 2 2.56 7.58 14.43
CA ALA G 2 3.18 7.58 15.75
C ALA G 2 4.63 8.07 15.67
N ILE G 3 5.19 8.42 16.83
CA ILE G 3 6.58 8.87 16.89
C ILE G 3 7.53 7.75 16.50
N ALA G 4 7.19 6.50 16.86
CA ALA G 4 8.04 5.38 16.52
C ALA G 4 7.95 5.05 15.04
N GLN G 5 6.75 5.18 14.46
CA GLN G 5 6.59 5.04 13.02
C GLN G 5 7.36 6.12 12.28
N LEU G 6 7.35 7.34 12.82
CA LEU G 6 8.14 8.44 12.27
C LEU G 6 9.64 8.12 12.34
N ALA G 7 10.08 7.55 13.47
CA ALA G 7 11.48 7.20 13.62
C ALA G 7 11.91 6.13 12.63
N THR G 8 11.06 5.11 12.44
CA THR G 8 11.35 4.11 11.42
C THR G 8 11.30 4.71 10.02
N GLU G 9 10.47 5.73 9.81
CA GLU G 9 10.37 6.35 8.50
C GLU G 9 11.62 7.13 8.14
N TYR G 10 12.24 7.80 9.13
CA TYR G 10 13.37 8.70 8.88
C TYR G 10 14.72 8.13 9.32
N VAL G 11 14.88 7.77 10.59
CA VAL G 11 16.21 7.43 11.10
C VAL G 11 16.63 6.05 10.63
N PHE G 12 15.75 5.05 10.77
CA PHE G 12 16.10 3.65 10.55
C PHE G 12 15.83 3.18 9.13
N SER G 13 14.98 3.86 8.37
CA SER G 13 14.80 3.53 6.96
C SER G 13 15.97 4.07 6.14
N ASP G 14 15.90 3.85 4.83
CA ASP G 14 16.96 4.31 3.94
C ASP G 14 17.01 5.83 3.86
N PHE G 15 15.84 6.45 3.62
CA PHE G 15 15.70 7.90 3.41
C PHE G 15 16.53 8.24 2.16
N LEU G 16 17.45 9.20 2.21
CA LEU G 16 18.26 9.60 1.05
C LEU G 16 19.59 8.85 1.02
N LEU G 17 19.52 7.52 1.17
CA LEU G 17 20.67 6.62 1.20
C LEU G 17 20.68 5.65 0.04
N LYS G 18 19.54 5.00 -0.22
CA LYS G 18 19.44 4.16 -1.41
C LYS G 18 19.54 4.99 -2.68
N GLU G 19 18.93 6.17 -2.69
CA GLU G 19 18.98 7.06 -3.84
C GLU G 19 18.60 8.48 -3.44
N LYS G 26 23.75 1.41 -7.48
CA LYS G 26 23.95 0.06 -6.97
C LYS G 26 25.36 -0.41 -7.26
N GLY G 27 25.65 -0.61 -8.54
CA GLY G 27 27.02 -0.96 -8.93
C GLY G 27 27.99 0.18 -8.67
N LEU G 28 27.56 1.41 -8.95
CA LEU G 28 28.38 2.62 -8.85
C LEU G 28 27.78 3.54 -7.80
N ARG G 29 28.64 4.23 -7.05
CA ARG G 29 28.28 5.17 -5.98
C ARG G 29 28.82 6.55 -6.32
N LEU G 30 27.96 7.39 -6.91
CA LEU G 30 28.31 8.75 -7.29
C LEU G 30 28.13 9.77 -6.15
N GLU G 31 28.03 9.34 -4.89
CA GLU G 31 28.02 10.21 -3.72
C GLU G 31 28.82 9.48 -2.65
N LEU G 32 30.09 9.88 -2.50
CA LEU G 32 31.03 9.20 -1.64
C LEU G 32 30.62 9.31 -0.17
N ALA G 33 31.35 8.60 0.70
CA ALA G 33 31.04 8.59 2.14
C ALA G 33 31.04 10.01 2.71
N VAL G 34 30.45 10.20 3.90
CA VAL G 34 30.35 11.54 4.55
C VAL G 34 29.32 12.38 3.79
N ASP G 35 29.50 12.59 2.49
CA ASP G 35 28.49 13.35 1.70
C ASP G 35 27.09 12.81 2.01
N LYS G 36 26.83 11.53 1.68
CA LYS G 36 25.52 10.94 1.96
C LYS G 36 25.17 11.06 3.44
N MET G 37 26.13 10.81 4.32
CA MET G 37 25.93 10.93 5.77
C MET G 37 25.53 12.35 6.16
N VAL G 38 26.30 13.33 5.70
CA VAL G 38 26.05 14.73 6.03
C VAL G 38 24.73 15.18 5.43
N THR G 39 24.45 14.83 4.17
CA THR G 39 23.20 15.21 3.53
C THR G 39 22.00 14.60 4.22
N CYS G 40 22.07 13.32 4.59
CA CYS G 40 20.94 12.65 5.23
C CYS G 40 20.67 13.25 6.61
N ILE G 41 21.72 13.47 7.42
CA ILE G 41 21.51 14.05 8.75
C ILE G 41 20.99 15.48 8.63
N ALA G 42 21.64 16.29 7.80
CA ALA G 42 21.31 17.72 7.73
C ALA G 42 19.91 17.94 7.14
N VAL G 43 19.52 17.13 6.16
CA VAL G 43 18.20 17.28 5.55
C VAL G 43 17.12 16.70 6.44
N GLY G 44 17.33 15.50 6.99
CA GLY G 44 16.25 14.80 7.67
C GLY G 44 16.06 15.22 9.11
N LEU G 45 17.08 15.83 9.74
CA LEU G 45 16.93 16.20 11.14
C LEU G 45 15.96 17.36 11.36
N PRO G 46 15.92 18.40 10.51
CA PRO G 46 14.76 19.31 10.61
C PRO G 46 13.44 18.62 10.36
N LEU G 47 13.38 17.69 9.40
CA LEU G 47 12.14 16.94 9.15
C LEU G 47 11.77 16.08 10.35
N LEU G 48 12.75 15.37 10.91
CA LEU G 48 12.51 14.50 12.05
C LEU G 48 12.07 15.30 13.27
N LEU G 49 12.73 16.43 13.53
CA LEU G 49 12.39 17.24 14.70
C LEU G 49 11.09 18.02 14.51
N ILE G 50 10.72 18.40 13.29
CA ILE G 50 9.40 18.97 13.06
C ILE G 50 8.33 17.91 13.35
N SER G 51 8.53 16.70 12.82
CA SER G 51 7.54 15.65 13.00
C SER G 51 7.45 15.21 14.46
N LEU G 52 8.59 15.27 15.17
CA LEU G 52 8.58 15.06 16.62
C LEU G 52 7.90 16.20 17.35
N ALA G 53 7.94 17.42 16.80
CA ALA G 53 7.34 18.57 17.47
C ALA G 53 5.83 18.42 17.58
N PHE G 54 5.20 17.87 16.54
CA PHE G 54 3.75 17.69 16.45
C PHE G 54 3.35 16.22 16.44
N ALA G 55 4.03 15.40 17.24
CA ALA G 55 3.62 14.01 17.40
C ALA G 55 2.29 13.95 18.14
N GLN G 56 1.66 12.78 18.09
CA GLN G 56 0.36 12.59 18.72
C GLN G 56 0.44 12.74 20.23
N GLU G 57 1.52 12.23 20.83
CA GLU G 57 1.64 12.24 22.28
C GLU G 57 1.96 13.63 22.81
N ILE G 58 2.77 14.39 22.07
CA ILE G 58 3.36 15.61 22.62
C ILE G 58 2.43 16.80 22.42
N SER G 59 1.60 16.77 21.38
CA SER G 59 0.64 17.84 21.12
C SER G 59 -0.58 17.65 22.01
N ILE G 60 -0.77 18.58 22.96
CA ILE G 60 -1.94 18.52 23.82
C ILE G 60 -3.21 18.79 23.03
N GLY G 61 -3.14 19.64 22.00
CA GLY G 61 -4.33 20.02 21.28
C GLY G 61 -4.08 21.25 20.42
N THR G 62 -4.97 22.25 20.55
CA THR G 62 -4.80 23.50 19.86
C THR G 62 -3.52 24.21 20.32
N GLN G 63 -2.82 24.81 19.36
CA GLN G 63 -1.49 25.33 19.63
C GLN G 63 -1.53 26.63 20.42
N ILE G 64 -2.56 27.44 20.20
CA ILE G 64 -2.79 28.69 20.93
C ILE G 64 -4.12 28.58 21.66
N SER G 65 -4.09 28.97 22.93
CA SER G 65 -5.27 29.17 23.75
C SER G 65 -5.10 30.53 24.41
N CYS G 66 -6.21 31.20 24.70
CA CYS G 66 -6.22 32.64 24.94
C CYS G 66 -7.05 33.10 26.13
N PHE G 67 -7.72 32.21 26.84
CA PHE G 67 -8.41 32.53 28.10
C PHE G 67 -9.52 33.57 27.89
N SER G 68 -10.54 33.18 27.15
CA SER G 68 -11.71 34.01 27.03
C SER G 68 -12.43 34.08 28.38
N PRO G 69 -13.26 35.10 28.61
CA PRO G 69 -14.05 35.10 29.85
C PRO G 69 -15.06 33.95 29.88
N SER G 70 -15.57 33.68 31.07
CA SER G 70 -16.58 32.63 31.22
C SER G 70 -17.87 32.99 30.50
N SER G 71 -18.16 34.29 30.37
CA SER G 71 -19.37 34.72 29.66
C SER G 71 -19.31 34.36 28.17
N PHE G 72 -18.11 34.31 27.60
CA PHE G 72 -17.97 33.96 26.20
C PHE G 72 -18.38 32.51 25.96
N SER G 73 -19.01 32.25 24.81
CA SER G 73 -19.43 30.92 24.44
C SER G 73 -18.25 30.12 23.89
N TRP G 74 -18.56 28.91 23.42
CA TRP G 74 -17.52 28.03 22.89
C TRP G 74 -16.93 28.60 21.59
N ARG G 75 -17.80 28.94 20.64
CA ARG G 75 -17.31 29.45 19.35
C ARG G 75 -16.78 30.87 19.47
N GLN G 76 -17.19 31.62 20.49
CA GLN G 76 -16.58 32.94 20.72
C GLN G 76 -15.12 32.78 21.15
N ALA G 77 -14.84 31.82 22.03
CA ALA G 77 -13.45 31.51 22.38
C ALA G 77 -12.70 30.93 21.20
N ALA G 78 -13.39 30.17 20.34
CA ALA G 78 -12.77 29.67 19.12
C ALA G 78 -12.38 30.83 18.20
N PHE G 79 -13.24 31.84 18.10
CA PHE G 79 -12.91 33.06 17.35
C PHE G 79 -11.69 33.74 17.95
N VAL G 80 -11.63 33.83 19.28
CA VAL G 80 -10.52 34.52 19.94
C VAL G 80 -9.20 33.80 19.64
N ASP G 81 -9.20 32.47 19.76
CA ASP G 81 -8.00 31.68 19.47
C ASP G 81 -7.58 31.82 18.02
N SER G 82 -8.54 31.66 17.09
CA SER G 82 -8.22 31.67 15.67
C SER G 82 -7.79 33.06 15.22
N TYR G 83 -8.43 34.11 15.75
CA TYR G 83 -8.06 35.48 15.41
C TYR G 83 -6.66 35.79 15.89
N CYS G 84 -6.32 35.40 17.13
CA CYS G 84 -5.00 35.77 17.64
C CYS G 84 -3.90 34.94 16.98
N TRP G 85 -4.23 33.70 16.57
CA TRP G 85 -3.34 32.93 15.70
C TRP G 85 -3.07 33.67 14.40
N ALA G 86 -4.11 34.18 13.76
CA ALA G 86 -3.90 34.96 12.54
C ALA G 86 -3.23 36.30 12.84
N ALA G 87 -3.43 36.85 14.04
CA ALA G 87 -3.03 38.21 14.36
C ALA G 87 -1.68 38.29 15.08
N VAL G 88 -0.95 37.18 15.18
CA VAL G 88 0.50 37.32 15.37
C VAL G 88 1.16 37.97 14.15
N GLN G 89 0.55 37.84 12.95
CA GLN G 89 1.10 38.43 11.74
C GLN G 89 1.16 39.96 11.80
N GLN G 90 0.00 40.62 11.88
CA GLN G 90 -0.02 42.08 11.78
C GLN G 90 0.50 42.70 13.07
N LYS G 91 1.13 43.88 12.93
CA LYS G 91 1.81 44.51 14.06
C LYS G 91 0.82 45.09 15.07
N ASN G 92 -0.21 45.78 14.57
CA ASN G 92 -1.03 46.63 15.44
C ASN G 92 -1.96 45.81 16.33
N SER G 93 -2.32 44.59 15.92
CA SER G 93 -3.38 43.86 16.60
C SER G 93 -2.95 43.39 18.00
N LEU G 94 -1.65 43.19 18.23
CA LEU G 94 -1.12 42.60 19.46
C LEU G 94 -0.01 43.47 20.01
N GLN G 95 0.26 43.30 21.30
CA GLN G 95 1.43 43.85 21.97
C GLN G 95 2.09 42.75 22.78
N SER G 96 3.41 42.75 22.82
CA SER G 96 4.18 41.74 23.55
C SER G 96 5.48 42.34 24.02
N GLU G 97 5.99 41.79 25.13
CA GLU G 97 7.26 42.27 25.69
C GLU G 97 8.42 41.95 24.77
N SER G 98 8.45 40.73 24.22
CA SER G 98 9.55 40.34 23.34
C SER G 98 9.49 41.09 22.02
N GLY G 99 8.33 41.13 21.38
CA GLY G 99 8.08 41.79 20.12
C GLY G 99 7.29 40.89 19.18
N ASN G 100 7.10 41.37 17.96
CA ASN G 100 6.36 40.64 16.94
C ASN G 100 7.21 39.59 16.22
N LEU G 101 8.50 39.87 16.06
CA LEU G 101 9.39 38.92 15.38
C LEU G 101 9.50 37.56 16.07
N PRO G 102 9.72 37.44 17.40
CA PRO G 102 9.75 36.09 17.97
C PRO G 102 8.44 35.36 17.89
N LEU G 103 7.30 36.06 17.93
CA LEU G 103 6.02 35.39 17.71
C LEU G 103 5.88 34.92 16.27
N TRP G 104 6.42 35.70 15.33
CA TRP G 104 6.49 35.25 13.93
C TRP G 104 7.31 33.97 13.81
N LEU G 105 8.43 33.90 14.53
CA LEU G 105 9.26 32.69 14.51
C LEU G 105 8.52 31.52 15.16
N HIS G 106 7.77 31.79 16.23
CA HIS G 106 7.02 30.73 16.91
C HIS G 106 5.94 30.15 16.01
N LYS G 107 5.24 31.01 15.26
CA LYS G 107 4.22 30.51 14.36
C LYS G 107 4.83 29.72 13.21
N PHE G 108 5.93 30.21 12.63
CA PHE G 108 6.58 29.64 11.46
C PHE G 108 7.91 28.97 11.78
N PHE G 109 8.06 28.44 13.00
CA PHE G 109 9.19 27.56 13.28
C PHE G 109 9.26 26.33 12.36
N PRO G 110 8.18 25.55 12.13
CA PRO G 110 8.35 24.38 11.25
C PRO G 110 8.57 24.75 9.80
N TYR G 111 7.98 25.88 9.36
CA TYR G 111 8.26 26.39 8.03
C TYR G 111 9.73 26.74 7.86
N ILE G 112 10.31 27.37 8.88
CA ILE G 112 11.69 27.83 8.78
C ILE G 112 12.65 26.63 8.81
N LEU G 113 12.37 25.65 9.68
CA LEU G 113 13.22 24.47 9.71
C LEU G 113 13.09 23.61 8.45
N LEU G 114 11.88 23.51 7.87
CA LEU G 114 11.74 22.84 6.59
C LEU G 114 12.43 23.61 5.47
N LEU G 115 12.43 24.94 5.55
CA LEU G 115 13.16 25.74 4.58
C LEU G 115 14.65 25.46 4.67
N PHE G 116 15.17 25.34 5.89
CA PHE G 116 16.58 24.96 6.05
C PHE G 116 16.83 23.55 5.55
N ALA G 117 15.88 22.62 5.73
CA ALA G 117 16.06 21.27 5.21
C ALA G 117 16.13 21.25 3.69
N ILE G 118 15.24 22.00 3.03
CA ILE G 118 15.27 22.07 1.57
C ILE G 118 16.54 22.79 1.10
N LEU G 119 16.95 23.84 1.81
CA LEU G 119 18.17 24.56 1.46
C LEU G 119 19.40 23.68 1.62
N LEU G 120 19.38 22.76 2.59
CA LEU G 120 20.45 21.79 2.73
C LEU G 120 20.37 20.70 1.67
N TYR G 121 19.17 20.43 1.16
CA TYR G 121 19.01 19.48 0.07
C TYR G 121 19.44 20.04 -1.29
N LEU G 122 19.44 21.38 -1.46
CA LEU G 122 19.83 21.97 -2.74
C LEU G 122 21.24 21.64 -3.25
N PRO G 123 22.32 21.75 -2.46
CA PRO G 123 23.65 21.45 -3.02
C PRO G 123 23.85 19.99 -3.36
N PRO G 124 23.37 19.03 -2.54
CA PRO G 124 23.39 17.63 -3.02
C PRO G 124 22.56 17.40 -4.28
N LEU G 125 21.46 18.12 -4.46
CA LEU G 125 20.67 17.97 -5.69
C LEU G 125 21.41 18.54 -6.89
N PHE G 126 22.05 19.71 -6.70
CA PHE G 126 22.82 20.31 -7.78
C PHE G 126 24.04 19.46 -8.11
N TRP G 127 24.56 18.74 -7.12
CA TRP G 127 25.55 17.71 -7.40
C TRP G 127 24.94 16.55 -8.18
N ARG G 128 23.72 16.14 -7.82
CA ARG G 128 23.14 14.93 -8.40
C ARG G 128 22.70 15.16 -9.85
N PHE G 129 22.58 16.43 -10.29
CA PHE G 129 22.40 16.76 -11.71
C PHE G 129 23.64 17.30 -12.41
N ALA G 130 24.25 18.38 -11.91
CA ALA G 130 25.22 19.11 -12.72
C ALA G 130 26.52 18.34 -12.90
N ALA G 131 26.98 17.66 -11.84
CA ALA G 131 28.28 16.99 -11.80
C ALA G 131 28.20 15.47 -11.70
N ALA G 132 27.06 14.91 -11.28
CA ALA G 132 26.92 13.47 -11.13
C ALA G 132 27.07 12.65 -12.41
N PRO G 133 26.47 13.04 -13.59
CA PRO G 133 26.73 12.26 -14.81
C PRO G 133 28.18 12.21 -15.25
N HIS G 134 28.91 13.32 -15.07
CA HIS G 134 30.30 13.36 -15.51
C HIS G 134 31.18 12.43 -14.68
N ILE G 135 31.09 12.54 -13.35
CA ILE G 135 31.81 11.64 -12.45
C ILE G 135 31.36 10.20 -12.62
N CYS G 136 30.06 9.95 -12.79
CA CYS G 136 29.52 8.63 -13.10
C CYS G 136 30.14 7.98 -14.32
N SER G 137 30.08 8.67 -15.47
CA SER G 137 30.57 8.09 -16.71
C SER G 137 32.08 7.91 -16.68
N ASP G 138 32.80 8.93 -16.18
CA ASP G 138 34.26 8.86 -16.11
C ASP G 138 34.73 7.74 -15.20
N LEU G 139 34.11 7.59 -14.02
CA LEU G 139 34.54 6.57 -13.08
C LEU G 139 34.24 5.17 -13.61
N LYS G 140 33.05 4.96 -14.20
CA LYS G 140 32.77 3.61 -14.71
C LYS G 140 33.66 3.27 -15.90
N PHE G 141 34.02 4.27 -16.71
CA PHE G 141 34.98 4.03 -17.78
C PHE G 141 36.35 3.66 -17.22
N ILE G 142 36.77 4.32 -16.15
CA ILE G 142 38.08 4.03 -15.54
C ILE G 142 38.08 2.63 -14.95
N MET G 143 36.99 2.24 -14.28
CA MET G 143 36.85 0.87 -13.77
C MET G 143 36.91 -0.17 -14.89
N GLU G 144 36.21 0.07 -16.00
CA GLU G 144 36.23 -0.86 -17.12
C GLU G 144 37.62 -0.96 -17.73
N GLU G 145 38.31 0.18 -17.88
CA GLU G 145 39.64 0.17 -18.46
C GLU G 145 40.64 -0.55 -17.56
N LEU G 146 40.54 -0.36 -16.24
CA LEU G 146 41.43 -1.04 -15.33
C LEU G 146 41.18 -2.55 -15.32
N ASP G 147 39.91 -2.96 -15.44
CA ASP G 147 39.61 -4.38 -15.58
C ASP G 147 40.19 -4.96 -16.86
N LYS G 148 40.13 -4.20 -17.96
CA LYS G 148 40.73 -4.65 -19.21
C LYS G 148 42.25 -4.76 -19.07
N VAL G 149 42.87 -3.82 -18.34
CA VAL G 149 44.31 -3.85 -18.15
C VAL G 149 44.72 -5.09 -17.35
N TYR G 150 43.97 -5.41 -16.29
CA TYR G 150 44.31 -6.60 -15.52
C TYR G 150 44.04 -7.87 -16.31
N ASN G 151 43.01 -7.87 -17.17
CA ASN G 151 42.75 -9.02 -18.02
C ASN G 151 43.89 -9.25 -19.00
N ARG G 152 44.41 -8.16 -19.58
CA ARG G 152 45.57 -8.27 -20.47
C ARG G 152 46.81 -8.74 -19.72
N ALA G 153 47.00 -8.25 -18.50
CA ALA G 153 48.14 -8.69 -17.69
C ALA G 153 48.03 -10.16 -17.33
N ILE G 154 46.83 -10.64 -17.01
CA ILE G 154 46.64 -12.05 -16.68
C ILE G 154 46.85 -12.91 -17.91
N LYS G 155 46.42 -12.44 -19.08
CA LYS G 155 46.66 -13.17 -20.32
C LYS G 155 48.15 -13.24 -20.63
N ALA G 156 48.88 -12.15 -20.38
CA ALA G 156 50.33 -12.17 -20.58
C ALA G 156 51.02 -13.11 -19.60
N ALA G 157 50.56 -13.13 -18.35
CA ALA G 157 51.19 -13.98 -17.34
C ALA G 157 50.95 -15.46 -17.63
N LYS G 158 49.75 -15.80 -18.07
CA LYS G 158 49.40 -17.20 -18.35
C LYS G 158 50.17 -17.71 -19.57
N LYS G 192 49.57 -1.08 -26.28
CA LYS G 192 50.85 -0.41 -26.39
C LYS G 192 50.87 0.85 -25.52
N TYR G 193 49.99 1.80 -25.86
CA TYR G 193 49.88 3.08 -25.17
C TYR G 193 48.83 2.97 -24.07
N PRO G 194 49.16 3.16 -22.78
CA PRO G 194 48.10 3.07 -21.77
C PRO G 194 47.21 4.31 -21.82
N ILE G 195 45.95 4.09 -22.21
CA ILE G 195 44.99 5.20 -22.28
C ILE G 195 44.68 5.75 -20.90
N VAL G 196 44.72 4.90 -19.87
CA VAL G 196 44.27 5.29 -18.54
C VAL G 196 45.20 6.35 -17.94
N GLU G 197 46.51 6.22 -18.17
CA GLU G 197 47.47 7.15 -17.58
C GLU G 197 47.31 8.56 -18.15
N GLN G 198 47.24 8.68 -19.47
CA GLN G 198 47.08 9.99 -20.09
C GLN G 198 45.68 10.56 -19.86
N TYR G 199 44.65 9.71 -19.84
CA TYR G 199 43.31 10.17 -19.52
C TYR G 199 43.21 10.61 -18.07
N LEU G 200 44.04 10.05 -17.20
CA LEU G 200 44.14 10.52 -15.82
C LEU G 200 44.88 11.85 -15.75
N LYS G 201 45.94 12.00 -16.55
CA LYS G 201 46.72 13.25 -16.55
C LYS G 201 45.91 14.45 -17.08
N THR G 202 45.13 14.24 -18.13
CA THR G 202 44.36 15.36 -18.69
C THR G 202 43.27 15.84 -17.73
N LYS G 203 42.77 14.96 -16.86
CA LYS G 203 41.88 15.39 -15.77
C LYS G 203 42.67 15.93 -14.58
N LYS G 204 43.95 15.58 -14.45
CA LYS G 204 44.82 16.31 -13.52
C LYS G 204 44.90 17.78 -13.92
N ASN G 205 44.96 18.05 -15.22
CA ASN G 205 45.00 19.43 -15.68
C ASN G 205 43.69 20.16 -15.37
N SER G 206 42.56 19.50 -15.54
CA SER G 206 41.26 20.15 -15.40
C SER G 206 40.86 20.27 -13.92
N ASN G 207 40.05 21.30 -13.62
CA ASN G 207 39.54 21.54 -12.26
C ASN G 207 38.10 22.05 -12.24
N ASN G 208 37.30 21.77 -13.27
CA ASN G 208 35.91 22.23 -13.27
C ASN G 208 35.07 21.44 -12.27
N LEU G 209 35.24 20.13 -12.25
CA LEU G 209 34.42 19.27 -11.41
C LEU G 209 34.70 19.49 -9.93
N ILE G 210 35.96 19.69 -9.55
CA ILE G 210 36.27 19.99 -8.16
C ILE G 210 35.72 21.36 -7.78
N ILE G 211 35.69 22.31 -8.72
CA ILE G 211 35.08 23.61 -8.43
C ILE G 211 33.60 23.44 -8.14
N LYS G 212 32.92 22.58 -8.89
CA LYS G 212 31.52 22.27 -8.61
C LYS G 212 31.36 21.59 -7.24
N TYR G 213 32.26 20.66 -6.91
CA TYR G 213 32.18 19.94 -5.65
C TYR G 213 32.39 20.87 -4.45
N ILE G 214 33.43 21.71 -4.52
CA ILE G 214 33.70 22.63 -3.43
C ILE G 214 32.63 23.71 -3.35
N SER G 215 32.02 24.09 -4.48
CA SER G 215 30.88 25.00 -4.41
C SER G 215 29.71 24.36 -3.69
N CYS G 216 29.44 23.09 -3.96
CA CYS G 216 28.36 22.37 -3.27
C CYS G 216 28.63 22.30 -1.76
N ARG G 217 29.84 21.89 -1.38
CA ARG G 217 30.14 21.75 0.04
C ARG G 217 30.23 23.10 0.74
N LEU G 218 30.66 24.14 0.03
CA LEU G 218 30.71 25.48 0.63
C LEU G 218 29.31 26.03 0.85
N LEU G 219 28.40 25.80 -0.11
CA LEU G 219 27.01 26.18 0.10
C LEU G 219 26.39 25.42 1.25
N THR G 220 26.72 24.13 1.38
CA THR G 220 26.23 23.34 2.51
C THR G 220 26.75 23.87 3.83
N LEU G 221 28.04 24.22 3.89
CA LEU G 221 28.61 24.76 5.13
C LEU G 221 28.01 26.12 5.48
N ILE G 222 27.79 26.98 4.48
CA ILE G 222 27.21 28.29 4.72
C ILE G 222 25.77 28.15 5.23
N ILE G 223 25.02 27.22 4.65
CA ILE G 223 23.65 27.02 5.09
C ILE G 223 23.61 26.42 6.49
N ILE G 224 24.57 25.53 6.80
CA ILE G 224 24.65 24.97 8.15
C ILE G 224 24.96 26.07 9.16
N LEU G 225 25.87 26.98 8.81
CA LEU G 225 26.21 28.08 9.72
C LEU G 225 25.01 29.02 9.90
N LEU G 226 24.28 29.29 8.83
CA LEU G 226 23.08 30.14 8.95
C LEU G 226 22.01 29.48 9.80
N ALA G 227 21.83 28.16 9.63
CA ALA G 227 20.89 27.44 10.48
C ALA G 227 21.34 27.42 11.93
N CYS G 228 22.65 27.33 12.17
CA CYS G 228 23.18 27.40 13.53
C CYS G 228 22.90 28.77 14.15
N ILE G 229 23.07 29.84 13.36
CA ILE G 229 22.78 31.20 13.82
C ILE G 229 21.31 31.32 14.19
N TYR G 230 20.41 30.82 13.32
CA TYR G 230 18.98 30.90 13.61
C TYR G 230 18.61 30.09 14.83
N LEU G 231 19.15 28.88 14.96
CA LEU G 231 18.75 28.01 16.06
C LEU G 231 19.30 28.54 17.39
N GLY G 232 20.51 29.11 17.37
CA GLY G 232 21.03 29.75 18.56
C GLY G 232 20.22 30.96 18.96
N TYR G 233 19.79 31.76 17.99
CA TYR G 233 18.94 32.91 18.32
C TYR G 233 17.58 32.46 18.84
N TYR G 234 17.03 31.39 18.25
CA TYR G 234 15.70 30.95 18.64
C TYR G 234 15.70 30.32 20.02
N PHE G 235 16.70 29.49 20.32
CA PHE G 235 16.78 28.89 21.65
C PHE G 235 17.10 29.93 22.71
N SER G 236 17.83 30.99 22.37
CA SER G 236 18.17 32.04 23.32
C SER G 236 16.98 32.97 23.65
N LEU G 237 15.83 32.81 22.99
CA LEU G 237 14.64 33.56 23.37
C LEU G 237 14.23 33.20 24.79
N SER G 238 13.61 34.18 25.46
CA SER G 238 13.39 34.08 26.91
C SER G 238 12.43 32.97 27.32
N SER G 239 11.60 32.45 26.41
CA SER G 239 10.54 31.45 26.59
C SER G 239 9.27 32.05 27.20
N LEU G 240 9.27 33.32 27.61
CA LEU G 240 8.07 34.13 27.73
C LEU G 240 7.73 34.88 26.44
N SER G 241 8.48 34.67 25.35
CA SER G 241 8.10 35.27 24.08
C SER G 241 6.79 34.68 23.56
N ASP G 242 6.53 33.41 23.85
CA ASP G 242 5.26 32.79 23.53
C ASP G 242 4.07 33.49 24.21
N GLU G 243 4.28 34.07 25.39
CA GLU G 243 3.23 34.82 26.06
C GLU G 243 3.02 36.11 25.29
N PHE G 244 1.77 36.44 24.98
CA PHE G 244 1.46 37.74 24.39
C PHE G 244 -0.01 38.05 24.63
N VAL G 245 -0.36 39.32 24.40
CA VAL G 245 -1.71 39.84 24.55
C VAL G 245 -2.17 40.37 23.20
N CYS G 246 -3.37 39.97 22.79
CA CYS G 246 -4.00 40.38 21.54
C CYS G 246 -5.39 40.94 21.86
N SER G 247 -5.82 41.91 21.07
CA SER G 247 -7.13 42.53 21.18
C SER G 247 -7.96 42.17 19.96
N ILE G 248 -9.12 41.52 20.18
CA ILE G 248 -10.10 41.28 19.12
C ILE G 248 -11.01 42.49 19.04
N LYS G 249 -10.50 43.57 18.43
CA LYS G 249 -11.16 44.88 18.43
C LYS G 249 -11.05 45.59 17.07
N SER G 250 -10.53 44.92 16.05
CA SER G 250 -10.49 45.57 14.72
C SER G 250 -11.89 45.57 14.10
N GLY G 251 -12.18 46.56 13.25
CA GLY G 251 -13.47 46.64 12.61
C GLY G 251 -14.55 47.13 13.57
N ILE G 252 -15.73 46.52 13.48
CA ILE G 252 -16.87 46.95 14.28
C ILE G 252 -16.66 46.73 15.78
N LEU G 253 -15.80 45.78 16.18
CA LEU G 253 -15.57 45.51 17.59
C LEU G 253 -14.68 46.54 18.26
N ARG G 254 -14.21 47.57 17.55
CA ARG G 254 -13.48 48.66 18.19
C ARG G 254 -14.37 49.41 19.18
N ASN G 255 -15.66 49.57 18.87
CA ASN G 255 -16.60 50.37 19.64
C ASN G 255 -17.76 49.53 20.15
N ASP G 256 -17.48 48.30 20.58
CA ASP G 256 -18.46 47.41 21.19
C ASP G 256 -18.29 47.47 22.70
N SER G 257 -19.42 47.44 23.42
CA SER G 257 -19.41 47.73 24.85
C SER G 257 -18.70 46.63 25.64
N THR G 258 -19.06 45.37 25.39
CA THR G 258 -18.67 44.23 26.24
C THR G 258 -17.78 43.25 25.46
N VAL G 259 -16.49 43.56 25.41
CA VAL G 259 -15.44 42.61 25.03
C VAL G 259 -14.25 42.97 25.92
N PRO G 260 -13.43 42.02 26.41
CA PRO G 260 -12.18 42.43 27.05
C PRO G 260 -11.25 43.16 26.11
N ASP G 261 -10.49 44.11 26.66
CA ASP G 261 -9.57 44.92 25.88
C ASP G 261 -8.46 44.07 25.28
N GLN G 262 -8.01 43.06 26.01
CA GLN G 262 -6.90 42.21 25.59
C GLN G 262 -6.98 40.85 26.29
N PHE G 263 -6.40 39.84 25.65
CA PHE G 263 -6.57 38.44 25.97
C PHE G 263 -5.21 37.77 26.13
N GLN G 264 -4.96 37.19 27.30
CA GLN G 264 -3.67 36.55 27.54
C GLN G 264 -3.59 35.25 26.75
N CYS G 265 -2.63 35.18 25.82
CA CYS G 265 -2.42 34.03 24.96
C CYS G 265 -1.00 33.52 25.12
N LYS G 266 -0.87 32.19 25.12
CA LYS G 266 0.41 31.48 25.09
C LYS G 266 0.42 30.63 23.83
N LEU G 267 1.53 30.64 23.12
CA LEU G 267 1.76 29.74 21.99
C LEU G 267 2.33 28.45 22.55
N ILE G 268 1.49 27.40 22.61
CA ILE G 268 1.92 26.13 23.17
C ILE G 268 2.82 25.44 22.16
N ALA G 269 3.77 24.65 22.68
CA ALA G 269 4.84 23.93 22.00
C ALA G 269 6.01 24.83 21.63
N VAL G 270 6.05 26.09 22.06
CA VAL G 270 7.23 26.92 21.83
C VAL G 270 8.42 26.39 22.63
N GLY G 271 8.16 25.91 23.85
CA GLY G 271 9.23 25.27 24.60
C GLY G 271 9.72 23.99 23.97
N ILE G 272 8.79 23.24 23.36
CA ILE G 272 9.16 22.05 22.60
C ILE G 272 10.01 22.45 21.40
N PHE G 273 9.65 23.56 20.74
CA PHE G 273 10.45 24.07 19.63
C PHE G 273 11.84 24.47 20.10
N GLN G 274 11.94 25.06 21.30
CA GLN G 274 13.26 25.47 21.79
C GLN G 274 14.13 24.27 22.16
N LEU G 275 13.51 23.22 22.74
CA LEU G 275 14.26 22.00 23.05
C LEU G 275 14.75 21.33 21.77
N LEU G 276 13.87 21.20 20.78
CA LEU G 276 14.29 20.65 19.50
C LEU G 276 15.29 21.57 18.79
N SER G 277 15.22 22.88 19.04
CA SER G 277 16.17 23.80 18.45
C SER G 277 17.57 23.59 19.00
N VAL G 278 17.70 23.44 20.32
CA VAL G 278 19.03 23.21 20.89
C VAL G 278 19.56 21.83 20.47
N ILE G 279 18.66 20.85 20.31
CA ILE G 279 19.09 19.54 19.80
C ILE G 279 19.63 19.68 18.37
N ASN G 280 18.90 20.40 17.51
CA ASN G 280 19.31 20.61 16.13
C ASN G 280 20.61 21.40 16.06
N LEU G 281 20.74 22.41 16.93
CA LEU G 281 21.94 23.23 16.96
C LEU G 281 23.15 22.42 17.40
N VAL G 282 22.97 21.54 18.39
CA VAL G 282 24.08 20.70 18.85
C VAL G 282 24.52 19.76 17.74
N VAL G 283 23.55 19.14 17.05
CA VAL G 283 23.91 18.19 16.00
C VAL G 283 24.56 18.90 14.82
N TYR G 284 24.08 20.10 14.46
CA TYR G 284 24.68 20.84 13.37
C TYR G 284 26.05 21.38 13.74
N VAL G 285 26.25 21.75 15.01
CA VAL G 285 27.57 22.19 15.45
C VAL G 285 28.55 21.04 15.40
N LEU G 286 28.09 19.83 15.69
CA LEU G 286 28.93 18.65 15.48
C LEU G 286 29.17 18.39 14.00
N LEU G 287 28.17 18.67 13.15
CA LEU G 287 28.26 18.32 11.73
C LEU G 287 29.19 19.28 10.97
N ALA G 288 29.24 20.55 11.39
CA ALA G 288 30.01 21.55 10.64
C ALA G 288 31.51 21.27 10.54
N PRO G 289 32.20 20.82 11.59
CA PRO G 289 33.60 20.40 11.39
C PRO G 289 33.79 19.27 10.39
N VAL G 290 32.80 18.37 10.27
CA VAL G 290 32.90 17.31 9.26
C VAL G 290 32.83 17.92 7.86
N VAL G 291 32.00 18.95 7.68
CA VAL G 291 31.90 19.59 6.37
C VAL G 291 33.18 20.36 6.08
N VAL G 292 33.76 21.01 7.10
CA VAL G 292 35.01 21.74 6.90
C VAL G 292 36.15 20.78 6.57
N TYR G 293 36.14 19.58 7.17
CA TYR G 293 37.06 18.54 6.77
C TYR G 293 36.81 18.10 5.34
N THR G 294 35.54 18.05 4.94
CA THR G 294 35.19 17.62 3.58
C THR G 294 35.64 18.63 2.54
N LEU G 295 35.77 19.92 2.92
CA LEU G 295 36.24 20.92 1.97
C LEU G 295 37.66 20.64 1.49
N PHE G 296 38.56 20.26 2.40
CA PHE G 296 39.96 20.04 2.06
C PHE G 296 40.05 18.72 1.29
N VAL G 297 39.90 18.83 -0.03
CA VAL G 297 39.99 17.63 -0.88
C VAL G 297 41.36 16.95 -0.85
N PRO G 298 42.51 17.66 -1.00
CA PRO G 298 43.76 16.89 -1.12
C PRO G 298 44.25 16.28 0.19
N PHE G 299 43.82 16.82 1.33
CA PHE G 299 44.22 16.33 2.65
C PHE G 299 43.57 14.97 2.97
N ARG G 300 42.53 14.54 2.25
CA ARG G 300 41.77 13.33 2.55
C ARG G 300 42.62 12.06 2.51
N GLN G 301 43.74 12.04 1.77
CA GLN G 301 44.76 11.01 1.87
C GLN G 301 44.28 9.61 1.52
N LYS G 302 43.91 9.38 0.26
CA LYS G 302 43.72 8.01 -0.21
C LYS G 302 45.01 7.24 -0.06
N THR G 303 44.91 6.03 0.51
CA THR G 303 46.08 5.28 0.97
C THR G 303 46.67 4.41 -0.15
N ASP G 304 47.06 5.08 -1.23
CA ASP G 304 47.72 4.44 -2.37
C ASP G 304 46.83 3.37 -3.01
N VAL G 305 45.53 3.69 -3.12
CA VAL G 305 44.60 2.75 -3.73
C VAL G 305 44.90 2.58 -5.22
N LEU G 306 45.29 3.67 -5.88
CA LEU G 306 45.67 3.60 -7.30
C LEU G 306 47.07 3.01 -7.47
N LYS G 307 47.91 3.12 -6.44
CA LYS G 307 49.28 2.58 -6.52
C LYS G 307 49.32 1.06 -6.59
N VAL G 308 48.23 0.37 -6.22
CA VAL G 308 48.21 -1.10 -6.28
C VAL G 308 48.35 -1.58 -7.72
N TYR G 309 47.78 -0.84 -8.68
CA TYR G 309 47.90 -1.23 -10.08
C TYR G 309 49.31 -1.02 -10.62
N GLU G 310 50.10 -0.16 -9.99
CA GLU G 310 51.49 0.03 -10.43
C GLU G 310 52.34 -1.22 -10.19
N ILE G 311 51.96 -2.05 -9.20
CA ILE G 311 52.74 -3.25 -8.89
C ILE G 311 52.68 -4.26 -10.04
N LEU G 312 51.58 -4.28 -10.80
CA LEU G 312 51.45 -5.24 -11.89
C LEU G 312 52.43 -4.89 -13.01
N PRO G 313 52.97 -5.87 -13.75
CA PRO G 313 53.94 -5.49 -14.80
C PRO G 313 53.31 -4.79 -15.99
N THR G 314 52.18 -5.29 -16.48
CA THR G 314 51.57 -4.71 -17.68
C THR G 314 51.01 -3.32 -17.39
N PHE G 315 50.41 -3.13 -16.21
CA PHE G 315 49.77 -1.87 -15.87
C PHE G 315 50.83 -0.87 -15.44
N ASP G 316 51.42 -0.17 -16.40
CA ASP G 316 52.39 0.88 -16.15
C ASP G 316 51.75 2.26 -15.94
N VAL G 317 50.42 2.35 -15.84
CA VAL G 317 49.70 3.61 -15.81
C VAL G 317 49.34 3.98 -14.38
N LEU G 318 49.03 5.26 -14.16
CA LEU G 318 48.48 5.76 -12.89
C LEU G 318 49.49 5.62 -11.75
N HIS G 319 50.74 6.04 -12.01
CA HIS G 319 51.76 5.99 -10.98
C HIS G 319 51.57 7.10 -9.95
N PHE G 320 51.26 8.31 -10.41
CA PHE G 320 51.27 9.50 -9.56
C PHE G 320 49.91 9.71 -8.88
N LYS G 321 49.82 10.80 -8.12
CA LYS G 321 48.61 11.19 -7.41
C LYS G 321 48.59 12.70 -7.25
N SER G 322 47.41 13.24 -6.95
CA SER G 322 47.26 14.69 -6.86
C SER G 322 47.93 15.24 -5.62
N GLU G 323 48.37 16.50 -5.69
CA GLU G 323 48.90 17.25 -4.56
C GLU G 323 48.36 18.69 -4.63
N GLY G 324 47.08 18.82 -4.93
CA GLY G 324 46.48 20.13 -5.05
C GLY G 324 45.01 20.03 -5.43
N TYR G 325 44.42 21.21 -5.63
CA TYR G 325 43.01 21.32 -6.00
C TYR G 325 42.87 21.09 -7.50
N ASN G 326 42.56 19.85 -7.87
CA ASN G 326 42.34 19.45 -9.26
C ASN G 326 41.18 18.49 -9.31
N ASP G 327 40.74 18.18 -10.54
CA ASP G 327 39.73 17.15 -10.72
C ASP G 327 40.25 15.79 -10.26
N LEU G 328 41.55 15.54 -10.45
CA LEU G 328 42.13 14.23 -10.13
C LEU G 328 42.06 13.94 -8.63
N SER G 329 42.14 14.97 -7.79
CA SER G 329 42.04 14.75 -6.35
C SER G 329 40.66 14.24 -5.97
N LEU G 330 39.62 14.72 -6.65
CA LEU G 330 38.27 14.23 -6.42
C LEU G 330 38.05 12.86 -7.05
N TYR G 331 38.68 12.62 -8.20
CA TYR G 331 38.62 11.30 -8.83
C TYR G 331 39.28 10.24 -7.96
N ASN G 332 40.35 10.61 -7.25
CA ASN G 332 40.98 9.67 -6.32
C ASN G 332 40.02 9.29 -5.19
N LEU G 333 39.26 10.25 -4.70
CA LEU G 333 38.33 9.95 -3.62
C LEU G 333 37.16 9.09 -4.10
N PHE G 334 36.61 9.40 -5.27
CA PHE G 334 35.53 8.57 -5.81
C PHE G 334 36.06 7.19 -6.19
N LEU G 335 37.31 7.12 -6.64
CA LEU G 335 37.96 5.83 -6.87
C LEU G 335 38.06 5.05 -5.57
N GLU G 336 38.57 5.67 -4.50
CA GLU G 336 38.73 4.98 -3.22
C GLU G 336 37.38 4.57 -2.62
N GLU G 337 36.30 5.27 -2.99
CA GLU G 337 34.97 4.78 -2.69
C GLU G 337 34.64 3.51 -3.48
N ASN G 338 34.83 3.53 -4.81
CA ASN G 338 34.26 2.53 -5.70
C ASN G 338 35.20 1.41 -6.15
N ILE G 339 36.47 1.42 -5.71
CA ILE G 339 37.47 0.50 -6.26
C ILE G 339 37.39 -0.86 -5.60
N SER G 340 36.84 -0.94 -4.37
CA SER G 340 36.63 -2.24 -3.75
C SER G 340 35.60 -3.06 -4.52
N GLU G 341 34.66 -2.40 -5.20
CA GLU G 341 33.71 -3.11 -6.05
C GLU G 341 34.39 -3.72 -7.28
N VAL G 342 35.55 -3.21 -7.69
CA VAL G 342 36.22 -3.72 -8.88
C VAL G 342 36.71 -5.14 -8.63
N LYS G 343 36.58 -6.00 -9.64
CA LYS G 343 37.00 -7.39 -9.60
C LYS G 343 38.50 -7.47 -9.34
N SER G 344 39.30 -6.82 -10.18
CA SER G 344 40.78 -7.01 -10.10
C SER G 344 41.45 -6.33 -8.91
N TYR G 345 40.94 -5.18 -8.46
CA TYR G 345 41.66 -4.44 -7.42
C TYR G 345 41.75 -5.24 -6.14
N LYS G 346 40.71 -6.01 -5.84
CA LYS G 346 40.70 -6.78 -4.59
C LYS G 346 41.76 -7.87 -4.61
N CYS G 347 41.87 -8.58 -5.75
CA CYS G 347 42.89 -9.61 -5.89
C CYS G 347 44.29 -9.00 -5.85
N LEU G 348 44.50 -7.90 -6.57
CA LEU G 348 45.84 -7.30 -6.58
C LEU G 348 46.17 -6.65 -5.24
N LYS G 349 45.17 -6.17 -4.50
CA LYS G 349 45.39 -5.66 -3.16
C LYS G 349 45.73 -6.78 -2.19
N VAL G 350 45.15 -7.97 -2.41
CA VAL G 350 45.56 -9.13 -1.62
C VAL G 350 47.01 -9.49 -1.90
N LEU G 351 47.40 -9.42 -3.18
CA LEU G 351 48.81 -9.61 -3.56
C LEU G 351 49.71 -8.57 -2.90
N GLU G 352 49.25 -7.33 -2.79
CA GLU G 352 50.02 -6.29 -2.11
C GLU G 352 50.09 -6.54 -0.60
N ASN G 353 48.99 -7.04 -0.02
CA ASN G 353 48.94 -7.24 1.43
C ASN G 353 49.87 -8.37 1.87
N ILE G 354 49.96 -9.44 1.07
CA ILE G 354 50.88 -10.52 1.42
C ILE G 354 52.34 -10.04 1.32
N LYS G 355 52.61 -9.15 0.37
CA LYS G 355 53.93 -8.51 0.33
C LYS G 355 54.14 -7.65 1.57
N SER G 356 53.08 -6.98 2.04
CA SER G 356 53.17 -6.18 3.26
C SER G 356 53.47 -7.06 4.47
N SER G 357 53.01 -8.31 4.46
CA SER G 357 53.38 -9.24 5.53
C SER G 357 54.87 -9.51 5.54
N ASP G 362 58.67 -11.94 -5.62
CA ASP G 362 58.54 -12.38 -7.02
C ASP G 362 57.04 -12.43 -7.37
N PRO G 363 56.62 -12.05 -8.60
CA PRO G 363 55.19 -12.01 -8.95
C PRO G 363 54.63 -13.34 -9.46
N MET G 364 55.22 -14.46 -9.03
CA MET G 364 54.75 -15.80 -9.42
C MET G 364 53.34 -16.06 -8.89
N LEU G 365 53.06 -15.56 -7.69
CA LEU G 365 51.78 -15.73 -7.03
C LEU G 365 50.64 -15.11 -7.84
N LEU G 366 50.89 -13.97 -8.47
CA LEU G 366 49.86 -13.30 -9.27
C LEU G 366 49.40 -14.20 -10.42
N LEU G 367 50.34 -14.89 -11.07
CA LEU G 367 50.00 -15.80 -12.14
C LEU G 367 49.16 -16.93 -11.56
N THR G 368 49.55 -17.37 -10.37
CA THR G 368 48.85 -18.42 -9.64
C THR G 368 47.48 -17.96 -9.17
N ASN G 369 47.36 -16.69 -8.76
CA ASN G 369 46.09 -16.18 -8.28
C ASN G 369 45.05 -16.12 -9.39
N LEU G 370 45.47 -15.67 -10.58
CA LEU G 370 44.59 -15.56 -11.75
C LEU G 370 43.42 -14.60 -11.50
#